data_8FWU
#
_entry.id   8FWU
#
_cell.length_a   1.00
_cell.length_b   1.00
_cell.length_c   1.00
_cell.angle_alpha   90.00
_cell.angle_beta   90.00
_cell.angle_gamma   90.00
#
_symmetry.space_group_name_H-M   'P 1'
#
loop_
_entity.id
_entity.type
_entity.pdbx_description
1 polymer 'Glutamate receptor ionotropic, kainate 2'
2 branched 2-acetamido-2-deoxy-beta-D-glucopyranose-(1-4)-2-acetamido-2-deoxy-beta-D-glucopyranose
3 branched beta-D-mannopyranose-(1-3)-beta-D-mannopyranose-(1-4)-2-acetamido-2-deoxy-beta-D-glucopyranose-(1-4)-2-acetamido-2-deoxy-beta-D-glucopyranose
4 non-polymer 6,7-DINITROQUINOXALINE-2,3-DIONE
5 non-polymer '(2S)-3-(hexadecanoyloxy)-2-[(9Z)-octadec-9-enoyloxy]propyl 2-(trimethylammonio)ethyl phosphate'
6 non-polymer 2-acetamido-2-deoxy-beta-D-glucopyranose
7 non-polymer 'SODIUM ION'
8 non-polymer 'CHLORIDE ION'
9 non-polymer '4-cyclopropyl-7-fluoro-3,4-dihydro-2H-1,2,4-benzothiadiazine 1,1-dioxide'
10 water water
#
_entity_poly.entity_id   1
_entity_poly.type   'polypeptide(L)'
_entity_poly.pdbx_seq_one_letter_code
;MKIISPVLSNLVFSRSIKVLLCLLWIGYSQGTTHVLRFGGIFEYVESGPMGAEELAFRFAVNTINRNRTLLPNTTLTYDT
QKINLYDSFEASKKACDQLSLGVAAIFGPSHSSSANAVQSICNALGVPHIQTRWKHQVSDNKDSFYVSLYPDFSSLSRAI
LDLVQFFKWKTVTVVYDDSTGLIRLQELIKAPSRYNLRLKIRQLPADTKDAKPLLKEMKRGKEFHVIFDCSHEMAAGILK
QALAMGMMTEYYHYIFTTLDLFALDVEPYRYSGVNMTGFRILNTENTQVSSIIEKWSMERLQAPPKPDSGLLDGFMTTDA
ALMYDAVHVVSVAVQQFPQMTVSSLQCNRHKPWRFGTRFMSLIKEAHWEGLTGRITFNKTNGLRTDFDLDVISLKEEGLE
KIGTWDPASGLNMTESQKGKPANITDSLSNRSLIVTTILEEPYVLFKKSDKPLYGNDRFEGYCIDLLRELSTILGFTYEI
RLVEDGKYGAQDDVNGQWNGMVRELIDHKADLAVAPLAITYVREKVIDFSKPFMTLGISILYRKPNGTNPGVFSFLNPLS
PDIWMYVLLACLGVSCVLFVIARFSPYEWYNPHPCNPDSDVVENNFTLLNSFWFGVGALMQQGSELMPKALSTRIVGGIW
WFFTLIIISSYTANLAAFLTVERMESPIDSADDLAKQTKIEYGAVEDGATMTFFKKSKISTYDKMWAFMSSRRQSVLVKS
NEEGIQRVLTSDYAFLMESTTIEFVTQRNCNLTQIGGLIDSKGYGVGTPMGSPYRDKITIAILQLQEEGKLHMMKEKWWR
GNGCPEEESKEASALGVQNIGGIFIVLAAGLVLSVFVAVGEFLYKSKKNAQLEKRSFCSAMVEELRMSLKCQRRLKHKPQ
APVIVKTEEVINMHTFNDRRLPGKETMA
;
_entity_poly.pdbx_strand_id   A,B,C,D
#
loop_
_chem_comp.id
_chem_comp.type
_chem_comp.name
_chem_comp.formula
2J9 non-polymer '4-cyclopropyl-7-fluoro-3,4-dihydro-2H-1,2,4-benzothiadiazine 1,1-dioxide' 'C10 H11 F N2 O2 S'
BMA D-saccharide, beta linking beta-D-mannopyranose 'C6 H12 O6'
CL non-polymer 'CHLORIDE ION' 'Cl -1'
DNQ non-polymer 6,7-DINITROQUINOXALINE-2,3-DIONE 'C8 H2 N4 O6'
NA non-polymer 'SODIUM ION' 'Na 1'
NAG D-saccharide, beta linking 2-acetamido-2-deoxy-beta-D-glucopyranose 'C8 H15 N O6'
POV non-polymer '(2S)-3-(hexadecanoyloxy)-2-[(9Z)-octadec-9-enoyloxy]propyl 2-(trimethylammonio)ethyl phosphate' 'C42 H82 N O8 P'
#
# COMPACT_ATOMS: atom_id res chain seq x y z
N ARG A 431 29.58 -35.42 47.86
CA ARG A 431 29.02 -34.33 48.66
C ARG A 431 27.84 -33.67 47.96
N SER A 432 27.12 -32.84 48.70
CA SER A 432 26.02 -32.09 48.12
C SER A 432 26.53 -30.85 47.40
N LEU A 433 26.08 -30.68 46.16
CA LEU A 433 26.53 -29.57 45.33
C LEU A 433 25.86 -28.28 45.78
N ILE A 434 26.50 -27.16 45.46
CA ILE A 434 26.00 -25.84 45.78
C ILE A 434 25.44 -25.23 44.50
N VAL A 435 24.13 -24.97 44.49
CA VAL A 435 23.48 -24.42 43.32
C VAL A 435 23.21 -22.94 43.56
N THR A 436 24.00 -22.08 42.91
CA THR A 436 23.83 -20.64 43.08
C THR A 436 22.86 -20.10 42.05
N THR A 437 21.67 -19.73 42.49
CA THR A 437 20.62 -19.26 41.60
C THR A 437 20.04 -17.94 42.08
N ILE A 438 19.10 -17.42 41.32
CA ILE A 438 18.58 -16.07 41.52
C ILE A 438 17.06 -16.13 41.44
N LEU A 439 16.40 -15.09 41.95
CA LEU A 439 14.94 -15.04 42.01
C LEU A 439 14.39 -14.47 40.71
N GLU A 440 13.54 -15.24 40.05
CA GLU A 440 12.95 -14.88 38.77
C GLU A 440 11.64 -15.65 38.66
N GLU A 441 10.74 -15.22 37.77
CA GLU A 441 9.49 -15.91 37.62
C GLU A 441 9.34 -16.25 36.14
N PRO A 442 8.87 -17.45 35.76
CA PRO A 442 8.48 -18.71 36.43
C PRO A 442 9.62 -19.57 36.89
N TYR A 443 10.80 -18.97 37.00
CA TYR A 443 12.01 -19.63 37.45
C TYR A 443 12.01 -19.70 38.97
N VAL A 444 13.19 -19.79 39.58
CA VAL A 444 13.34 -19.97 41.03
C VAL A 444 12.58 -18.90 41.81
N LEU A 445 11.65 -19.36 42.65
CA LEU A 445 10.72 -18.51 43.39
C LEU A 445 10.77 -18.89 44.86
N PHE A 446 9.81 -18.37 45.64
CA PHE A 446 9.55 -18.85 46.99
C PHE A 446 8.19 -19.53 47.01
N LYS A 447 8.06 -20.57 47.83
CA LYS A 447 6.76 -21.23 47.99
C LYS A 447 5.88 -20.46 48.97
N LYS A 448 4.59 -20.43 48.67
CA LYS A 448 3.61 -19.76 49.52
C LYS A 448 3.21 -20.70 50.65
N SER A 449 3.83 -20.55 51.81
CA SER A 449 3.53 -21.37 52.98
C SER A 449 3.90 -20.61 54.24
N ASP A 450 3.97 -21.31 55.38
CA ASP A 450 4.19 -20.64 56.66
C ASP A 450 5.25 -21.30 57.53
N LYS A 451 5.50 -22.60 57.31
CA LYS A 451 6.43 -23.38 58.11
C LYS A 451 7.86 -22.89 57.95
N PRO A 452 8.46 -22.32 59.00
CA PRO A 452 9.71 -21.56 58.82
C PRO A 452 10.97 -22.39 58.58
N LEU A 453 11.03 -23.61 59.14
CA LEU A 453 12.21 -24.44 58.95
C LEU A 453 12.10 -25.23 57.64
N TYR A 454 12.81 -24.79 56.60
CA TYR A 454 12.61 -25.37 55.28
C TYR A 454 13.66 -26.40 54.88
N GLY A 455 14.93 -25.98 54.78
CA GLY A 455 15.96 -26.85 54.25
C GLY A 455 15.79 -27.09 52.76
N ASN A 456 16.09 -26.06 51.95
CA ASN A 456 15.92 -25.89 50.50
C ASN A 456 14.61 -26.44 49.93
N ASP A 457 13.55 -26.43 50.73
CA ASP A 457 12.21 -26.71 50.26
C ASP A 457 11.36 -25.46 50.19
N ARG A 458 11.96 -24.28 50.35
CA ARG A 458 11.22 -23.03 50.19
C ARG A 458 11.18 -22.56 48.75
N PHE A 459 11.88 -23.24 47.85
CA PHE A 459 12.04 -22.79 46.48
C PHE A 459 11.13 -23.57 45.55
N GLU A 460 10.77 -22.92 44.43
CA GLU A 460 9.83 -23.49 43.47
C GLU A 460 10.09 -22.83 42.13
N GLY A 461 9.83 -23.54 41.04
CA GLY A 461 9.89 -22.93 39.73
C GLY A 461 10.43 -23.88 38.69
N TYR A 462 10.60 -23.33 37.49
CA TYR A 462 11.09 -24.10 36.35
C TYR A 462 12.49 -24.63 36.59
N CYS A 463 13.39 -23.78 37.09
CA CYS A 463 14.76 -24.22 37.36
C CYS A 463 14.89 -24.94 38.69
N ILE A 464 13.80 -25.18 39.39
CA ILE A 464 13.85 -26.12 40.51
C ILE A 464 13.32 -27.47 40.07
N ASP A 465 12.32 -27.48 39.18
CA ASP A 465 11.88 -28.73 38.57
C ASP A 465 12.92 -29.28 37.61
N LEU A 466 13.74 -28.39 37.03
CA LEU A 466 14.84 -28.85 36.19
C LEU A 466 15.97 -29.40 37.05
N LEU A 467 16.15 -28.85 38.24
CA LEU A 467 17.26 -29.27 39.09
C LEU A 467 16.98 -30.61 39.77
N ARG A 468 15.70 -30.92 39.97
CA ARG A 468 15.34 -32.24 40.47
C ARG A 468 15.63 -33.31 39.41
N GLU A 469 15.32 -32.99 38.15
CA GLU A 469 15.42 -34.00 37.09
C GLU A 469 16.85 -34.13 36.59
N LEU A 470 17.69 -33.12 36.82
CA LEU A 470 19.11 -33.30 36.57
C LEU A 470 19.74 -34.14 37.67
N SER A 471 19.31 -33.94 38.91
CA SER A 471 19.87 -34.68 40.03
C SER A 471 19.38 -36.12 40.05
N THR A 472 18.21 -36.35 39.44
CA THR A 472 17.65 -37.70 39.33
C THR A 472 18.52 -38.61 38.48
N ILE A 473 18.95 -38.13 37.31
CA ILE A 473 19.62 -39.01 36.37
C ILE A 473 21.14 -38.85 36.44
N LEU A 474 21.62 -37.88 37.21
CA LEU A 474 23.06 -37.74 37.43
C LEU A 474 23.49 -38.07 38.85
N GLY A 475 22.54 -38.39 39.74
CA GLY A 475 22.90 -38.91 41.04
C GLY A 475 23.02 -37.93 42.19
N PHE A 476 23.60 -36.75 41.93
CA PHE A 476 24.04 -35.83 42.99
C PHE A 476 22.91 -35.32 43.88
N THR A 477 23.26 -34.91 45.09
CA THR A 477 22.39 -34.12 45.95
C THR A 477 22.84 -32.67 45.88
N TYR A 478 21.95 -31.76 46.25
CA TYR A 478 22.18 -30.35 46.02
C TYR A 478 21.63 -29.52 47.18
N GLU A 479 22.20 -28.32 47.34
CA GLU A 479 21.75 -27.36 48.34
C GLU A 479 21.58 -26.02 47.63
N ILE A 480 20.34 -25.56 47.52
CA ILE A 480 20.04 -24.32 46.81
C ILE A 480 20.41 -23.14 47.70
N ARG A 481 21.43 -22.40 47.30
CA ARG A 481 21.90 -21.22 48.03
C ARG A 481 21.89 -20.07 47.04
N LEU A 482 20.99 -19.09 47.27
CA LEU A 482 20.84 -17.94 46.39
C LEU A 482 22.11 -17.10 46.34
N VAL A 483 22.30 -16.40 45.22
CA VAL A 483 23.40 -15.45 45.14
C VAL A 483 23.08 -14.26 46.05
N GLU A 484 24.10 -13.83 46.80
CA GLU A 484 23.94 -12.75 47.76
C GLU A 484 23.91 -11.39 47.10
N ASP A 485 24.49 -11.25 45.91
CA ASP A 485 24.52 -9.96 45.23
C ASP A 485 23.21 -9.73 44.51
N GLY A 486 22.50 -10.81 44.20
CA GLY A 486 21.26 -10.71 43.45
C GLY A 486 21.48 -10.25 42.03
N LYS A 487 22.59 -10.68 41.43
CA LYS A 487 23.02 -10.24 40.12
C LYS A 487 23.31 -11.46 39.25
N TYR A 488 23.09 -11.33 37.95
CA TYR A 488 23.40 -12.41 37.01
C TYR A 488 24.89 -12.45 36.72
N GLY A 489 25.46 -11.42 36.10
CA GLY A 489 26.87 -11.41 35.81
C GLY A 489 27.29 -10.24 34.94
N ALA A 490 28.38 -9.57 35.30
CA ALA A 490 28.78 -8.36 34.59
C ALA A 490 30.25 -8.04 34.77
N GLN A 491 30.91 -7.72 33.66
CA GLN A 491 32.24 -7.11 33.65
C GLN A 491 32.11 -5.75 34.33
N ASP A 492 32.72 -5.63 35.52
CA ASP A 492 32.60 -4.42 36.33
C ASP A 492 33.36 -3.23 35.74
N ASP A 493 34.24 -3.49 34.77
CA ASP A 493 34.89 -2.60 33.81
C ASP A 493 35.78 -1.50 34.41
N VAL A 494 35.88 -1.45 35.74
CA VAL A 494 36.96 -0.69 36.36
C VAL A 494 38.14 -1.59 36.70
N ASN A 495 37.86 -2.81 37.17
CA ASN A 495 38.87 -3.85 37.27
C ASN A 495 38.35 -5.16 36.70
N GLY A 496 37.04 -5.39 36.79
CA GLY A 496 36.44 -6.58 36.25
C GLY A 496 36.29 -7.72 37.23
N GLN A 497 35.63 -7.46 38.36
CA GLN A 497 35.48 -8.46 39.42
C GLN A 497 34.34 -9.43 39.17
N TRP A 498 33.60 -9.30 38.06
CA TRP A 498 32.58 -10.25 37.61
C TRP A 498 31.50 -10.55 38.64
N ASN A 499 30.76 -9.54 39.08
CA ASN A 499 29.78 -9.68 40.16
C ASN A 499 28.64 -10.63 39.80
N GLY A 500 28.02 -11.20 40.84
CA GLY A 500 26.81 -11.97 40.64
C GLY A 500 26.98 -13.47 40.67
N MET A 501 26.25 -14.18 39.80
CA MET A 501 26.33 -15.64 39.79
C MET A 501 27.60 -16.10 39.08
N VAL A 502 28.20 -15.26 38.25
CA VAL A 502 29.46 -15.65 37.62
C VAL A 502 30.62 -15.44 38.60
N ARG A 503 30.39 -14.71 39.69
CA ARG A 503 31.40 -14.59 40.74
C ARG A 503 31.49 -15.87 41.55
N GLU A 504 30.34 -16.46 41.87
CA GLU A 504 30.31 -17.68 42.67
C GLU A 504 30.88 -18.86 41.90
N LEU A 505 30.85 -18.76 40.57
CA LEU A 505 31.39 -19.82 39.73
C LEU A 505 32.90 -19.65 39.51
N ILE A 506 33.34 -18.42 39.25
CA ILE A 506 34.74 -18.21 38.92
C ILE A 506 35.62 -18.27 40.17
N ASP A 507 35.04 -18.13 41.36
CA ASP A 507 35.76 -18.34 42.60
C ASP A 507 35.70 -19.77 43.07
N HIS A 508 34.96 -20.62 42.35
CA HIS A 508 34.61 -22.00 42.72
C HIS A 508 33.89 -22.05 44.06
N LYS A 509 33.14 -21.00 44.40
CA LYS A 509 32.24 -21.02 45.54
C LYS A 509 30.93 -21.71 45.23
N ALA A 510 30.65 -21.96 43.95
CA ALA A 510 29.43 -22.61 43.50
C ALA A 510 29.78 -23.76 42.60
N ASP A 511 28.88 -24.74 42.54
CA ASP A 511 29.08 -25.88 41.65
C ASP A 511 28.22 -25.75 40.40
N LEU A 512 26.96 -25.37 40.56
CA LEU A 512 26.06 -25.17 39.44
C LEU A 512 25.44 -23.79 39.56
N ALA A 513 24.85 -23.33 38.45
CA ALA A 513 24.18 -22.05 38.38
C ALA A 513 22.84 -22.22 37.68
N VAL A 514 22.05 -23.20 38.13
CA VAL A 514 20.80 -23.54 37.48
C VAL A 514 19.83 -22.39 37.69
N ALA A 515 19.67 -21.60 36.64
CA ALA A 515 19.09 -20.26 36.65
C ALA A 515 18.94 -19.83 35.20
N PRO A 516 18.23 -18.74 34.88
CA PRO A 516 18.24 -18.25 33.50
C PRO A 516 19.53 -17.58 33.09
N LEU A 517 20.66 -18.25 33.20
CA LEU A 517 21.95 -17.63 33.01
C LEU A 517 22.24 -17.66 31.51
N ALA A 518 22.04 -16.53 30.84
CA ALA A 518 22.05 -16.48 29.39
C ALA A 518 23.44 -16.71 28.83
N ILE A 519 23.52 -17.52 27.79
CA ILE A 519 24.79 -17.88 27.16
C ILE A 519 25.18 -16.72 26.27
N THR A 520 26.13 -15.91 26.72
CA THR A 520 26.65 -14.79 25.96
C THR A 520 28.15 -14.94 25.83
N TYR A 521 28.75 -14.07 25.00
CA TYR A 521 30.13 -14.27 24.56
C TYR A 521 31.15 -14.04 25.67
N VAL A 522 30.96 -13.00 26.46
CA VAL A 522 31.98 -12.63 27.45
C VAL A 522 31.95 -13.57 28.64
N ARG A 523 30.81 -14.23 28.88
CA ARG A 523 30.74 -15.16 29.98
C ARG A 523 31.31 -16.52 29.62
N GLU A 524 31.27 -16.89 28.34
CA GLU A 524 31.73 -18.21 27.92
C GLU A 524 33.24 -18.32 28.05
N LYS A 525 33.94 -17.19 28.04
CA LYS A 525 35.39 -17.21 28.19
C LYS A 525 35.81 -17.45 29.64
N VAL A 526 34.97 -17.09 30.60
CA VAL A 526 35.36 -17.17 32.00
C VAL A 526 34.66 -18.31 32.74
N ILE A 527 33.45 -18.70 32.32
CA ILE A 527 32.80 -19.87 32.91
C ILE A 527 32.41 -20.82 31.78
N ASP A 528 32.07 -22.05 32.12
CA ASP A 528 31.58 -23.04 31.17
C ASP A 528 30.08 -23.19 31.34
N PHE A 529 29.32 -22.81 30.33
CA PHE A 529 27.89 -23.06 30.33
C PHE A 529 27.66 -24.51 29.96
N SER A 530 26.46 -25.01 30.23
CA SER A 530 26.00 -26.23 29.58
C SER A 530 25.40 -25.87 28.24
N LYS A 531 24.72 -26.82 27.61
CA LYS A 531 24.10 -26.58 26.33
C LYS A 531 22.66 -26.19 26.61
N PRO A 532 22.01 -25.31 25.77
CA PRO A 532 20.75 -24.66 26.17
C PRO A 532 19.58 -25.53 26.59
N PHE A 533 18.85 -25.08 27.61
CA PHE A 533 17.58 -25.67 28.00
C PHE A 533 16.41 -24.77 27.65
N MET A 534 16.68 -23.68 26.94
CA MET A 534 15.67 -22.66 26.70
C MET A 534 16.14 -21.81 25.53
N THR A 535 15.23 -21.45 24.62
CA THR A 535 15.54 -20.60 23.47
C THR A 535 14.66 -19.35 23.57
N LEU A 536 15.27 -18.20 23.32
CA LEU A 536 14.52 -16.96 23.30
C LEU A 536 15.04 -16.06 22.21
N GLY A 537 14.53 -14.84 22.17
CA GLY A 537 15.01 -13.82 21.29
C GLY A 537 14.54 -12.49 21.81
N ILE A 538 14.36 -11.52 20.94
CA ILE A 538 13.77 -10.23 21.29
C ILE A 538 12.50 -10.08 20.50
N SER A 539 11.40 -9.74 21.19
CA SER A 539 10.15 -9.55 20.50
C SER A 539 9.45 -8.37 21.13
N ILE A 540 8.25 -8.07 20.63
CA ILE A 540 7.56 -6.82 20.93
C ILE A 540 6.29 -7.12 21.71
N LEU A 541 6.12 -6.48 22.86
CA LEU A 541 4.80 -6.40 23.49
C LEU A 541 3.98 -5.28 22.86
N TYR A 542 2.66 -5.47 22.90
CA TYR A 542 1.70 -4.49 22.42
C TYR A 542 0.37 -4.84 23.05
N ARG A 543 -0.51 -3.86 23.19
CA ARG A 543 -1.85 -4.08 23.70
C ARG A 543 -2.69 -4.72 22.61
N LYS A 544 -3.40 -5.78 22.95
CA LYS A 544 -4.17 -6.55 21.98
C LYS A 544 -5.34 -5.72 21.45
N PRO A 545 -5.50 -5.63 20.13
CA PRO A 545 -6.66 -4.92 19.58
C PRO A 545 -7.95 -5.65 19.88
N ASN A 546 -8.98 -4.88 20.21
CA ASN A 546 -10.21 -5.36 20.81
C ASN A 546 -11.40 -5.09 19.90
N GLY A 547 -12.60 -5.34 20.42
CA GLY A 547 -13.81 -5.15 19.65
C GLY A 547 -14.07 -3.71 19.30
N THR A 548 -13.93 -3.37 18.02
CA THR A 548 -14.14 -2.02 17.53
C THR A 548 -15.65 -1.79 17.47
N ASN A 549 -16.09 -0.71 18.07
CA ASN A 549 -17.48 -0.28 17.96
C ASN A 549 -17.58 0.96 17.08
N PRO A 550 -17.82 0.78 15.77
CA PRO A 550 -18.02 1.94 14.90
C PRO A 550 -19.37 2.60 15.07
N GLY A 551 -20.24 2.03 15.91
CA GLY A 551 -21.58 2.54 16.14
C GLY A 551 -22.62 1.55 15.65
N VAL A 552 -23.76 1.56 16.34
CA VAL A 552 -24.93 0.87 15.81
C VAL A 552 -25.52 1.68 14.66
N PHE A 553 -25.48 3.00 14.77
CA PHE A 553 -25.85 3.91 13.69
C PHE A 553 -24.62 4.27 12.87
N SER A 554 -23.85 3.29 12.42
CA SER A 554 -22.61 3.57 11.70
C SER A 554 -22.80 3.63 10.20
N PHE A 555 -24.02 3.43 9.71
CA PHE A 555 -24.35 3.67 8.31
C PHE A 555 -24.43 5.15 7.99
N LEU A 556 -24.45 6.00 9.01
CA LEU A 556 -24.77 7.41 8.89
C LEU A 556 -23.51 8.25 8.71
N ASN A 557 -22.35 7.61 8.75
CA ASN A 557 -21.02 8.19 8.62
C ASN A 557 -20.57 8.69 7.25
N PRO A 558 -20.93 8.06 6.06
CA PRO A 558 -20.41 8.59 4.78
C PRO A 558 -20.84 9.99 4.39
N LEU A 559 -21.77 10.61 5.11
CA LEU A 559 -22.09 12.01 4.90
C LEU A 559 -21.99 12.74 6.23
N SER A 560 -21.66 14.03 6.16
CA SER A 560 -21.49 14.87 7.33
C SER A 560 -22.82 15.08 8.03
N PRO A 561 -22.81 15.37 9.34
CA PRO A 561 -24.08 15.54 10.04
C PRO A 561 -24.89 16.77 9.65
N ASP A 562 -24.30 17.70 8.90
CA ASP A 562 -25.11 18.80 8.37
C ASP A 562 -25.63 18.45 6.97
N ILE A 563 -24.98 17.52 6.29
CA ILE A 563 -25.48 17.06 4.98
C ILE A 563 -26.76 16.25 5.16
N TRP A 564 -26.82 15.41 6.19
CA TRP A 564 -28.06 14.70 6.50
C TRP A 564 -29.16 15.66 6.92
N MET A 565 -28.79 16.81 7.49
CA MET A 565 -29.77 17.83 7.83
C MET A 565 -30.17 18.64 6.61
N TYR A 566 -29.21 18.95 5.73
CA TYR A 566 -29.52 19.79 4.58
C TYR A 566 -30.30 19.03 3.51
N VAL A 567 -30.16 17.71 3.47
CA VAL A 567 -31.01 16.90 2.59
C VAL A 567 -32.44 16.87 3.13
N LEU A 568 -32.58 16.73 4.45
CA LEU A 568 -33.91 16.67 5.05
C LEU A 568 -34.59 18.04 5.04
N LEU A 569 -33.80 19.11 5.00
CA LEU A 569 -34.40 20.44 4.82
C LEU A 569 -34.60 20.78 3.36
N ALA A 570 -34.07 19.95 2.44
CA ALA A 570 -34.36 20.16 1.03
C ALA A 570 -35.54 19.31 0.59
N CYS A 571 -35.88 18.27 1.35
CA CYS A 571 -37.12 17.54 1.09
C CYS A 571 -38.31 18.35 1.56
N LEU A 572 -38.14 19.11 2.64
CA LEU A 572 -39.21 19.98 3.11
C LEU A 572 -39.21 21.29 2.34
N GLY A 573 -38.14 21.56 1.59
CA GLY A 573 -38.07 22.81 0.85
C GLY A 573 -38.59 22.68 -0.56
N VAL A 574 -38.22 21.60 -1.25
CA VAL A 574 -38.66 21.37 -2.62
C VAL A 574 -40.15 21.04 -2.66
N SER A 575 -40.62 20.27 -1.67
CA SER A 575 -42.00 19.80 -1.69
C SER A 575 -42.98 20.91 -1.35
N CYS A 576 -42.50 21.99 -0.72
CA CYS A 576 -43.33 23.17 -0.59
C CYS A 576 -43.30 24.00 -1.87
N VAL A 577 -42.19 23.94 -2.60
CA VAL A 577 -42.11 24.65 -3.88
C VAL A 577 -42.90 23.89 -4.95
N LEU A 578 -42.96 22.56 -4.84
CA LEU A 578 -43.84 21.77 -5.70
C LEU A 578 -45.29 22.13 -5.49
N PHE A 579 -45.70 22.33 -4.24
CA PHE A 579 -47.09 22.66 -3.92
C PHE A 579 -47.50 24.02 -4.45
N VAL A 580 -46.62 25.01 -4.33
CA VAL A 580 -46.96 26.36 -4.75
C VAL A 580 -47.02 26.45 -6.27
N ILE A 581 -46.10 25.77 -6.96
CA ILE A 581 -46.07 25.82 -8.41
C ILE A 581 -47.20 25.01 -9.02
N ALA A 582 -47.52 23.85 -8.43
CA ALA A 582 -48.57 23.02 -9.01
C ALA A 582 -49.97 23.57 -8.73
N ARG A 583 -50.13 24.48 -7.76
CA ARG A 583 -51.38 25.20 -7.66
C ARG A 583 -51.42 26.40 -8.60
N PHE A 584 -50.26 26.96 -8.93
CA PHE A 584 -50.17 28.16 -9.73
C PHE A 584 -50.07 27.90 -11.22
N SER A 585 -49.45 26.80 -11.64
CA SER A 585 -49.34 26.50 -13.05
C SER A 585 -50.69 25.99 -13.58
N PRO A 586 -51.18 26.57 -14.67
CA PRO A 586 -52.48 26.16 -15.22
C PRO A 586 -52.47 24.82 -15.95
N TYR A 587 -51.31 24.22 -16.17
CA TYR A 587 -51.18 23.01 -16.98
C TYR A 587 -51.21 21.75 -16.14
N GLU A 588 -51.02 21.86 -14.83
CA GLU A 588 -51.16 20.73 -13.93
C GLU A 588 -52.62 20.42 -13.61
N TRP A 589 -53.50 21.42 -13.74
CA TRP A 589 -54.93 21.25 -13.46
C TRP A 589 -55.59 20.43 -14.58
N TYR A 590 -55.39 19.11 -14.50
CA TYR A 590 -55.89 18.24 -15.56
C TYR A 590 -57.32 17.80 -15.25
N ASN A 591 -57.84 16.91 -16.10
CA ASN A 591 -59.19 16.37 -15.94
C ASN A 591 -59.08 15.02 -15.27
N PRO A 592 -59.61 14.84 -14.05
CA PRO A 592 -59.46 13.54 -13.36
C PRO A 592 -60.36 12.44 -13.90
N HIS A 593 -61.30 12.78 -14.77
CA HIS A 593 -62.02 11.75 -15.50
C HIS A 593 -62.07 12.08 -16.99
N PRO A 594 -60.99 11.80 -17.73
CA PRO A 594 -61.02 12.10 -19.17
C PRO A 594 -61.77 11.07 -19.98
N CYS A 595 -62.20 9.97 -19.35
CA CYS A 595 -62.98 8.92 -19.99
C CYS A 595 -64.31 9.46 -20.51
N ASN A 596 -65.08 10.07 -19.62
CA ASN A 596 -66.21 10.86 -20.08
C ASN A 596 -65.66 12.18 -20.60
N PRO A 597 -65.98 12.57 -21.84
CA PRO A 597 -65.35 13.76 -22.43
C PRO A 597 -65.88 15.10 -21.92
N ASP A 598 -66.65 15.08 -20.84
CA ASP A 598 -67.23 16.29 -20.25
C ASP A 598 -66.22 17.06 -19.39
N SER A 599 -66.72 17.97 -18.58
CA SER A 599 -65.87 18.95 -17.89
C SER A 599 -66.44 19.25 -16.51
N ASP A 600 -66.04 20.42 -15.96
CA ASP A 600 -66.51 21.06 -14.72
C ASP A 600 -65.90 20.40 -13.48
N VAL A 601 -65.20 19.28 -13.66
CA VAL A 601 -64.39 18.73 -12.58
C VAL A 601 -62.93 18.72 -13.02
N VAL A 602 -62.12 19.54 -12.36
CA VAL A 602 -60.71 19.71 -12.68
C VAL A 602 -59.93 19.67 -11.38
N GLU A 603 -59.01 18.72 -11.27
CA GLU A 603 -58.29 18.48 -10.02
C GLU A 603 -56.80 18.32 -10.27
N ASN A 604 -55.99 18.76 -9.31
CA ASN A 604 -54.59 18.35 -9.23
C ASN A 604 -54.50 17.06 -8.45
N ASN A 605 -53.47 16.27 -8.74
CA ASN A 605 -53.04 15.24 -7.83
C ASN A 605 -51.97 15.73 -6.86
N PHE A 606 -51.45 16.93 -7.06
CA PHE A 606 -50.46 17.52 -6.15
C PHE A 606 -51.14 18.34 -5.06
N THR A 607 -51.58 17.64 -4.01
CA THR A 607 -51.95 18.31 -2.78
C THR A 607 -50.69 18.63 -1.98
N LEU A 608 -50.86 19.02 -0.72
CA LEU A 608 -49.68 19.17 0.12
C LEU A 608 -49.16 17.82 0.55
N LEU A 609 -50.06 16.86 0.79
CA LEU A 609 -49.67 15.51 1.20
C LEU A 609 -48.98 14.76 0.07
N ASN A 610 -49.43 14.96 -1.17
CA ASN A 610 -48.82 14.26 -2.29
C ASN A 610 -47.58 14.99 -2.80
N SER A 611 -47.30 16.19 -2.30
CA SER A 611 -46.07 16.86 -2.69
C SER A 611 -44.89 16.39 -1.87
N PHE A 612 -45.10 16.10 -0.59
CA PHE A 612 -44.05 15.49 0.21
C PHE A 612 -43.79 14.06 -0.23
N TRP A 613 -44.81 13.38 -0.75
CA TRP A 613 -44.65 11.98 -1.13
C TRP A 613 -43.91 11.85 -2.45
N PHE A 614 -43.92 12.91 -3.26
CA PHE A 614 -43.04 12.92 -4.42
C PHE A 614 -41.60 13.10 -3.98
N GLY A 615 -41.34 14.12 -3.16
CA GLY A 615 -40.02 14.44 -2.65
C GLY A 615 -39.38 13.35 -1.83
N VAL A 616 -40.16 12.69 -0.97
CA VAL A 616 -39.66 11.51 -0.26
C VAL A 616 -39.51 10.35 -1.23
N GLY A 617 -40.47 10.21 -2.16
CA GLY A 617 -40.43 9.11 -3.09
C GLY A 617 -39.30 9.20 -4.08
N ALA A 618 -39.06 10.40 -4.61
CA ALA A 618 -37.96 10.59 -5.55
C ALA A 618 -36.61 10.47 -4.86
N LEU A 619 -36.55 10.81 -3.57
CA LEU A 619 -35.30 10.74 -2.82
C LEU A 619 -34.84 9.30 -2.64
N MET A 620 -35.78 8.40 -2.36
CA MET A 620 -35.44 7.03 -2.01
C MET A 620 -35.27 6.12 -3.23
N GLN A 621 -35.10 6.72 -4.42
CA GLN A 621 -34.88 6.07 -5.71
C GLN A 621 -36.06 5.22 -6.18
N GLN A 622 -37.19 5.30 -5.49
CA GLN A 622 -38.36 4.54 -5.91
C GLN A 622 -39.54 5.48 -6.09
N GLY A 623 -39.84 5.77 -7.35
CA GLY A 623 -40.78 6.81 -7.72
C GLY A 623 -42.20 6.54 -7.24
N SER A 624 -42.91 7.62 -6.94
CA SER A 624 -44.26 7.52 -6.42
C SER A 624 -45.26 7.28 -7.55
N GLU A 625 -46.55 7.27 -7.22
CA GLU A 625 -47.60 7.05 -8.21
C GLU A 625 -47.93 8.29 -9.02
N LEU A 626 -47.26 9.41 -8.77
CA LEU A 626 -47.65 10.70 -9.32
C LEU A 626 -46.45 11.42 -9.90
N MET A 627 -46.57 11.83 -11.17
CA MET A 627 -45.48 12.47 -11.90
C MET A 627 -45.93 13.89 -12.24
N PRO A 628 -45.01 14.84 -12.40
CA PRO A 628 -45.41 16.19 -12.83
C PRO A 628 -45.91 16.22 -14.26
N LYS A 629 -46.84 17.13 -14.55
CA LYS A 629 -47.47 17.22 -15.86
C LYS A 629 -47.15 18.51 -16.59
N ALA A 630 -46.85 19.59 -15.87
CA ALA A 630 -46.49 20.87 -16.44
C ALA A 630 -44.98 20.99 -16.51
N LEU A 631 -44.49 21.82 -17.43
CA LEU A 631 -43.06 22.08 -17.55
C LEU A 631 -42.48 22.77 -16.33
N SER A 632 -43.27 23.59 -15.63
CA SER A 632 -42.77 24.26 -14.44
C SER A 632 -42.61 23.28 -13.28
N THR A 633 -43.42 22.22 -13.27
CA THR A 633 -43.24 21.19 -12.25
C THR A 633 -42.30 20.08 -12.72
N ARG A 634 -42.02 20.03 -14.02
CA ARG A 634 -41.05 19.06 -14.53
C ARG A 634 -39.63 19.58 -14.46
N ILE A 635 -39.44 20.86 -14.09
CA ILE A 635 -38.10 21.35 -13.81
C ILE A 635 -37.81 21.22 -12.33
N VAL A 636 -38.85 21.29 -11.48
CA VAL A 636 -38.69 20.97 -10.07
C VAL A 636 -38.36 19.49 -9.90
N GLY A 637 -39.17 18.63 -10.51
CA GLY A 637 -38.96 17.21 -10.48
C GLY A 637 -37.71 16.77 -11.21
N GLY A 638 -37.31 17.50 -12.24
CA GLY A 638 -36.12 17.11 -12.99
C GLY A 638 -34.84 17.54 -12.32
N ILE A 639 -34.92 18.50 -11.40
CA ILE A 639 -33.71 18.94 -10.69
C ILE A 639 -33.65 18.28 -9.32
N TRP A 640 -34.79 17.76 -8.84
CA TRP A 640 -34.78 16.98 -7.61
C TRP A 640 -34.34 15.55 -7.90
N TRP A 641 -34.37 15.15 -9.16
CA TRP A 641 -33.89 13.83 -9.52
C TRP A 641 -32.38 13.83 -9.73
N PHE A 642 -31.83 14.95 -10.18
CA PHE A 642 -30.38 15.03 -10.34
C PHE A 642 -29.70 15.26 -9.01
N PHE A 643 -30.34 16.02 -8.11
CA PHE A 643 -29.86 16.17 -6.74
C PHE A 643 -29.81 14.81 -6.05
N THR A 644 -30.77 13.95 -6.36
CA THR A 644 -30.91 12.68 -5.67
C THR A 644 -29.86 11.67 -6.15
N LEU A 645 -29.52 11.70 -7.45
CA LEU A 645 -28.48 10.80 -7.96
C LEU A 645 -27.14 11.10 -7.32
N ILE A 646 -26.81 12.37 -7.12
CA ILE A 646 -25.50 12.71 -6.58
C ILE A 646 -25.46 12.42 -5.08
N ILE A 647 -26.61 12.40 -4.42
CA ILE A 647 -26.63 12.07 -2.99
C ILE A 647 -26.46 10.57 -2.77
N ILE A 648 -27.19 9.75 -3.55
CA ILE A 648 -27.10 8.30 -3.40
C ILE A 648 -25.77 7.77 -3.94
N SER A 649 -25.24 8.38 -4.99
CA SER A 649 -23.95 7.93 -5.52
C SER A 649 -22.81 8.32 -4.59
N SER A 650 -22.92 9.48 -3.92
CA SER A 650 -21.86 9.90 -3.01
C SER A 650 -22.04 9.29 -1.64
N TYR A 651 -23.19 8.68 -1.37
CA TYR A 651 -23.30 7.85 -0.18
C TYR A 651 -22.65 6.50 -0.42
N THR A 652 -22.95 5.87 -1.56
CA THR A 652 -22.41 4.55 -1.87
C THR A 652 -20.92 4.59 -2.12
N ALA A 653 -20.41 5.68 -2.70
CA ALA A 653 -19.00 5.76 -3.01
C ALA A 653 -18.17 6.19 -1.81
N ASN A 654 -18.76 6.91 -0.87
CA ASN A 654 -18.02 7.23 0.35
C ASN A 654 -18.16 6.12 1.38
N LEU A 655 -19.22 5.31 1.29
CA LEU A 655 -19.27 4.11 2.10
C LEU A 655 -18.30 3.07 1.57
N ALA A 656 -18.07 3.06 0.25
CA ALA A 656 -17.07 2.17 -0.31
C ALA A 656 -15.68 2.62 0.09
N ALA A 657 -15.49 3.93 0.28
CA ALA A 657 -14.21 4.47 0.70
C ALA A 657 -13.95 4.21 2.17
N PHE A 658 -15.00 4.18 3.00
CA PHE A 658 -14.81 3.84 4.40
C PHE A 658 -14.50 2.36 4.57
N LEU A 659 -15.25 1.52 3.86
CA LEU A 659 -15.18 0.09 4.12
C LEU A 659 -13.96 -0.55 3.46
N THR A 660 -13.34 0.13 2.48
CA THR A 660 -12.16 -0.47 1.87
C THR A 660 -10.89 0.08 2.49
N VAL A 661 -10.97 1.17 3.26
CA VAL A 661 -9.79 1.65 3.97
C VAL A 661 -9.58 0.85 5.25
N GLU A 662 -10.65 0.56 5.98
CA GLU A 662 -10.50 -0.25 7.19
C GLU A 662 -10.26 -1.72 6.87
N ARG A 663 -10.49 -2.13 5.63
CA ARG A 663 -10.08 -3.45 5.18
C ARG A 663 -8.65 -3.47 4.68
N MET A 664 -8.20 -2.39 4.05
CA MET A 664 -6.81 -2.24 3.65
C MET A 664 -5.88 -2.01 4.85
N GLU A 665 -6.42 -1.49 5.95
CA GLU A 665 -5.66 -1.25 7.16
C GLU A 665 -5.41 -2.57 7.88
N SER A 666 -4.15 -2.97 7.95
CA SER A 666 -3.71 -4.16 8.67
C SER A 666 -2.88 -3.74 9.87
N PRO A 667 -2.99 -4.46 11.00
CA PRO A 667 -2.22 -4.08 12.19
C PRO A 667 -0.75 -4.41 12.05
N ILE A 668 0.06 -3.89 12.97
CA ILE A 668 1.50 -4.09 12.91
C ILE A 668 1.85 -5.50 13.35
N ASP A 669 2.78 -6.13 12.62
CA ASP A 669 3.13 -7.52 12.89
C ASP A 669 4.64 -7.71 12.72
N SER A 670 5.40 -6.62 12.88
CA SER A 670 6.84 -6.67 12.68
C SER A 670 7.54 -5.48 13.31
N ALA A 671 8.88 -5.49 13.27
CA ALA A 671 9.64 -4.29 13.55
C ALA A 671 9.86 -3.46 12.29
N ASP A 672 9.68 -4.08 11.11
CA ASP A 672 9.65 -3.34 9.87
C ASP A 672 8.42 -2.44 9.81
N ASP A 673 7.33 -2.87 10.45
CA ASP A 673 6.17 -2.00 10.61
C ASP A 673 6.46 -0.90 11.61
N LEU A 674 7.09 -1.24 12.74
CA LEU A 674 7.35 -0.25 13.78
C LEU A 674 8.39 0.77 13.36
N ALA A 675 9.23 0.42 12.37
CA ALA A 675 10.24 1.37 11.90
C ALA A 675 9.60 2.52 11.11
N LYS A 676 8.36 2.35 10.66
CA LYS A 676 7.73 3.35 9.83
C LYS A 676 6.81 4.26 10.66
N GLN A 677 5.87 3.68 11.39
CA GLN A 677 4.97 4.47 12.23
C GLN A 677 5.73 5.02 13.42
N THR A 678 5.77 6.36 13.50
CA THR A 678 6.43 7.06 14.60
C THR A 678 5.36 7.38 15.64
N LYS A 679 4.11 7.04 15.33
CA LYS A 679 3.01 7.19 16.27
C LYS A 679 3.04 6.17 17.40
N ILE A 680 3.37 4.91 17.12
CA ILE A 680 3.44 3.87 18.13
C ILE A 680 4.85 3.92 18.72
N GLU A 681 4.93 3.95 20.04
CA GLU A 681 6.15 4.32 20.73
C GLU A 681 6.92 3.08 21.20
N TYR A 682 8.25 3.12 21.09
CA TYR A 682 9.06 1.94 21.37
C TYR A 682 9.43 1.87 22.84
N GLY A 683 10.05 0.78 23.25
CA GLY A 683 10.53 0.68 24.61
C GLY A 683 11.70 -0.27 24.71
N ALA A 684 12.40 -0.20 25.85
CA ALA A 684 13.47 -1.12 26.21
C ALA A 684 13.77 -0.99 27.70
N VAL A 685 14.84 -1.63 28.16
CA VAL A 685 15.26 -1.55 29.56
C VAL A 685 16.58 -0.79 29.58
N GLU A 686 16.79 0.00 30.64
CA GLU A 686 18.04 0.73 30.84
C GLU A 686 19.23 -0.22 30.92
N ASP A 687 20.07 -0.17 29.87
CA ASP A 687 21.30 -0.93 29.72
C ASP A 687 21.11 -2.43 29.89
N GLY A 688 20.19 -3.01 29.10
CA GLY A 688 19.95 -4.44 29.17
C GLY A 688 20.55 -5.13 27.96
N ALA A 689 20.25 -6.42 27.84
CA ALA A 689 20.68 -7.17 26.68
C ALA A 689 19.93 -6.75 25.43
N THR A 690 18.72 -6.21 25.61
CA THR A 690 17.93 -5.72 24.48
C THR A 690 18.48 -4.39 23.99
N MET A 691 18.73 -3.45 24.92
CA MET A 691 19.21 -2.12 24.57
C MET A 691 20.62 -2.17 23.98
N THR A 692 21.41 -3.18 24.39
CA THR A 692 22.75 -3.35 23.84
C THR A 692 22.69 -3.83 22.39
N PHE A 693 21.66 -4.61 22.06
CA PHE A 693 21.54 -5.18 20.72
C PHE A 693 21.23 -4.11 19.68
N PHE A 694 20.42 -3.11 20.06
CA PHE A 694 20.09 -2.05 19.11
C PHE A 694 21.19 -1.02 18.98
N LYS A 695 22.18 -1.02 19.88
CA LYS A 695 23.37 -0.20 19.70
C LYS A 695 24.24 -0.80 18.61
N LYS A 696 24.68 -2.04 18.82
CA LYS A 696 25.53 -2.74 17.86
C LYS A 696 24.70 -3.40 16.77
N SER A 697 24.10 -2.61 15.89
CA SER A 697 23.14 -3.15 14.93
C SER A 697 23.37 -2.52 13.56
N LYS A 698 23.56 -3.35 12.54
CA LYS A 698 23.76 -2.89 11.16
C LYS A 698 22.70 -3.48 10.24
N ILE A 699 21.58 -3.91 10.81
CA ILE A 699 20.50 -4.57 10.07
C ILE A 699 19.71 -3.48 9.34
N SER A 700 19.88 -2.24 9.79
CA SER A 700 19.43 -0.96 9.19
C SER A 700 17.93 -0.72 9.35
N THR A 701 17.20 -1.69 9.90
CA THR A 701 15.88 -1.39 10.46
C THR A 701 16.03 -0.96 11.91
N TYR A 702 17.03 -1.51 12.60
CA TYR A 702 17.08 -1.43 14.05
C TYR A 702 17.90 -0.23 14.50
N ASP A 703 18.71 0.34 13.60
CA ASP A 703 19.41 1.57 13.92
C ASP A 703 18.45 2.76 13.86
N LYS A 704 17.50 2.71 12.93
CA LYS A 704 16.35 3.61 12.98
C LYS A 704 15.52 3.38 14.23
N MET A 705 15.47 2.13 14.70
CA MET A 705 14.84 1.86 15.99
C MET A 705 15.73 2.27 17.15
N TRP A 706 17.01 2.52 16.91
CA TRP A 706 17.86 3.09 17.95
C TRP A 706 17.90 4.61 17.84
N ALA A 707 17.64 5.14 16.65
CA ALA A 707 17.52 6.59 16.45
C ALA A 707 16.29 7.13 17.17
N PHE A 708 15.26 6.28 17.30
CA PHE A 708 14.10 6.62 18.11
C PHE A 708 14.47 6.68 19.60
N MET A 709 15.43 5.86 20.02
CA MET A 709 15.67 5.66 21.44
C MET A 709 16.66 6.69 21.99
N SER A 710 17.72 6.98 21.24
CA SER A 710 18.73 7.92 21.72
C SER A 710 18.18 9.35 21.72
N SER A 711 17.33 9.66 20.76
CA SER A 711 16.73 10.97 20.67
C SER A 711 15.64 11.17 21.72
N ARG A 712 14.66 10.26 21.74
CA ARG A 712 13.50 10.36 22.62
C ARG A 712 13.69 9.64 23.96
N ARG A 713 14.93 9.55 24.45
CA ARG A 713 15.30 8.89 25.70
C ARG A 713 14.63 9.57 26.90
N GLN A 714 14.49 8.84 28.01
CA GLN A 714 13.86 9.19 29.29
C GLN A 714 12.34 9.28 29.16
N SER A 715 11.82 8.88 28.00
CA SER A 715 10.39 8.71 27.78
C SER A 715 10.11 7.36 27.15
N VAL A 716 11.03 6.89 26.30
CA VAL A 716 10.82 5.68 25.53
C VAL A 716 11.76 4.59 26.05
N LEU A 717 12.43 4.88 27.16
CA LEU A 717 13.46 3.98 27.63
C LEU A 717 13.29 3.81 29.14
N VAL A 718 12.47 2.83 29.55
CA VAL A 718 12.12 2.65 30.94
C VAL A 718 13.21 1.81 31.60
N LYS A 719 13.22 1.74 32.93
CA LYS A 719 14.35 1.17 33.66
C LYS A 719 14.15 -0.25 34.16
N SER A 720 13.00 -0.87 33.93
CA SER A 720 12.77 -2.24 34.39
C SER A 720 11.75 -2.93 33.50
N ASN A 721 11.68 -4.26 33.63
CA ASN A 721 10.72 -5.03 32.84
C ASN A 721 9.30 -4.82 33.32
N GLU A 722 9.10 -4.59 34.61
CA GLU A 722 7.74 -4.46 35.13
C GLU A 722 7.14 -3.11 34.78
N GLU A 723 7.96 -2.06 34.75
CA GLU A 723 7.43 -0.75 34.40
C GLU A 723 7.25 -0.61 32.90
N GLY A 724 7.89 -1.48 32.12
CA GLY A 724 7.64 -1.50 30.69
C GLY A 724 6.30 -2.12 30.35
N ILE A 725 5.85 -3.07 31.18
CA ILE A 725 4.53 -3.68 30.98
C ILE A 725 3.45 -2.67 31.29
N GLN A 726 3.65 -1.88 32.34
CA GLN A 726 2.65 -0.90 32.76
C GLN A 726 2.51 0.22 31.74
N ARG A 727 3.61 0.56 31.06
CA ARG A 727 3.55 1.66 30.11
C ARG A 727 2.92 1.22 28.79
N VAL A 728 3.04 -0.07 28.44
CA VAL A 728 2.18 -0.62 27.38
C VAL A 728 0.74 -0.59 27.83
N LEU A 729 0.50 -0.91 29.10
CA LEU A 729 -0.86 -1.08 29.60
C LEU A 729 -1.55 0.27 29.82
N THR A 730 -0.77 1.35 29.94
CA THR A 730 -1.35 2.69 29.98
C THR A 730 -1.30 3.36 28.60
N SER A 731 -0.10 3.52 28.04
CA SER A 731 0.07 4.29 26.82
C SER A 731 -0.05 3.42 25.57
N ASP A 732 0.28 4.00 24.41
CA ASP A 732 0.44 3.25 23.17
C ASP A 732 1.93 2.99 22.96
N TYR A 733 2.42 2.00 23.69
CA TYR A 733 3.84 1.75 23.92
C TYR A 733 4.15 0.33 23.45
N ALA A 734 5.30 0.16 22.81
CA ALA A 734 5.66 -1.15 22.25
C ALA A 734 6.98 -1.57 22.89
N PHE A 735 6.89 -2.46 23.86
CA PHE A 735 8.05 -2.77 24.69
C PHE A 735 8.84 -3.94 24.12
N LEU A 736 10.15 -3.77 24.06
CA LEU A 736 11.07 -4.77 23.51
C LEU A 736 11.66 -5.58 24.66
N MET A 737 11.08 -6.75 24.90
CA MET A 737 11.41 -7.65 25.97
C MET A 737 11.96 -8.93 25.34
N GLU A 738 12.48 -9.85 26.16
CA GLU A 738 12.85 -11.18 25.72
C GLU A 738 11.59 -12.04 25.63
N SER A 739 11.67 -13.12 24.85
CA SER A 739 10.46 -13.85 24.47
C SER A 739 9.98 -14.75 25.60
N THR A 740 10.85 -15.06 26.56
CA THR A 740 10.43 -15.94 27.64
C THR A 740 9.56 -15.22 28.65
N THR A 741 9.65 -13.89 28.70
CA THR A 741 8.81 -13.14 29.61
C THR A 741 7.76 -12.34 28.87
N ILE A 742 7.79 -12.37 27.53
CA ILE A 742 6.61 -11.96 26.78
C ILE A 742 5.59 -13.08 26.77
N GLU A 743 6.05 -14.31 26.61
CA GLU A 743 5.15 -15.46 26.62
C GLU A 743 4.63 -15.77 28.02
N PHE A 744 5.21 -15.14 29.05
CA PHE A 744 4.69 -15.30 30.40
C PHE A 744 3.63 -14.26 30.70
N VAL A 745 3.85 -13.02 30.27
CA VAL A 745 2.91 -11.95 30.59
C VAL A 745 1.67 -12.04 29.71
N THR A 746 1.84 -12.42 28.44
CA THR A 746 0.72 -12.59 27.52
C THR A 746 -0.26 -13.66 27.97
N GLN A 747 0.23 -14.74 28.58
CA GLN A 747 -0.65 -15.78 29.09
C GLN A 747 -1.36 -15.39 30.37
N ARG A 748 -0.90 -14.34 31.05
CA ARG A 748 -1.53 -13.86 32.28
C ARG A 748 -2.33 -12.58 32.07
N ASN A 749 -2.36 -12.05 30.85
CA ASN A 749 -3.01 -10.76 30.60
C ASN A 749 -3.47 -10.79 29.14
N CYS A 750 -4.75 -11.05 28.94
CA CYS A 750 -5.32 -11.23 27.61
C CYS A 750 -5.50 -9.93 26.85
N ASN A 751 -5.19 -8.79 27.48
CA ASN A 751 -5.15 -7.52 26.79
C ASN A 751 -3.82 -7.28 26.09
N LEU A 752 -2.85 -8.16 26.30
CA LEU A 752 -1.50 -8.01 25.79
C LEU A 752 -1.21 -9.08 24.76
N THR A 753 -0.35 -8.76 23.79
CA THR A 753 -0.04 -9.69 22.72
C THR A 753 1.43 -9.55 22.35
N GLN A 754 1.89 -10.47 21.51
CA GLN A 754 3.24 -10.48 20.98
C GLN A 754 3.18 -10.25 19.48
N ILE A 755 3.66 -9.11 19.02
CA ILE A 755 3.54 -8.77 17.60
C ILE A 755 4.83 -9.07 16.84
N GLY A 756 4.89 -10.23 16.20
CA GLY A 756 5.97 -10.52 15.30
C GLY A 756 6.72 -11.79 15.60
N GLY A 757 8.03 -11.75 15.42
CA GLY A 757 8.86 -12.91 15.66
C GLY A 757 10.12 -12.57 16.42
N LEU A 758 11.01 -13.54 16.57
CA LEU A 758 12.26 -13.34 17.29
C LEU A 758 13.23 -12.47 16.51
N ILE A 759 13.68 -11.38 17.11
CA ILE A 759 14.70 -10.54 16.49
C ILE A 759 16.09 -11.08 16.76
N ASP A 760 16.44 -11.31 18.02
CA ASP A 760 17.74 -11.85 18.39
C ASP A 760 17.61 -13.37 18.43
N SER A 761 18.65 -14.06 18.90
CA SER A 761 18.57 -15.50 19.14
C SER A 761 19.57 -15.89 20.23
N LYS A 762 19.09 -16.04 21.45
CA LYS A 762 19.92 -16.34 22.61
C LYS A 762 19.46 -17.66 23.23
N GLY A 763 20.06 -18.01 24.37
CA GLY A 763 19.68 -19.24 25.05
C GLY A 763 20.06 -19.19 26.51
N TYR A 764 19.44 -20.07 27.28
CA TYR A 764 19.69 -20.16 28.72
C TYR A 764 20.47 -21.44 28.98
N GLY A 765 21.55 -21.33 29.72
CA GLY A 765 22.33 -22.51 30.05
C GLY A 765 22.67 -22.61 31.52
N VAL A 766 22.76 -23.84 32.02
CA VAL A 766 23.26 -24.11 33.36
C VAL A 766 24.73 -23.70 33.42
N GLY A 767 25.09 -22.83 34.35
CA GLY A 767 26.44 -22.35 34.45
C GLY A 767 27.27 -23.29 35.32
N THR A 768 28.52 -23.48 34.91
CA THR A 768 29.49 -24.28 35.64
C THR A 768 30.81 -23.53 35.61
N PRO A 769 31.70 -23.76 36.59
CA PRO A 769 33.05 -23.18 36.48
C PRO A 769 33.86 -23.87 35.39
N MET A 770 35.02 -23.30 35.07
CA MET A 770 35.86 -23.95 34.07
C MET A 770 36.52 -25.19 34.64
N GLY A 771 36.65 -26.21 33.81
CA GLY A 771 36.88 -27.57 34.26
C GLY A 771 35.58 -28.34 34.30
N SER A 772 35.09 -28.63 35.52
CA SER A 772 33.73 -29.05 35.83
C SER A 772 33.25 -30.27 35.05
N PRO A 773 33.54 -31.49 35.52
CA PRO A 773 32.99 -32.71 34.90
C PRO A 773 31.48 -32.76 34.71
N TYR A 774 30.72 -31.91 35.42
CA TYR A 774 29.29 -31.78 35.24
C TYR A 774 28.89 -30.89 34.07
N ARG A 775 29.82 -30.39 33.26
CA ARG A 775 29.42 -29.70 32.05
C ARG A 775 28.86 -30.67 31.03
N ASP A 776 29.61 -31.74 30.75
CA ASP A 776 29.18 -32.73 29.78
C ASP A 776 28.04 -33.58 30.35
N LYS A 777 28.06 -33.81 31.66
CA LYS A 777 27.04 -34.67 32.27
C LYS A 777 25.66 -34.04 32.25
N ILE A 778 25.59 -32.71 32.29
CA ILE A 778 24.31 -32.01 32.20
C ILE A 778 23.92 -31.80 30.75
N THR A 779 24.89 -31.58 29.87
CA THR A 779 24.66 -31.49 28.44
C THR A 779 24.05 -32.77 27.88
N ILE A 780 24.54 -33.93 28.33
CA ILE A 780 23.86 -35.19 28.04
C ILE A 780 22.48 -35.23 28.74
N ALA A 781 22.39 -34.70 29.96
CA ALA A 781 21.15 -34.80 30.72
C ALA A 781 20.07 -33.88 30.19
N ILE A 782 20.46 -32.72 29.64
CA ILE A 782 19.47 -31.83 29.03
C ILE A 782 18.97 -32.42 27.72
N LEU A 783 19.88 -33.01 26.93
CA LEU A 783 19.47 -33.64 25.68
C LEU A 783 18.64 -34.88 25.90
N GLN A 784 18.82 -35.58 27.03
CA GLN A 784 17.95 -36.71 27.35
C GLN A 784 16.54 -36.25 27.73
N LEU A 785 16.43 -35.14 28.46
CA LEU A 785 15.13 -34.60 28.82
C LEU A 785 14.44 -33.93 27.63
N GLN A 786 15.17 -33.64 26.55
CA GLN A 786 14.55 -33.08 25.37
C GLN A 786 14.01 -34.16 24.45
N GLU A 787 14.70 -35.30 24.36
CA GLU A 787 14.20 -36.42 23.55
C GLU A 787 12.92 -37.00 24.14
N GLU A 788 12.88 -37.11 25.47
CA GLU A 788 11.68 -37.59 26.16
C GLU A 788 10.55 -36.56 26.12
N GLY A 789 10.87 -35.29 25.94
CA GLY A 789 9.88 -34.24 25.88
C GLY A 789 9.55 -33.62 27.20
N LYS A 790 10.45 -33.66 28.18
CA LYS A 790 10.14 -33.13 29.50
C LYS A 790 10.31 -31.62 29.55
N LEU A 791 11.23 -31.07 28.76
CA LEU A 791 11.45 -29.62 28.77
C LEU A 791 10.32 -28.86 28.09
N HIS A 792 9.47 -29.55 27.34
CA HIS A 792 8.25 -28.90 26.87
C HIS A 792 7.14 -29.05 27.90
N MET A 793 7.13 -30.15 28.65
CA MET A 793 6.08 -30.36 29.65
C MET A 793 6.34 -29.52 30.88
N MET A 794 7.59 -29.07 31.07
CA MET A 794 7.93 -28.21 32.19
C MET A 794 7.75 -26.75 31.85
N LYS A 795 7.73 -26.43 30.56
CA LYS A 795 7.41 -25.06 30.17
C LYS A 795 5.90 -24.86 30.13
N GLU A 796 5.16 -25.87 29.69
CA GLU A 796 3.69 -25.79 29.71
C GLU A 796 3.16 -25.79 31.15
N LYS A 797 3.91 -26.39 32.07
CA LYS A 797 3.47 -26.38 33.46
C LYS A 797 3.61 -25.01 34.09
N TRP A 798 4.57 -24.21 33.62
CA TRP A 798 4.84 -22.92 34.25
C TRP A 798 4.50 -21.70 33.41
N TRP A 799 4.42 -21.82 32.09
CA TRP A 799 4.09 -20.68 31.24
C TRP A 799 2.65 -20.66 30.73
N ARG A 800 1.84 -21.69 31.01
CA ARG A 800 0.42 -21.60 30.65
C ARG A 800 -0.34 -20.64 31.54
N GLY A 801 -0.39 -20.91 32.84
CA GLY A 801 -1.25 -20.14 33.71
C GLY A 801 -2.71 -20.35 33.42
N ASN A 802 -3.34 -19.35 32.79
CA ASN A 802 -4.76 -19.40 32.52
C ASN A 802 -4.98 -19.58 31.03
N GLY A 803 -6.05 -20.30 30.68
CA GLY A 803 -6.54 -20.31 29.32
C GLY A 803 -7.29 -19.03 29.06
N CYS A 804 -6.99 -18.39 27.96
CA CYS A 804 -7.53 -17.07 27.68
C CYS A 804 -8.96 -17.20 27.15
N PRO A 805 -9.85 -16.22 27.40
CA PRO A 805 -11.09 -16.12 26.62
C PRO A 805 -10.78 -16.03 25.14
N GLU A 806 -11.30 -17.00 24.38
CA GLU A 806 -10.63 -17.56 23.20
C GLU A 806 -10.30 -16.56 22.10
N GLU A 807 -11.30 -16.07 21.38
CA GLU A 807 -11.08 -14.97 20.44
C GLU A 807 -12.21 -13.95 20.49
N GLU A 808 -13.40 -14.41 20.89
CA GLU A 808 -14.68 -13.73 20.67
C GLU A 808 -14.83 -13.31 19.19
N SER A 809 -14.41 -14.25 18.32
CA SER A 809 -14.45 -14.13 16.86
C SER A 809 -13.82 -12.83 16.34
N LYS A 810 -12.51 -12.65 16.54
CA LYS A 810 -11.85 -11.36 16.32
C LYS A 810 -11.74 -10.99 14.84
N GLU A 811 -12.14 -11.85 13.91
CA GLU A 811 -12.19 -11.50 12.50
C GLU A 811 -13.39 -10.60 12.20
N ALA A 812 -13.52 -10.16 10.96
CA ALA A 812 -14.38 -9.03 10.64
C ALA A 812 -14.81 -9.01 9.18
N SER A 813 -15.24 -7.82 8.74
CA SER A 813 -15.44 -7.36 7.36
C SER A 813 -16.73 -7.84 6.72
N ALA A 814 -17.46 -8.71 7.37
CA ALA A 814 -18.83 -8.98 6.98
C ALA A 814 -19.74 -8.04 7.77
N LEU A 815 -20.53 -7.26 7.06
CA LEU A 815 -21.38 -6.26 7.69
C LEU A 815 -22.47 -6.93 8.51
N GLY A 816 -22.40 -6.73 9.82
CA GLY A 816 -23.26 -7.45 10.73
C GLY A 816 -24.19 -6.53 11.50
N VAL A 817 -24.61 -6.96 12.69
CA VAL A 817 -25.61 -6.22 13.45
C VAL A 817 -24.89 -5.14 14.25
N GLN A 818 -23.59 -5.31 14.46
CA GLN A 818 -22.83 -4.35 15.25
C GLN A 818 -22.42 -3.10 14.48
N ASN A 819 -22.54 -3.09 13.15
CA ASN A 819 -22.21 -1.91 12.35
C ASN A 819 -23.32 -1.48 11.43
N ILE A 820 -24.08 -2.41 10.85
CA ILE A 820 -25.36 -2.03 10.27
C ILE A 820 -26.47 -2.81 10.99
N GLY A 821 -26.93 -2.25 12.10
CA GLY A 821 -28.00 -2.86 12.85
C GLY A 821 -28.88 -1.77 13.39
N GLY A 822 -28.50 -0.54 13.10
CA GLY A 822 -29.25 0.62 13.54
C GLY A 822 -30.20 1.11 12.48
N ILE A 823 -30.21 0.43 11.34
CA ILE A 823 -31.27 0.64 10.36
C ILE A 823 -32.46 -0.23 10.73
N PHE A 824 -32.30 -1.11 11.73
CA PHE A 824 -33.40 -1.89 12.26
C PHE A 824 -34.12 -1.16 13.39
N ILE A 825 -33.41 -0.27 14.11
CA ILE A 825 -34.08 0.58 15.08
C ILE A 825 -34.94 1.61 14.37
N VAL A 826 -34.41 2.20 13.31
CA VAL A 826 -35.15 3.20 12.53
C VAL A 826 -36.32 2.55 11.80
N LEU A 827 -36.15 1.31 11.35
CA LEU A 827 -37.26 0.53 10.81
C LEU A 827 -38.32 0.28 11.88
N ALA A 828 -37.90 -0.09 13.08
CA ALA A 828 -38.86 -0.38 14.14
C ALA A 828 -39.51 0.90 14.65
N ALA A 829 -38.81 2.02 14.58
CA ALA A 829 -39.37 3.27 15.10
C ALA A 829 -40.32 3.91 14.08
N GLY A 830 -40.24 3.48 12.82
CA GLY A 830 -41.16 3.98 11.81
C GLY A 830 -42.43 3.17 11.74
N LEU A 831 -42.37 1.91 12.20
CA LEU A 831 -43.55 1.07 12.24
C LEU A 831 -44.36 1.29 13.51
N VAL A 832 -43.74 1.92 14.52
CA VAL A 832 -44.49 2.29 15.73
C VAL A 832 -45.15 3.65 15.55
N LEU A 833 -44.46 4.59 14.87
CA LEU A 833 -45.04 5.90 14.58
C LEU A 833 -46.23 5.79 13.63
N SER A 834 -46.21 4.80 12.73
CA SER A 834 -47.30 4.66 11.78
C SER A 834 -48.56 4.10 12.44
N VAL A 835 -48.40 3.33 13.52
CA VAL A 835 -49.56 2.90 14.29
C VAL A 835 -50.16 4.08 15.05
N PHE A 836 -49.32 5.03 15.45
CA PHE A 836 -49.81 6.23 16.13
C PHE A 836 -50.61 7.11 15.17
N VAL A 837 -50.28 7.07 13.88
CA VAL A 837 -51.04 7.86 12.91
C VAL A 837 -52.28 7.08 12.47
N ALA A 838 -52.20 5.75 12.45
CA ALA A 838 -53.36 4.94 12.07
C ALA A 838 -54.46 5.02 13.12
N VAL A 839 -54.08 5.13 14.40
CA VAL A 839 -55.05 5.46 15.44
C VAL A 839 -55.55 6.88 15.24
N GLY A 840 -54.64 7.78 14.86
CA GLY A 840 -55.03 9.17 14.68
C GLY A 840 -55.89 9.42 13.46
N GLU A 841 -55.77 8.57 12.44
CA GLU A 841 -56.65 8.68 11.28
C GLU A 841 -58.01 8.07 11.57
N PHE A 842 -58.05 7.06 12.44
CA PHE A 842 -59.31 6.43 12.79
C PHE A 842 -60.14 7.34 13.69
N LEU A 843 -59.47 8.17 14.49
CA LEU A 843 -60.19 9.09 15.37
C LEU A 843 -60.66 10.33 14.60
N TYR A 844 -59.87 10.81 13.65
CA TYR A 844 -60.26 11.98 12.87
C TYR A 844 -61.38 11.63 11.90
N LYS A 845 -61.43 10.38 11.44
CA LYS A 845 -62.54 9.94 10.62
C LYS A 845 -63.80 9.80 11.46
N SER A 846 -63.66 9.34 12.70
CA SER A 846 -64.79 9.18 13.62
C SER A 846 -65.33 10.53 14.06
N LYS A 847 -64.46 11.52 14.26
CA LYS A 847 -64.93 12.87 14.51
C LYS A 847 -65.54 13.51 13.27
N LYS A 848 -65.17 13.03 12.08
CA LYS A 848 -65.77 13.54 10.84
C LYS A 848 -67.19 13.01 10.68
N ASN A 849 -67.46 11.80 11.20
CA ASN A 849 -68.79 11.22 11.14
C ASN A 849 -69.77 11.99 12.02
N ALA A 850 -69.27 12.60 13.08
CA ALA A 850 -70.11 13.41 13.97
C ALA A 850 -70.24 14.82 13.43
N ARG B 431 50.66 21.08 17.12
CA ARG B 431 49.67 22.12 16.84
C ARG B 431 48.27 21.52 16.75
N SER B 432 47.29 22.22 17.31
CA SER B 432 45.91 21.76 17.31
C SER B 432 45.14 22.27 16.10
N LEU B 433 45.71 23.27 15.40
CA LEU B 433 45.19 23.85 14.16
C LEU B 433 43.78 24.40 14.33
N ILE B 434 43.68 25.58 14.95
CA ILE B 434 42.45 26.33 15.24
C ILE B 434 41.48 26.35 14.06
N VAL B 435 40.26 25.86 14.30
CA VAL B 435 39.24 25.72 13.27
C VAL B 435 38.17 26.78 13.48
N THR B 436 38.10 27.76 12.58
CA THR B 436 37.01 28.72 12.67
C THR B 436 35.73 28.08 12.15
N THR B 437 34.59 28.45 12.71
CA THR B 437 33.33 27.72 12.50
C THR B 437 32.17 28.62 12.92
N ILE B 438 31.07 28.64 12.15
CA ILE B 438 29.89 29.41 12.51
C ILE B 438 28.83 28.43 13.00
N LEU B 439 27.82 28.95 13.70
CA LEU B 439 26.78 28.16 14.34
C LEU B 439 25.60 28.03 13.39
N GLU B 440 25.41 26.83 12.84
CA GLU B 440 24.31 26.58 11.91
C GLU B 440 23.71 25.20 12.15
N GLU B 441 22.53 25.01 11.60
CA GLU B 441 21.76 23.80 11.77
C GLU B 441 21.50 23.15 10.40
N PRO B 442 21.65 21.82 10.29
CA PRO B 442 22.09 20.82 11.28
C PRO B 442 23.57 20.58 11.23
N TYR B 443 24.34 21.63 10.98
CA TYR B 443 25.78 21.51 10.80
C TYR B 443 26.50 21.61 12.14
N VAL B 444 26.27 22.67 12.91
CA VAL B 444 26.99 22.91 14.17
C VAL B 444 25.94 23.20 15.24
N LEU B 445 25.57 22.19 16.02
CA LEU B 445 24.55 22.31 17.04
C LEU B 445 25.09 21.93 18.40
N PHE B 446 24.74 22.72 19.41
CA PHE B 446 25.07 22.44 20.81
C PHE B 446 24.44 21.13 21.25
N LYS B 447 25.14 20.42 22.12
CA LYS B 447 24.69 19.09 22.54
C LYS B 447 23.50 19.16 23.49
N LYS B 448 23.62 19.93 24.58
CA LYS B 448 22.54 20.27 25.50
C LYS B 448 21.84 19.05 26.12
N SER B 449 22.57 18.25 26.89
CA SER B 449 21.99 17.06 27.47
C SER B 449 22.27 16.98 28.97
N ASP B 450 23.39 17.56 29.40
CA ASP B 450 23.92 17.36 30.74
C ASP B 450 24.85 18.50 31.13
N LYS B 451 25.74 18.23 32.11
CA LYS B 451 26.75 19.08 32.73
C LYS B 451 27.44 20.00 31.73
N PRO B 452 27.33 21.32 31.91
CA PRO B 452 27.78 22.25 30.87
C PRO B 452 29.26 22.62 30.94
N LEU B 453 30.15 21.63 30.88
CA LEU B 453 31.57 21.92 30.81
C LEU B 453 32.33 20.82 30.07
N TYR B 454 32.56 21.02 28.77
CA TYR B 454 33.41 20.08 28.04
C TYR B 454 34.67 20.74 27.50
N GLY B 455 34.50 21.73 26.63
CA GLY B 455 35.61 22.40 25.98
C GLY B 455 35.90 21.71 24.65
N ASN B 456 35.40 22.29 23.55
CA ASN B 456 35.42 21.71 22.20
C ASN B 456 34.84 20.31 22.07
N ASP B 457 34.04 19.91 23.06
CA ASP B 457 33.12 18.77 22.91
C ASP B 457 31.71 19.23 23.24
N ARG B 458 31.50 20.54 23.29
CA ARG B 458 30.23 21.16 23.64
C ARG B 458 29.14 20.91 22.62
N PHE B 459 29.51 20.72 21.37
CA PHE B 459 28.57 20.78 20.27
C PHE B 459 28.83 19.70 19.22
N GLU B 460 27.80 19.39 18.44
CA GLU B 460 27.79 18.27 17.53
C GLU B 460 27.18 18.72 16.19
N GLY B 461 27.07 17.76 15.27
CA GLY B 461 26.43 18.03 14.00
C GLY B 461 27.07 17.37 12.80
N TYR B 462 26.78 17.89 11.60
CA TYR B 462 27.36 17.33 10.38
C TYR B 462 28.81 17.74 10.21
N CYS B 463 29.12 19.03 10.39
CA CYS B 463 30.48 19.49 10.16
C CYS B 463 31.43 19.04 11.27
N ILE B 464 30.89 18.65 12.42
CA ILE B 464 31.74 18.15 13.49
C ILE B 464 31.96 16.65 13.32
N ASP B 465 30.99 15.93 12.75
CA ASP B 465 31.25 14.54 12.37
C ASP B 465 32.21 14.47 11.20
N LEU B 466 32.12 15.43 10.28
CA LEU B 466 33.07 15.53 9.16
C LEU B 466 34.47 15.84 9.66
N LEU B 467 34.58 16.77 10.61
CA LEU B 467 35.89 17.17 11.12
C LEU B 467 36.52 16.07 11.97
N ARG B 468 35.71 15.13 12.44
CA ARG B 468 36.27 13.94 13.09
C ARG B 468 37.01 13.07 12.08
N GLU B 469 36.33 12.66 11.02
CA GLU B 469 36.90 11.66 10.12
C GLU B 469 37.90 12.29 9.15
N LEU B 470 37.94 13.61 9.07
CA LEU B 470 39.13 14.24 8.50
C LEU B 470 40.30 14.07 9.46
N SER B 471 40.07 14.32 10.74
CA SER B 471 41.14 14.27 11.74
C SER B 471 41.58 12.85 12.01
N THR B 472 40.66 11.89 11.90
CA THR B 472 40.97 10.48 12.07
C THR B 472 41.94 9.98 11.00
N ILE B 473 41.77 10.43 9.76
CA ILE B 473 42.68 10.08 8.69
C ILE B 473 43.95 10.93 8.70
N LEU B 474 43.86 12.21 9.04
CA LEU B 474 44.95 13.15 8.84
C LEU B 474 45.71 13.53 10.11
N GLY B 475 45.72 12.70 11.15
CA GLY B 475 46.51 13.11 12.29
C GLY B 475 45.75 13.82 13.39
N PHE B 476 45.63 15.14 13.24
CA PHE B 476 45.31 16.16 14.24
C PHE B 476 44.04 15.98 15.07
N THR B 477 43.85 16.83 16.07
CA THR B 477 42.62 16.90 16.85
C THR B 477 41.77 18.07 16.36
N TYR B 478 40.48 18.09 16.74
CA TYR B 478 39.54 19.13 16.33
C TYR B 478 39.98 20.54 16.72
N GLU B 479 39.86 20.82 18.03
CA GLU B 479 40.06 22.12 18.67
C GLU B 479 39.33 23.25 17.93
N ILE B 480 38.00 23.23 17.94
CA ILE B 480 37.18 24.21 17.24
C ILE B 480 37.28 25.55 17.96
N ARG B 481 37.30 26.65 17.21
CA ARG B 481 37.45 27.99 17.76
C ARG B 481 36.42 28.92 17.12
N LEU B 482 35.12 28.63 17.34
CA LEU B 482 33.95 29.33 16.82
C LEU B 482 34.08 30.84 16.67
N VAL B 483 33.74 31.36 15.49
CA VAL B 483 34.04 32.73 15.07
C VAL B 483 33.25 33.72 15.92
N GLU B 484 33.89 34.82 16.30
CA GLU B 484 33.28 35.84 17.14
C GLU B 484 32.22 36.60 16.36
N ASP B 485 32.63 37.24 15.27
CA ASP B 485 31.68 37.89 14.37
C ASP B 485 30.85 36.83 13.66
N GLY B 486 29.54 36.84 13.88
CA GLY B 486 28.67 35.80 13.36
C GLY B 486 28.35 35.92 11.88
N LYS B 487 29.38 35.92 11.04
CA LYS B 487 29.22 35.99 9.60
C LYS B 487 30.15 34.97 8.95
N TYR B 488 29.92 34.69 7.67
CA TYR B 488 30.80 33.84 6.89
C TYR B 488 31.95 34.60 6.26
N GLY B 489 31.69 35.76 5.73
CA GLY B 489 32.71 36.58 5.10
C GLY B 489 32.14 37.30 3.91
N ALA B 490 32.37 38.61 3.88
CA ALA B 490 31.88 39.45 2.81
C ALA B 490 32.79 40.67 2.69
N GLN B 491 32.87 41.23 1.50
CA GLN B 491 33.80 42.33 1.23
C GLN B 491 33.01 43.62 1.18
N ASP B 492 33.06 44.39 2.27
CA ASP B 492 32.53 45.75 2.27
C ASP B 492 33.45 46.62 1.40
N ASP B 493 32.87 47.26 0.40
CA ASP B 493 33.65 48.00 -0.58
C ASP B 493 34.19 49.33 -0.05
N VAL B 494 33.66 49.78 1.09
CA VAL B 494 34.04 51.07 1.68
C VAL B 494 35.46 51.00 2.23
N ASN B 495 35.89 49.83 2.70
CA ASN B 495 37.23 49.64 3.20
C ASN B 495 37.98 48.50 2.51
N GLY B 496 37.28 47.65 1.77
CA GLY B 496 37.90 46.51 1.11
C GLY B 496 38.35 45.44 2.08
N GLN B 497 37.79 45.44 3.28
CA GLN B 497 38.14 44.44 4.28
C GLN B 497 37.15 43.29 4.25
N TRP B 498 37.59 42.17 4.77
CA TRP B 498 36.75 40.99 4.84
C TRP B 498 36.19 40.81 6.24
N ASN B 499 35.04 40.16 6.31
CA ASN B 499 34.35 39.93 7.57
C ASN B 499 34.37 38.43 7.84
N GLY B 500 33.67 38.03 8.89
CA GLY B 500 33.31 36.65 9.13
C GLY B 500 34.43 35.65 9.29
N MET B 501 34.35 34.55 8.54
CA MET B 501 35.40 33.55 8.63
C MET B 501 36.55 33.84 7.67
N VAL B 502 36.26 34.35 6.47
CA VAL B 502 37.33 34.44 5.47
C VAL B 502 38.22 35.67 5.71
N ARG B 503 37.96 36.42 6.78
CA ARG B 503 38.97 37.32 7.31
C ARG B 503 39.86 36.58 8.30
N GLU B 504 39.29 35.62 9.02
CA GLU B 504 40.05 34.84 10.00
C GLU B 504 40.96 33.84 9.31
N LEU B 505 40.71 33.55 8.03
CA LEU B 505 41.61 32.68 7.27
C LEU B 505 42.81 33.44 6.73
N ILE B 506 42.62 34.67 6.25
CA ILE B 506 43.67 35.36 5.51
C ILE B 506 44.69 35.97 6.46
N ASP B 507 44.33 36.12 7.73
CA ASP B 507 45.22 36.74 8.71
C ASP B 507 45.94 35.64 9.49
N HIS B 508 45.70 34.40 9.04
CA HIS B 508 46.25 33.15 9.59
C HIS B 508 45.95 32.96 11.07
N LYS B 509 44.86 33.58 11.55
CA LYS B 509 44.32 33.31 12.87
C LYS B 509 43.26 32.21 12.84
N ALA B 510 43.26 31.41 11.78
CA ALA B 510 42.56 30.14 11.71
C ALA B 510 43.30 29.28 10.68
N ASP B 511 43.17 27.96 10.83
CA ASP B 511 43.87 27.05 9.94
C ASP B 511 42.90 26.28 9.04
N LEU B 512 41.68 26.03 9.49
CA LEU B 512 40.63 25.49 8.62
C LEU B 512 39.36 26.32 8.76
N ALA B 513 38.34 25.99 7.98
CA ALA B 513 37.06 26.67 8.05
C ALA B 513 35.91 25.68 7.92
N VAL B 514 35.95 24.59 8.67
CA VAL B 514 35.05 23.46 8.43
C VAL B 514 33.64 23.87 8.86
N ALA B 515 32.86 24.28 7.87
CA ALA B 515 31.59 24.96 7.99
C ALA B 515 30.94 24.97 6.60
N PRO B 516 29.65 25.31 6.51
CA PRO B 516 29.07 25.54 5.17
C PRO B 516 29.59 26.80 4.50
N LEU B 517 30.85 26.82 4.11
CA LEU B 517 31.43 27.97 3.45
C LEU B 517 31.37 27.75 1.95
N ALA B 518 30.52 28.51 1.27
CA ALA B 518 30.20 28.28 -0.13
C ALA B 518 31.35 28.72 -1.01
N ILE B 519 31.64 27.93 -2.04
CA ILE B 519 32.70 28.22 -2.99
C ILE B 519 32.19 29.29 -3.97
N THR B 520 32.56 30.53 -3.71
CA THR B 520 32.16 31.66 -4.53
C THR B 520 33.41 32.12 -5.28
N TYR B 521 33.21 32.92 -6.34
CA TYR B 521 34.34 33.38 -7.14
C TYR B 521 35.21 34.38 -6.40
N VAL B 522 34.60 35.33 -5.69
CA VAL B 522 35.39 36.37 -5.04
C VAL B 522 36.12 35.84 -3.81
N ARG B 523 35.66 34.71 -3.26
CA ARG B 523 36.38 34.10 -2.16
C ARG B 523 37.53 33.24 -2.65
N GLU B 524 37.39 32.66 -3.85
CA GLU B 524 38.41 31.79 -4.39
C GLU B 524 39.66 32.57 -4.81
N LYS B 525 39.49 33.85 -5.14
CA LYS B 525 40.63 34.71 -5.43
C LYS B 525 41.39 35.12 -4.17
N VAL B 526 40.82 34.86 -2.99
CA VAL B 526 41.35 35.37 -1.72
C VAL B 526 41.79 34.23 -0.82
N ILE B 527 40.92 33.25 -0.59
CA ILE B 527 41.32 32.04 0.12
C ILE B 527 41.32 30.89 -0.86
N ASP B 528 41.78 29.73 -0.42
CA ASP B 528 41.69 28.52 -1.24
C ASP B 528 40.73 27.58 -0.56
N PHE B 529 39.78 27.04 -1.31
CA PHE B 529 38.81 26.12 -0.79
C PHE B 529 39.27 24.69 -1.03
N SER B 530 38.68 23.75 -0.30
CA SER B 530 38.88 22.35 -0.64
C SER B 530 37.90 21.98 -1.74
N LYS B 531 37.78 20.71 -1.98
CA LYS B 531 36.92 20.25 -3.03
C LYS B 531 35.63 19.73 -2.41
N PRO B 532 34.42 20.13 -2.94
CA PRO B 532 33.17 20.14 -2.15
C PRO B 532 32.77 18.88 -1.41
N PHE B 533 32.18 19.05 -0.22
CA PHE B 533 31.62 17.94 0.51
C PHE B 533 30.10 17.90 0.46
N MET B 534 29.44 18.96 -0.01
CA MET B 534 28.02 18.92 -0.30
C MET B 534 27.78 19.60 -1.64
N THR B 535 26.68 19.25 -2.28
CA THR B 535 26.26 19.84 -3.54
C THR B 535 24.83 20.32 -3.39
N LEU B 536 24.57 21.53 -3.86
CA LEU B 536 23.29 22.16 -3.64
C LEU B 536 22.97 23.14 -4.77
N GLY B 537 21.85 23.83 -4.63
CA GLY B 537 21.47 24.85 -5.58
C GLY B 537 20.37 25.72 -5.02
N ILE B 538 19.58 26.31 -5.89
CA ILE B 538 18.41 27.10 -5.47
C ILE B 538 17.18 26.27 -5.79
N SER B 539 16.26 26.18 -4.84
CA SER B 539 15.02 25.48 -5.08
C SER B 539 13.91 26.23 -4.36
N ILE B 540 12.70 25.68 -4.43
CA ILE B 540 11.49 26.40 -4.05
C ILE B 540 10.77 25.65 -2.93
N LEU B 541 10.54 26.33 -1.82
CA LEU B 541 9.55 25.87 -0.86
C LEU B 541 8.15 26.27 -1.30
N TYR B 542 7.21 25.38 -1.02
CA TYR B 542 5.80 25.65 -1.22
C TYR B 542 5.08 24.72 -0.25
N ARG B 543 3.87 25.12 0.14
CA ARG B 543 3.10 24.31 1.08
C ARG B 543 2.62 23.04 0.39
N LYS B 544 2.68 21.94 1.13
CA LYS B 544 2.26 20.64 0.60
C LYS B 544 0.77 20.67 0.29
N PRO B 545 0.35 20.12 -0.86
CA PRO B 545 -1.06 20.20 -1.25
C PRO B 545 -1.96 19.42 -0.29
N ASN B 546 -3.18 19.89 -0.14
CA ASN B 546 -3.93 19.54 1.06
C ASN B 546 -5.19 18.72 0.76
N GLY B 547 -5.99 19.15 -0.21
CA GLY B 547 -7.21 18.43 -0.53
C GLY B 547 -8.35 18.70 0.43
N THR B 548 -8.30 19.79 1.18
CA THR B 548 -9.41 20.20 2.02
C THR B 548 -10.35 21.19 1.33
N ASN B 549 -9.93 21.77 0.21
CA ASN B 549 -10.83 22.52 -0.65
C ASN B 549 -10.76 21.92 -2.04
N PRO B 550 -11.50 20.85 -2.33
CA PRO B 550 -11.48 20.30 -3.70
C PRO B 550 -12.28 21.13 -4.68
N GLY B 551 -12.99 22.16 -4.22
CA GLY B 551 -13.92 22.96 -4.95
C GLY B 551 -15.25 22.92 -4.23
N VAL B 552 -16.32 23.21 -4.97
CA VAL B 552 -17.68 22.98 -4.50
C VAL B 552 -18.49 22.21 -5.52
N PHE B 553 -17.99 22.11 -6.75
CA PHE B 553 -18.50 21.18 -7.75
C PHE B 553 -17.58 19.99 -7.92
N SER B 554 -17.00 19.50 -6.82
CA SER B 554 -16.07 18.39 -6.86
C SER B 554 -16.76 17.03 -6.97
N PHE B 555 -18.09 17.01 -6.97
CA PHE B 555 -18.83 15.80 -7.32
C PHE B 555 -18.79 15.51 -8.81
N LEU B 556 -18.38 16.47 -9.62
CA LEU B 556 -18.52 16.41 -11.07
C LEU B 556 -17.27 15.85 -11.72
N ASN B 557 -16.21 15.64 -10.94
CA ASN B 557 -14.92 15.08 -11.32
C ASN B 557 -14.89 13.66 -11.90
N PRO B 558 -15.67 12.62 -11.39
CA PRO B 558 -15.46 11.26 -11.90
C PRO B 558 -15.78 11.01 -13.36
N LEU B 559 -16.43 11.96 -14.02
CA LEU B 559 -16.56 11.94 -15.47
C LEU B 559 -15.92 13.20 -16.03
N SER B 560 -15.23 13.05 -17.15
CA SER B 560 -14.58 14.16 -17.82
C SER B 560 -15.63 15.13 -18.38
N PRO B 561 -15.28 16.41 -18.56
CA PRO B 561 -16.27 17.37 -19.08
C PRO B 561 -16.69 17.12 -20.52
N ASP B 562 -15.97 16.28 -21.26
CA ASP B 562 -16.47 15.84 -22.56
C ASP B 562 -17.62 14.86 -22.38
N ILE B 563 -17.57 14.04 -21.33
CA ILE B 563 -18.61 13.04 -21.09
C ILE B 563 -19.87 13.69 -20.56
N TRP B 564 -19.74 14.71 -19.71
CA TRP B 564 -20.92 15.40 -19.18
C TRP B 564 -21.67 16.17 -20.26
N MET B 565 -20.96 16.57 -21.33
CA MET B 565 -21.63 17.20 -22.46
C MET B 565 -22.21 16.17 -23.42
N TYR B 566 -21.56 15.02 -23.58
CA TYR B 566 -22.05 14.02 -24.52
C TYR B 566 -23.29 13.32 -23.99
N VAL B 567 -23.46 13.27 -22.67
CA VAL B 567 -24.70 12.74 -22.10
C VAL B 567 -25.84 13.73 -22.31
N LEU B 568 -25.55 15.03 -22.17
CA LEU B 568 -26.55 16.07 -22.41
C LEU B 568 -26.95 16.11 -23.87
N LEU B 569 -26.01 15.83 -24.78
CA LEU B 569 -26.35 15.77 -26.19
C LEU B 569 -26.96 14.42 -26.55
N ALA B 570 -26.88 13.44 -25.66
CA ALA B 570 -27.53 12.16 -25.92
C ALA B 570 -29.00 12.21 -25.57
N CYS B 571 -29.35 12.93 -24.50
CA CYS B 571 -30.76 13.13 -24.14
C CYS B 571 -31.49 13.91 -25.21
N LEU B 572 -30.83 14.94 -25.74
CA LEU B 572 -31.40 15.69 -26.86
C LEU B 572 -31.41 14.83 -28.12
N GLY B 573 -30.45 13.93 -28.26
CA GLY B 573 -30.40 13.08 -29.44
C GLY B 573 -31.44 11.99 -29.41
N VAL B 574 -31.62 11.34 -28.26
CA VAL B 574 -32.54 10.20 -28.16
C VAL B 574 -33.98 10.68 -28.20
N SER B 575 -34.29 11.76 -27.48
CA SER B 575 -35.67 12.19 -27.37
C SER B 575 -36.16 12.88 -28.65
N CYS B 576 -35.23 13.34 -29.50
CA CYS B 576 -35.62 13.79 -30.82
C CYS B 576 -35.79 12.60 -31.77
N VAL B 577 -35.14 11.48 -31.47
CA VAL B 577 -35.39 10.25 -32.22
C VAL B 577 -36.71 9.63 -31.78
N LEU B 578 -37.02 9.70 -30.47
CA LEU B 578 -38.27 9.17 -29.95
C LEU B 578 -39.49 9.89 -30.52
N PHE B 579 -39.39 11.21 -30.68
CA PHE B 579 -40.51 11.97 -31.22
C PHE B 579 -40.73 11.68 -32.70
N VAL B 580 -39.67 11.30 -33.41
CA VAL B 580 -39.79 10.98 -34.83
C VAL B 580 -40.34 9.57 -35.00
N ILE B 581 -39.82 8.61 -34.23
CA ILE B 581 -40.21 7.21 -34.40
C ILE B 581 -41.64 6.98 -33.96
N ALA B 582 -42.03 7.53 -32.81
CA ALA B 582 -43.33 7.24 -32.21
C ALA B 582 -44.50 7.82 -33.00
N ARG B 583 -44.28 8.94 -33.69
CA ARG B 583 -45.32 9.43 -34.60
C ARG B 583 -45.40 8.55 -35.84
N PHE B 584 -44.25 8.12 -36.35
CA PHE B 584 -44.20 7.33 -37.58
C PHE B 584 -44.63 5.88 -37.35
N SER B 585 -44.44 5.34 -36.14
CA SER B 585 -44.78 3.96 -35.87
C SER B 585 -46.29 3.81 -35.71
N PRO B 586 -46.92 2.87 -36.43
CA PRO B 586 -48.38 2.74 -36.38
C PRO B 586 -48.90 2.16 -35.08
N TYR B 587 -48.05 1.50 -34.29
CA TYR B 587 -48.50 0.81 -33.09
C TYR B 587 -48.42 1.66 -31.84
N GLU B 588 -47.84 2.86 -31.92
CA GLU B 588 -47.88 3.82 -30.82
C GLU B 588 -49.20 4.59 -30.78
N TRP B 589 -49.95 4.60 -31.89
CA TRP B 589 -51.25 5.23 -31.97
C TRP B 589 -52.30 4.19 -31.57
N TYR B 590 -53.01 4.44 -30.48
CA TYR B 590 -53.85 3.41 -29.86
C TYR B 590 -55.21 4.01 -29.53
N ASN B 591 -55.99 3.26 -28.73
CA ASN B 591 -57.33 3.57 -28.23
C ASN B 591 -57.21 4.25 -26.86
N PRO B 592 -57.28 5.59 -26.80
CA PRO B 592 -56.99 6.27 -25.52
C PRO B 592 -58.17 6.45 -24.59
N HIS B 593 -59.04 5.43 -24.48
CA HIS B 593 -59.94 5.20 -23.36
C HIS B 593 -60.51 3.78 -23.42
N PRO B 594 -59.77 2.77 -22.91
CA PRO B 594 -60.38 1.47 -22.69
C PRO B 594 -61.27 1.41 -21.46
N CYS B 595 -61.29 2.49 -20.68
CA CYS B 595 -62.19 2.65 -19.54
C CYS B 595 -63.64 2.81 -19.97
N ASN B 596 -63.89 3.13 -21.24
CA ASN B 596 -65.20 2.95 -21.86
C ASN B 596 -65.00 2.57 -23.32
N PRO B 597 -65.46 1.38 -23.73
CA PRO B 597 -64.96 0.70 -24.95
C PRO B 597 -65.16 1.37 -26.31
N ASP B 598 -65.70 2.61 -26.34
CA ASP B 598 -65.97 3.37 -27.56
C ASP B 598 -64.77 3.51 -28.48
N SER B 599 -65.03 3.63 -29.78
CA SER B 599 -64.00 3.51 -30.81
C SER B 599 -63.77 4.81 -31.56
N ASP B 600 -62.97 4.73 -32.64
CA ASP B 600 -62.61 5.80 -33.56
C ASP B 600 -61.90 6.94 -32.83
N VAL B 601 -60.87 6.59 -32.06
CA VAL B 601 -60.03 7.56 -31.35
C VAL B 601 -58.57 7.12 -31.46
N VAL B 602 -57.73 8.01 -31.97
CA VAL B 602 -56.34 7.70 -32.27
C VAL B 602 -55.47 8.80 -31.68
N GLU B 603 -54.76 8.45 -30.60
CA GLU B 603 -53.93 9.42 -29.89
C GLU B 603 -52.58 8.86 -29.48
N ASN B 604 -51.55 9.71 -29.55
CA ASN B 604 -50.20 9.34 -29.15
C ASN B 604 -49.87 9.95 -27.79
N ASN B 605 -49.06 9.25 -27.01
CA ASN B 605 -48.54 9.79 -25.76
C ASN B 605 -47.21 10.49 -25.91
N PHE B 606 -46.45 10.18 -26.95
CA PHE B 606 -45.13 10.78 -27.12
C PHE B 606 -45.23 12.08 -27.92
N THR B 607 -45.55 13.16 -27.19
CA THR B 607 -45.44 14.50 -27.73
C THR B 607 -43.98 14.95 -27.64
N LEU B 608 -43.73 16.24 -27.88
CA LEU B 608 -42.36 16.72 -27.80
C LEU B 608 -41.92 16.85 -26.35
N LEU B 609 -42.78 17.40 -25.51
CA LEU B 609 -42.44 17.54 -24.09
C LEU B 609 -42.45 16.18 -23.39
N ASN B 610 -43.28 15.25 -23.87
CA ASN B 610 -43.37 13.94 -23.25
C ASN B 610 -42.24 13.02 -23.69
N SER B 611 -41.48 13.41 -24.72
CA SER B 611 -40.37 12.58 -25.15
C SER B 611 -39.07 12.99 -24.46
N PHE B 612 -38.91 14.28 -24.17
CA PHE B 612 -37.77 14.71 -23.38
C PHE B 612 -37.93 14.32 -21.92
N TRP B 613 -39.15 14.02 -21.49
CA TRP B 613 -39.37 13.62 -20.10
C TRP B 613 -39.11 12.14 -19.92
N PHE B 614 -39.22 11.36 -20.99
CA PHE B 614 -38.79 9.97 -20.94
C PHE B 614 -37.27 9.91 -20.85
N GLY B 615 -36.58 10.67 -21.70
CA GLY B 615 -35.14 10.72 -21.72
C GLY B 615 -34.50 11.26 -20.46
N VAL B 616 -35.08 12.30 -19.87
CA VAL B 616 -34.61 12.80 -18.57
C VAL B 616 -34.97 11.81 -17.47
N GLY B 617 -36.19 11.28 -17.52
CA GLY B 617 -36.64 10.36 -16.48
C GLY B 617 -35.85 9.06 -16.46
N ALA B 618 -35.61 8.48 -17.63
CA ALA B 618 -34.84 7.25 -17.69
C ALA B 618 -33.37 7.47 -17.34
N LEU B 619 -32.87 8.70 -17.52
CA LEU B 619 -31.48 9.00 -17.19
C LEU B 619 -31.27 9.09 -15.69
N MET B 620 -32.22 9.65 -14.97
CA MET B 620 -32.10 9.89 -13.54
C MET B 620 -32.48 8.69 -12.69
N GLN B 621 -32.55 7.50 -13.30
CA GLN B 621 -32.87 6.22 -12.68
C GLN B 621 -34.25 6.16 -12.04
N GLN B 622 -35.11 7.13 -12.34
CA GLN B 622 -36.45 7.15 -11.80
C GLN B 622 -37.45 7.31 -12.93
N GLY B 623 -38.22 6.24 -13.15
CA GLY B 623 -39.05 6.11 -14.34
C GLY B 623 -40.18 7.11 -14.39
N SER B 624 -40.40 7.66 -15.58
CA SER B 624 -41.53 8.54 -15.86
C SER B 624 -42.79 7.69 -16.03
N GLU B 625 -43.93 8.35 -16.25
CA GLU B 625 -45.21 7.65 -16.33
C GLU B 625 -45.48 7.13 -17.73
N LEU B 626 -44.50 7.26 -18.62
CA LEU B 626 -44.64 6.92 -20.03
C LEU B 626 -43.75 5.74 -20.35
N MET B 627 -44.33 4.69 -20.89
CA MET B 627 -43.55 3.53 -21.34
C MET B 627 -43.88 3.24 -22.79
N PRO B 628 -42.87 2.98 -23.63
CA PRO B 628 -43.12 2.76 -25.06
C PRO B 628 -43.91 1.50 -25.35
N LYS B 629 -44.51 1.40 -26.54
CA LYS B 629 -45.44 0.29 -26.75
C LYS B 629 -45.21 -0.52 -28.02
N ALA B 630 -44.54 0.02 -29.06
CA ALA B 630 -44.69 -0.61 -30.36
C ALA B 630 -43.71 -1.77 -30.49
N LEU B 631 -42.50 -1.56 -30.98
CA LEU B 631 -41.30 -2.32 -30.67
C LEU B 631 -40.14 -1.36 -30.87
N SER B 632 -40.37 -0.39 -31.77
CA SER B 632 -39.30 0.47 -32.24
C SER B 632 -38.97 1.52 -31.20
N THR B 633 -39.97 2.02 -30.49
CA THR B 633 -39.69 2.87 -29.35
C THR B 633 -39.29 2.07 -28.12
N ARG B 634 -39.49 0.75 -28.14
CA ARG B 634 -38.97 -0.10 -27.07
C ARG B 634 -37.52 -0.48 -27.32
N ILE B 635 -37.01 -0.24 -28.53
CA ILE B 635 -35.58 -0.41 -28.77
C ILE B 635 -34.85 0.90 -28.48
N VAL B 636 -35.50 2.03 -28.76
CA VAL B 636 -34.95 3.32 -28.33
C VAL B 636 -35.01 3.42 -26.81
N GLY B 637 -36.09 2.91 -26.22
CA GLY B 637 -36.23 2.88 -24.79
C GLY B 637 -35.29 1.92 -24.11
N GLY B 638 -35.06 0.75 -24.71
CA GLY B 638 -34.24 -0.26 -24.05
C GLY B 638 -32.76 0.00 -24.15
N ILE B 639 -32.32 0.60 -25.27
CA ILE B 639 -30.93 0.98 -25.44
C ILE B 639 -30.57 2.16 -24.54
N TRP B 640 -31.49 3.11 -24.39
CA TRP B 640 -31.27 4.25 -23.52
C TRP B 640 -31.27 3.84 -22.05
N TRP B 641 -31.85 2.69 -21.74
CA TRP B 641 -31.77 2.18 -20.37
C TRP B 641 -30.44 1.51 -20.12
N PHE B 642 -29.90 0.79 -21.10
CA PHE B 642 -28.61 0.14 -20.93
C PHE B 642 -27.48 1.15 -20.96
N PHE B 643 -27.62 2.19 -21.78
CA PHE B 643 -26.71 3.34 -21.74
C PHE B 643 -26.65 3.95 -20.35
N THR B 644 -27.80 4.04 -19.70
CA THR B 644 -27.92 4.78 -18.45
C THR B 644 -27.34 3.99 -17.28
N LEU B 645 -27.48 2.67 -17.28
CA LEU B 645 -26.86 1.83 -16.26
C LEU B 645 -25.34 1.96 -16.29
N ILE B 646 -24.78 2.02 -17.50
CA ILE B 646 -23.32 2.05 -17.63
C ILE B 646 -22.79 3.42 -17.20
N ILE B 647 -23.57 4.48 -17.40
CA ILE B 647 -23.11 5.82 -17.02
C ILE B 647 -23.19 6.02 -15.51
N ILE B 648 -24.31 5.61 -14.88
CA ILE B 648 -24.48 5.78 -13.44
C ILE B 648 -23.54 4.85 -12.67
N SER B 649 -23.31 3.65 -13.18
CA SER B 649 -22.37 2.75 -12.50
C SER B 649 -20.94 3.19 -12.68
N SER B 650 -20.64 3.92 -13.76
CA SER B 650 -19.29 4.43 -13.94
C SER B 650 -19.06 5.71 -13.14
N TYR B 651 -20.13 6.46 -12.89
CA TYR B 651 -20.01 7.60 -11.99
C TYR B 651 -19.80 7.13 -10.55
N THR B 652 -20.56 6.11 -10.12
CA THR B 652 -20.49 5.65 -8.75
C THR B 652 -19.17 4.94 -8.48
N ALA B 653 -18.63 4.26 -9.48
CA ALA B 653 -17.41 3.48 -9.27
C ALA B 653 -16.15 4.29 -9.50
N ASN B 654 -16.24 5.42 -10.20
CA ASN B 654 -15.08 6.28 -10.31
C ASN B 654 -15.05 7.28 -9.16
N LEU B 655 -16.22 7.62 -8.62
CA LEU B 655 -16.24 8.39 -7.37
C LEU B 655 -15.77 7.54 -6.21
N ALA B 656 -16.00 6.23 -6.26
CA ALA B 656 -15.51 5.35 -5.21
C ALA B 656 -14.03 5.11 -5.34
N ALA B 657 -13.45 5.44 -6.50
CA ALA B 657 -11.99 5.41 -6.64
C ALA B 657 -11.39 6.75 -6.22
N PHE B 658 -12.10 7.85 -6.49
CA PHE B 658 -11.60 9.17 -6.11
C PHE B 658 -11.63 9.42 -4.62
N LEU B 659 -12.49 8.75 -3.88
CA LEU B 659 -12.63 9.01 -2.46
C LEU B 659 -11.72 8.16 -1.59
N THR B 660 -11.39 6.94 -2.02
CA THR B 660 -10.50 6.13 -1.20
C THR B 660 -9.02 6.35 -1.55
N VAL B 661 -8.74 6.83 -2.76
CA VAL B 661 -7.37 7.09 -3.16
C VAL B 661 -7.24 8.59 -3.39
N GLU B 662 -6.83 9.32 -2.36
CA GLU B 662 -6.64 10.76 -2.48
C GLU B 662 -5.32 11.04 -3.19
N ARG B 663 -5.38 11.81 -4.26
CA ARG B 663 -4.18 12.16 -5.03
C ARG B 663 -4.18 13.67 -5.25
N MET B 664 -3.34 14.37 -4.49
CA MET B 664 -3.27 15.82 -4.53
C MET B 664 -2.27 16.27 -5.59
N GLU B 665 -2.53 17.43 -6.17
CA GLU B 665 -1.68 18.01 -7.21
C GLU B 665 -1.36 19.44 -6.86
N SER B 666 -0.08 19.80 -6.89
CA SER B 666 0.32 21.18 -6.65
C SER B 666 0.11 22.02 -7.91
N PRO B 667 -0.23 23.30 -7.78
CA PRO B 667 -0.39 24.15 -8.97
C PRO B 667 0.90 24.41 -9.70
N ILE B 668 2.04 24.35 -9.01
CA ILE B 668 3.35 24.58 -9.59
C ILE B 668 4.22 23.36 -9.36
N ASP B 669 5.09 23.06 -10.31
CA ASP B 669 6.03 21.96 -10.17
C ASP B 669 7.39 22.35 -10.75
N SER B 670 7.58 23.64 -10.98
CA SER B 670 8.83 24.16 -11.54
C SER B 670 8.96 25.65 -11.29
N ALA B 671 9.90 26.29 -11.98
CA ALA B 671 10.05 27.73 -11.85
C ALA B 671 9.38 28.47 -13.00
N ASP B 672 9.25 27.84 -14.16
CA ASP B 672 8.57 28.50 -15.27
C ASP B 672 7.07 28.41 -15.12
N ASP B 673 6.58 27.38 -14.43
CA ASP B 673 5.17 27.32 -14.06
C ASP B 673 4.88 28.33 -12.96
N LEU B 674 5.90 28.64 -12.17
CA LEU B 674 5.75 29.61 -11.09
C LEU B 674 6.09 31.02 -11.57
N ALA B 675 6.68 31.13 -12.75
CA ALA B 675 6.94 32.42 -13.37
C ALA B 675 5.64 33.01 -13.91
N LYS B 676 4.68 32.13 -14.24
CA LYS B 676 3.42 32.56 -14.85
C LYS B 676 2.38 32.90 -13.78
N GLN B 677 2.39 32.16 -12.67
CA GLN B 677 1.40 32.35 -11.62
C GLN B 677 1.63 33.63 -10.85
N THR B 678 0.82 34.66 -11.15
CA THR B 678 0.91 35.92 -10.43
C THR B 678 0.08 35.80 -9.15
N LYS B 679 -0.79 34.79 -9.10
CA LYS B 679 -1.53 34.48 -7.88
C LYS B 679 -0.60 34.03 -6.76
N ILE B 680 0.46 33.31 -7.11
CA ILE B 680 1.44 32.85 -6.13
C ILE B 680 2.63 33.81 -6.14
N GLU B 681 2.90 34.43 -5.00
CA GLU B 681 3.95 35.45 -4.88
C GLU B 681 5.22 34.78 -4.40
N TYR B 682 6.36 35.42 -4.66
CA TYR B 682 7.65 34.73 -4.53
C TYR B 682 8.23 34.99 -3.15
N GLY B 683 9.51 34.70 -2.98
CA GLY B 683 10.21 35.01 -1.74
C GLY B 683 11.68 34.63 -1.81
N ALA B 684 12.52 35.54 -1.29
CA ALA B 684 13.95 35.33 -1.17
C ALA B 684 14.48 36.33 -0.14
N VAL B 685 15.64 36.01 0.42
CA VAL B 685 16.29 36.85 1.42
C VAL B 685 16.85 38.10 0.76
N GLU B 686 16.67 39.26 1.38
CA GLU B 686 17.31 40.48 0.92
C GLU B 686 18.81 40.37 1.05
N ASP B 687 19.51 40.64 -0.07
CA ASP B 687 20.96 40.56 -0.22
C ASP B 687 21.49 39.19 0.17
N GLY B 688 20.97 38.14 -0.44
CA GLY B 688 21.46 36.80 -0.20
C GLY B 688 22.14 36.26 -1.45
N ALA B 689 22.56 35.00 -1.35
CA ALA B 689 23.16 34.35 -2.51
C ALA B 689 22.11 33.96 -3.53
N THR B 690 20.83 33.91 -3.11
CA THR B 690 19.74 33.61 -4.03
C THR B 690 19.29 34.86 -4.78
N MET B 691 19.20 35.99 -4.07
CA MET B 691 18.74 37.21 -4.70
C MET B 691 19.77 37.75 -5.69
N THR B 692 21.05 37.48 -5.43
CA THR B 692 22.10 37.92 -6.34
C THR B 692 22.07 37.11 -7.63
N PHE B 693 21.59 35.86 -7.56
CA PHE B 693 21.46 35.02 -8.74
C PHE B 693 20.40 35.56 -9.70
N PHE B 694 19.24 35.93 -9.16
CA PHE B 694 18.16 36.41 -10.02
C PHE B 694 18.40 37.83 -10.49
N LYS B 695 19.16 38.62 -9.73
CA LYS B 695 19.53 39.96 -10.17
C LYS B 695 20.50 39.89 -11.34
N LYS B 696 21.48 39.00 -11.28
CA LYS B 696 22.51 38.88 -12.30
C LYS B 696 22.11 37.97 -13.45
N SER B 697 20.90 37.42 -13.43
CA SER B 697 20.53 36.40 -14.39
C SER B 697 20.24 36.98 -15.77
N LYS B 698 20.26 36.13 -16.79
CA LYS B 698 19.91 36.53 -18.15
C LYS B 698 19.00 35.48 -18.76
N ILE B 699 18.65 34.46 -17.99
CA ILE B 699 17.67 33.47 -18.43
C ILE B 699 16.31 34.15 -18.50
N SER B 700 15.53 33.81 -19.52
CA SER B 700 14.26 34.49 -19.77
C SER B 700 13.25 34.22 -18.66
N THR B 701 13.34 33.06 -18.01
CA THR B 701 12.49 32.79 -16.86
C THR B 701 12.99 33.53 -15.62
N TYR B 702 14.31 33.52 -15.41
CA TYR B 702 14.85 33.99 -14.14
C TYR B 702 15.06 35.49 -14.16
N ASP B 703 14.86 36.13 -15.32
CA ASP B 703 14.81 37.58 -15.38
C ASP B 703 13.36 38.06 -15.34
N LYS B 704 12.44 37.25 -15.86
CA LYS B 704 11.02 37.49 -15.62
C LYS B 704 10.67 37.30 -14.15
N MET B 705 11.28 36.30 -13.50
CA MET B 705 11.08 36.10 -12.07
C MET B 705 11.72 37.20 -11.24
N TRP B 706 12.71 37.91 -11.77
CA TRP B 706 13.26 39.05 -11.06
C TRP B 706 12.41 40.29 -11.29
N ALA B 707 11.67 40.33 -12.40
CA ALA B 707 10.78 41.45 -12.70
C ALA B 707 9.61 41.52 -11.73
N PHE B 708 9.24 40.36 -11.16
CA PHE B 708 8.24 40.33 -10.11
C PHE B 708 8.80 40.88 -8.80
N MET B 709 9.85 40.24 -8.29
CA MET B 709 10.33 40.47 -6.93
C MET B 709 11.26 41.67 -6.81
N SER B 710 11.54 42.39 -7.89
CA SER B 710 12.13 43.71 -7.79
C SER B 710 11.07 44.80 -7.80
N SER B 711 9.93 44.52 -8.44
CA SER B 711 8.78 45.42 -8.42
C SER B 711 8.15 45.46 -7.05
N ARG B 712 7.88 44.29 -6.48
CA ARG B 712 7.16 44.21 -5.21
C ARG B 712 8.04 44.69 -4.06
N ARG B 713 9.17 44.00 -3.79
CA ARG B 713 10.29 44.53 -3.02
C ARG B 713 9.96 44.98 -1.60
N GLN B 714 9.97 44.01 -0.65
CA GLN B 714 9.56 44.01 0.76
C GLN B 714 8.07 43.72 0.83
N SER B 715 7.45 43.55 -0.33
CA SER B 715 6.22 42.76 -0.37
C SER B 715 6.51 41.27 -0.49
N VAL B 716 7.60 40.87 -1.15
CA VAL B 716 7.98 39.47 -1.29
C VAL B 716 9.43 39.22 -0.92
N LEU B 717 10.04 40.10 -0.12
CA LEU B 717 11.44 39.88 0.23
C LEU B 717 11.65 39.89 1.73
N VAL B 718 11.78 38.70 2.32
CA VAL B 718 11.98 38.54 3.75
C VAL B 718 13.41 38.88 4.14
N LYS B 719 13.67 38.92 5.46
CA LYS B 719 14.99 39.27 5.96
C LYS B 719 15.85 38.08 6.36
N SER B 720 15.27 36.89 6.51
CA SER B 720 16.05 35.72 6.86
C SER B 720 15.37 34.47 6.29
N ASN B 721 15.96 33.31 6.58
CA ASN B 721 15.36 32.07 6.11
C ASN B 721 14.17 31.68 6.97
N GLU B 722 14.23 31.95 8.27
CA GLU B 722 13.16 31.51 9.17
C GLU B 722 11.92 32.39 8.99
N GLU B 723 12.10 33.65 8.62
CA GLU B 723 10.96 34.51 8.34
C GLU B 723 10.27 34.10 7.06
N GLY B 724 11.02 33.58 6.10
CA GLY B 724 10.43 33.16 4.84
C GLY B 724 9.70 31.84 4.93
N ILE B 725 10.15 30.94 5.81
CA ILE B 725 9.48 29.66 6.00
C ILE B 725 8.10 29.87 6.64
N GLN B 726 7.99 30.84 7.54
CA GLN B 726 6.72 31.13 8.19
C GLN B 726 5.71 31.71 7.20
N ARG B 727 6.19 32.45 6.20
CA ARG B 727 5.27 33.04 5.24
C ARG B 727 4.82 32.03 4.18
N VAL B 728 5.49 30.88 4.11
CA VAL B 728 4.95 29.79 3.30
C VAL B 728 3.83 29.18 4.12
N LEU B 729 4.02 29.16 5.43
CA LEU B 729 3.09 28.48 6.31
C LEU B 729 1.84 29.34 6.56
N THR B 730 2.02 30.66 6.68
CA THR B 730 0.90 31.59 6.87
C THR B 730 0.34 32.16 5.57
N SER B 731 1.16 32.86 4.79
CA SER B 731 0.73 33.42 3.49
C SER B 731 0.76 32.33 2.44
N ASP B 732 0.75 32.67 1.14
CA ASP B 732 0.59 31.57 0.19
C ASP B 732 1.91 30.83 -0.03
N TYR B 733 2.73 31.16 -1.05
CA TYR B 733 4.04 31.80 -1.02
C TYR B 733 4.86 31.13 -2.11
N ALA B 734 6.08 31.57 -2.39
CA ALA B 734 7.03 30.74 -3.13
C ALA B 734 8.46 31.08 -2.73
N PHE B 735 9.03 30.36 -1.77
CA PHE B 735 10.24 30.86 -1.15
C PHE B 735 11.47 30.23 -1.77
N LEU B 736 12.19 31.04 -2.56
CA LEU B 736 13.41 30.66 -3.27
C LEU B 736 14.59 30.70 -2.30
N MET B 737 15.06 29.54 -1.88
CA MET B 737 16.19 29.48 -0.96
C MET B 737 17.10 28.33 -1.38
N GLU B 738 18.14 28.06 -0.59
CA GLU B 738 19.11 27.04 -0.88
C GLU B 738 18.49 25.66 -0.74
N SER B 739 19.07 24.63 -1.36
CA SER B 739 18.40 23.35 -1.45
C SER B 739 18.75 22.36 -0.37
N THR B 740 19.80 22.61 0.42
CA THR B 740 20.06 21.73 1.56
C THR B 740 19.29 22.20 2.78
N THR B 741 18.91 23.48 2.81
CA THR B 741 18.09 23.96 3.90
C THR B 741 16.64 23.58 3.68
N ILE B 742 16.24 23.40 2.42
CA ILE B 742 14.91 22.89 2.12
C ILE B 742 14.78 21.44 2.57
N GLU B 743 15.76 20.60 2.24
CA GLU B 743 15.71 19.18 2.57
C GLU B 743 15.75 18.94 4.08
N PHE B 744 16.30 19.91 4.82
CA PHE B 744 16.20 19.89 6.27
C PHE B 744 14.79 20.21 6.74
N VAL B 745 14.20 21.28 6.22
CA VAL B 745 12.92 21.77 6.70
C VAL B 745 11.77 20.90 6.20
N THR B 746 11.90 20.35 4.98
CA THR B 746 10.86 19.51 4.38
C THR B 746 10.67 18.21 5.16
N GLN B 747 11.67 17.79 5.93
CA GLN B 747 11.54 16.57 6.71
C GLN B 747 11.20 16.82 8.18
N ARG B 748 11.19 18.07 8.62
CA ARG B 748 10.69 18.39 9.96
C ARG B 748 9.22 18.73 9.89
N ASN B 749 8.87 19.75 9.11
CA ASN B 749 7.47 20.04 8.82
C ASN B 749 6.96 19.06 7.78
N CYS B 750 5.72 18.61 7.94
CA CYS B 750 5.15 17.69 6.97
C CYS B 750 4.07 18.35 6.12
N ASN B 751 3.96 19.67 6.18
CA ASN B 751 3.15 20.44 5.25
C ASN B 751 3.97 21.44 4.46
N LEU B 752 5.27 21.20 4.37
CA LEU B 752 6.17 21.95 3.50
C LEU B 752 6.79 20.96 2.53
N THR B 753 6.82 21.32 1.25
CA THR B 753 7.37 20.42 0.25
C THR B 753 8.27 21.20 -0.68
N GLN B 754 9.14 20.47 -1.37
CA GLN B 754 10.03 21.05 -2.37
C GLN B 754 9.46 20.81 -3.74
N ILE B 755 9.17 21.90 -4.46
CA ILE B 755 8.61 21.78 -5.80
C ILE B 755 9.74 22.10 -6.78
N GLY B 756 9.81 21.34 -7.86
CA GLY B 756 10.80 21.56 -8.88
C GLY B 756 12.13 20.94 -8.49
N GLY B 757 13.15 21.28 -9.26
CA GLY B 757 14.49 20.78 -8.98
C GLY B 757 15.41 21.94 -8.65
N LEU B 758 16.70 21.68 -8.80
CA LEU B 758 17.70 22.69 -8.50
C LEU B 758 17.79 23.71 -9.64
N ILE B 759 17.90 24.98 -9.25
CA ILE B 759 18.01 26.08 -10.21
C ILE B 759 19.45 26.50 -10.45
N ASP B 760 20.20 26.80 -9.39
CA ASP B 760 21.62 27.11 -9.50
C ASP B 760 22.35 25.82 -9.18
N SER B 761 23.68 25.84 -9.25
CA SER B 761 24.50 24.73 -8.82
C SER B 761 25.73 25.27 -8.11
N LYS B 762 25.81 25.01 -6.80
CA LYS B 762 26.85 25.56 -5.95
C LYS B 762 27.42 24.43 -5.11
N GLY B 763 28.31 24.76 -4.19
CA GLY B 763 28.89 23.73 -3.35
C GLY B 763 29.56 24.25 -2.10
N TYR B 764 29.52 23.47 -1.03
CA TYR B 764 30.12 23.82 0.25
C TYR B 764 31.50 23.20 0.33
N GLY B 765 32.51 24.03 0.51
CA GLY B 765 33.87 23.55 0.59
C GLY B 765 34.56 24.04 1.83
N VAL B 766 35.37 23.16 2.42
CA VAL B 766 36.18 23.48 3.59
C VAL B 766 37.24 24.50 3.22
N GLY B 767 37.14 25.69 3.78
CA GLY B 767 38.12 26.73 3.50
C GLY B 767 39.43 26.45 4.20
N THR B 768 40.50 27.08 3.73
CA THR B 768 41.84 26.96 4.29
C THR B 768 42.55 28.23 3.82
N PRO B 769 43.67 28.67 4.45
CA PRO B 769 44.35 29.87 3.95
C PRO B 769 45.00 29.66 2.59
N MET B 770 45.51 30.73 1.99
CA MET B 770 46.05 30.73 0.63
C MET B 770 47.24 29.78 0.49
N GLY B 771 48.25 29.95 1.33
CA GLY B 771 49.30 28.96 1.38
C GLY B 771 49.03 27.93 2.45
N SER B 772 48.46 26.79 2.04
CA SER B 772 48.10 25.78 3.03
C SER B 772 48.24 24.37 2.45
N PRO B 773 48.96 23.48 3.13
CA PRO B 773 49.02 22.08 2.71
C PRO B 773 47.70 21.35 2.91
N TYR B 774 46.83 21.90 3.76
CA TYR B 774 45.59 21.22 4.10
C TYR B 774 44.50 21.42 3.06
N ARG B 775 44.76 22.17 1.98
CA ARG B 775 43.82 22.16 0.87
C ARG B 775 43.81 20.79 0.20
N ASP B 776 44.99 20.35 -0.25
CA ASP B 776 45.08 19.10 -1.01
C ASP B 776 44.88 17.89 -0.12
N LYS B 777 45.31 17.96 1.14
CA LYS B 777 45.24 16.77 2.00
C LYS B 777 43.81 16.49 2.45
N ILE B 778 42.96 17.51 2.45
CA ILE B 778 41.55 17.31 2.76
C ILE B 778 40.77 17.02 1.48
N THR B 779 41.22 17.58 0.35
CA THR B 779 40.68 17.24 -0.96
C THR B 779 40.79 15.75 -1.25
N ILE B 780 41.93 15.14 -0.93
CA ILE B 780 42.05 13.69 -0.96
C ILE B 780 41.15 13.04 0.09
N ALA B 781 41.01 13.69 1.26
CA ALA B 781 40.27 13.07 2.35
C ALA B 781 38.75 13.11 2.12
N ILE B 782 38.24 14.21 1.56
CA ILE B 782 36.81 14.30 1.24
C ILE B 782 36.45 13.29 0.16
N LEU B 783 37.36 13.07 -0.79
CA LEU B 783 37.16 12.05 -1.82
C LEU B 783 37.36 10.64 -1.28
N GLN B 784 37.88 10.49 -0.07
CA GLN B 784 38.02 9.16 0.51
C GLN B 784 36.78 8.75 1.29
N LEU B 785 36.17 9.70 2.01
CA LEU B 785 34.94 9.40 2.73
C LEU B 785 33.76 9.20 1.79
N GLN B 786 33.83 9.78 0.59
CA GLN B 786 32.74 9.68 -0.38
C GLN B 786 32.65 8.30 -0.98
N GLU B 787 33.78 7.73 -1.42
CA GLU B 787 33.74 6.43 -2.05
C GLU B 787 33.57 5.32 -1.03
N GLU B 788 34.05 5.54 0.19
CA GLU B 788 33.71 4.63 1.29
C GLU B 788 32.26 4.81 1.72
N GLY B 789 31.68 5.97 1.47
CA GLY B 789 30.27 6.20 1.71
C GLY B 789 29.97 7.01 2.95
N LYS B 790 30.93 7.75 3.51
CA LYS B 790 30.69 8.41 4.78
C LYS B 790 30.05 9.79 4.63
N LEU B 791 30.21 10.46 3.47
CA LEU B 791 29.50 11.71 3.29
C LEU B 791 28.01 11.49 3.14
N HIS B 792 27.61 10.31 2.66
CA HIS B 792 26.18 10.01 2.55
C HIS B 792 25.61 9.60 3.90
N MET B 793 26.37 8.82 4.68
CA MET B 793 25.86 8.29 5.94
C MET B 793 25.78 9.38 7.00
N MET B 794 26.65 10.39 6.93
CA MET B 794 26.50 11.54 7.81
C MET B 794 25.26 12.35 7.45
N LYS B 795 24.98 12.46 6.15
CA LYS B 795 23.83 13.23 5.70
C LYS B 795 22.53 12.52 6.04
N GLU B 796 22.55 11.19 6.01
CA GLU B 796 21.39 10.41 6.46
C GLU B 796 21.17 10.56 7.96
N LYS B 797 22.23 10.86 8.70
CA LYS B 797 22.13 10.98 10.15
C LYS B 797 21.54 12.33 10.55
N TRP B 798 21.97 13.40 9.90
CA TRP B 798 21.68 14.74 10.41
C TRP B 798 20.57 15.47 9.66
N TRP B 799 20.12 14.97 8.52
CA TRP B 799 19.00 15.59 7.84
C TRP B 799 17.68 14.84 8.00
N ARG B 800 17.73 13.52 8.25
CA ARG B 800 16.49 12.78 8.44
C ARG B 800 15.81 13.11 9.76
N GLY B 801 14.50 12.95 9.81
CA GLY B 801 13.73 13.36 10.96
C GLY B 801 12.59 12.39 11.20
N ASN B 802 11.40 12.96 11.33
CA ASN B 802 10.19 12.19 11.62
C ASN B 802 9.83 11.26 10.45
N GLY B 803 9.88 11.79 9.23
CA GLY B 803 9.71 10.94 8.06
C GLY B 803 8.48 11.23 7.24
N CYS B 804 7.48 11.87 7.88
CA CYS B 804 6.15 12.17 7.35
C CYS B 804 5.46 10.93 6.77
N PRO B 805 5.11 9.93 7.60
CA PRO B 805 4.59 8.68 7.03
C PRO B 805 3.09 8.69 6.77
N GLU B 806 2.55 9.76 6.18
CA GLU B 806 1.11 9.85 5.96
C GLU B 806 0.78 9.47 4.52
N GLU B 807 1.07 8.21 4.19
CA GLU B 807 0.59 7.61 2.94
C GLU B 807 -0.59 6.68 3.20
N GLU B 808 -0.85 6.34 4.46
CA GLU B 808 -2.01 5.55 4.86
C GLU B 808 -3.16 6.53 5.10
N SER B 809 -4.20 6.41 4.28
CA SER B 809 -5.32 7.36 4.37
C SER B 809 -6.17 7.07 5.59
N LYS B 810 -6.68 8.14 6.20
CA LYS B 810 -7.74 8.04 7.18
C LYS B 810 -9.02 7.58 6.48
N GLU B 811 -9.97 7.04 7.24
CA GLU B 811 -11.29 6.71 6.73
C GLU B 811 -11.91 7.97 6.12
N ALA B 812 -12.10 7.92 4.80
CA ALA B 812 -11.79 9.00 3.86
C ALA B 812 -12.16 10.41 4.29
N SER B 813 -13.46 10.67 4.37
CA SER B 813 -14.05 11.90 4.87
C SER B 813 -15.55 11.74 4.90
N ALA B 814 -16.22 12.26 5.92
CA ALA B 814 -17.64 12.48 5.78
C ALA B 814 -17.81 13.64 4.82
N LEU B 815 -18.48 13.42 3.69
CA LEU B 815 -18.62 14.46 2.68
C LEU B 815 -19.50 15.59 3.18
N GLY B 816 -18.98 16.80 3.07
CA GLY B 816 -19.67 17.96 3.60
C GLY B 816 -20.07 18.93 2.51
N VAL B 817 -20.31 20.19 2.89
CA VAL B 817 -20.71 21.21 1.92
C VAL B 817 -19.48 21.72 1.17
N GLN B 818 -18.30 21.29 1.60
CA GLN B 818 -17.07 21.51 0.88
C GLN B 818 -16.80 20.47 -0.20
N ASN B 819 -17.50 19.34 -0.20
CA ASN B 819 -17.22 18.27 -1.14
C ASN B 819 -18.33 18.06 -2.15
N ILE B 820 -19.55 17.75 -1.70
CA ILE B 820 -20.65 17.65 -2.65
C ILE B 820 -21.15 19.06 -2.95
N GLY B 821 -21.74 19.74 -1.98
CA GLY B 821 -21.75 21.20 -1.97
C GLY B 821 -22.56 21.92 -3.03
N GLY B 822 -22.21 21.70 -4.30
CA GLY B 822 -22.80 22.42 -5.39
C GLY B 822 -24.01 21.75 -5.99
N ILE B 823 -24.50 20.69 -5.37
CA ILE B 823 -25.82 20.18 -5.71
C ILE B 823 -26.89 20.92 -4.95
N PHE B 824 -26.49 21.70 -3.95
CA PHE B 824 -27.42 22.63 -3.31
C PHE B 824 -27.46 23.93 -4.09
N ILE B 825 -26.48 24.16 -4.95
CA ILE B 825 -26.48 25.34 -5.82
C ILE B 825 -27.34 25.08 -7.04
N VAL B 826 -27.19 23.92 -7.67
CA VAL B 826 -27.94 23.63 -8.89
C VAL B 826 -29.38 23.26 -8.55
N LEU B 827 -29.66 22.88 -7.31
CA LEU B 827 -31.04 22.69 -6.88
C LEU B 827 -31.76 24.02 -6.79
N ALA B 828 -31.15 25.00 -6.13
CA ALA B 828 -31.78 26.31 -5.99
C ALA B 828 -31.80 27.04 -7.33
N ALA B 829 -30.86 26.75 -8.21
CA ALA B 829 -30.89 27.34 -9.55
C ALA B 829 -31.97 26.70 -10.40
N GLY B 830 -32.40 25.48 -10.04
CA GLY B 830 -33.45 24.83 -10.81
C GLY B 830 -34.83 25.13 -10.27
N LEU B 831 -34.92 25.60 -9.03
CA LEU B 831 -36.20 26.01 -8.47
C LEU B 831 -36.52 27.46 -8.79
N VAL B 832 -35.49 28.30 -8.89
CA VAL B 832 -35.70 29.68 -9.33
C VAL B 832 -36.10 29.72 -10.80
N LEU B 833 -35.49 28.84 -11.61
CA LEU B 833 -35.90 28.68 -13.00
C LEU B 833 -37.31 28.14 -13.14
N SER B 834 -37.81 27.41 -12.14
CA SER B 834 -39.15 26.84 -12.22
C SER B 834 -40.21 27.89 -11.94
N VAL B 835 -39.88 28.91 -11.16
CA VAL B 835 -40.80 30.00 -10.87
C VAL B 835 -40.97 30.82 -12.14
N PHE B 836 -39.87 30.96 -12.90
CA PHE B 836 -39.90 31.80 -14.10
C PHE B 836 -40.65 31.12 -15.23
N VAL B 837 -40.73 29.79 -15.21
CA VAL B 837 -41.54 29.07 -16.19
C VAL B 837 -43.00 29.04 -15.74
N ALA B 838 -43.24 28.99 -14.43
CA ALA B 838 -44.61 28.97 -13.93
C ALA B 838 -45.29 30.32 -14.15
N VAL B 839 -44.53 31.41 -14.10
CA VAL B 839 -45.08 32.71 -14.47
C VAL B 839 -45.29 32.78 -15.98
N GLY B 840 -44.38 32.17 -16.74
CA GLY B 840 -44.52 32.17 -18.19
C GLY B 840 -45.66 31.31 -18.68
N GLU B 841 -46.01 30.27 -17.92
CA GLU B 841 -47.19 29.47 -18.25
C GLU B 841 -48.45 30.13 -17.72
N PHE B 842 -48.31 31.05 -16.77
CA PHE B 842 -49.47 31.79 -16.28
C PHE B 842 -49.83 32.91 -17.23
N LEU B 843 -48.83 33.44 -17.95
CA LEU B 843 -49.09 34.51 -18.92
C LEU B 843 -49.53 33.94 -20.25
N TYR B 844 -49.05 32.74 -20.60
CA TYR B 844 -49.41 32.14 -21.88
C TYR B 844 -50.82 31.57 -21.84
N LYS B 845 -51.37 31.38 -20.64
CA LYS B 845 -52.76 30.99 -20.50
C LYS B 845 -53.68 32.20 -20.47
N SER B 846 -53.27 33.29 -19.81
CA SER B 846 -54.08 34.51 -19.80
C SER B 846 -54.06 35.20 -21.15
N LYS B 847 -53.01 34.99 -21.95
CA LYS B 847 -53.03 35.44 -23.33
C LYS B 847 -53.95 34.59 -24.19
N LYS B 848 -54.13 33.32 -23.83
CA LYS B 848 -55.07 32.47 -24.55
C LYS B 848 -56.51 32.81 -24.20
N ASN B 849 -56.74 33.37 -23.01
CA ASN B 849 -58.08 33.81 -22.64
C ASN B 849 -58.50 35.04 -23.46
N ALA B 850 -57.54 35.86 -23.86
CA ALA B 850 -57.81 37.04 -24.67
C ALA B 850 -58.06 36.65 -26.12
N ARG C 431 54.10 29.59 -24.69
CA ARG C 431 53.89 28.55 -25.69
C ARG C 431 52.44 28.07 -25.72
N SER C 432 52.10 27.31 -26.75
CA SER C 432 50.77 26.73 -26.85
C SER C 432 50.67 25.46 -26.00
N LEU C 433 49.64 25.40 -25.17
CA LEU C 433 49.45 24.27 -24.26
C LEU C 433 48.95 23.06 -25.05
N ILE C 434 49.18 21.89 -24.48
CA ILE C 434 48.75 20.63 -25.05
C ILE C 434 47.54 20.15 -24.26
N VAL C 435 46.39 20.06 -24.93
CA VAL C 435 45.16 19.63 -24.28
C VAL C 435 44.87 18.19 -24.66
N THR C 436 45.10 17.26 -23.74
CA THR C 436 44.85 15.87 -24.03
C THR C 436 43.43 15.48 -23.64
N THR C 437 42.60 15.26 -24.64
CA THR C 437 41.19 14.97 -24.44
C THR C 437 40.77 13.70 -25.19
N ILE C 438 39.51 13.34 -25.04
CA ILE C 438 39.00 12.06 -25.51
C ILE C 438 37.68 12.32 -26.22
N LEU C 439 37.24 11.35 -27.03
CA LEU C 439 36.03 11.49 -27.83
C LEU C 439 34.81 11.05 -27.02
N GLU C 440 33.85 11.95 -26.86
CA GLU C 440 32.66 11.71 -26.08
C GLU C 440 31.58 12.64 -26.64
N GLU C 441 30.32 12.36 -26.34
CA GLU C 441 29.26 13.22 -26.83
C GLU C 441 28.43 13.62 -25.62
N PRO C 442 27.99 14.90 -25.50
CA PRO C 442 28.16 16.16 -26.23
C PRO C 442 29.48 16.86 -26.01
N TYR C 443 30.46 16.11 -25.52
CA TYR C 443 31.80 16.59 -25.26
C TYR C 443 32.59 16.60 -26.56
N VAL C 444 33.92 16.51 -26.48
CA VAL C 444 34.81 16.63 -27.64
C VAL C 444 34.43 15.63 -28.74
N LEU C 445 34.13 16.17 -29.92
CA LEU C 445 33.59 15.43 -31.06
C LEU C 445 34.44 15.73 -32.29
N PHE C 446 33.95 15.32 -33.46
CA PHE C 446 34.48 15.77 -34.75
C PHE C 446 33.43 16.62 -35.44
N LYS C 447 33.87 17.64 -36.17
CA LYS C 447 32.95 18.45 -36.94
C LYS C 447 32.59 17.76 -38.26
N LYS C 448 31.34 17.92 -38.67
CA LYS C 448 30.85 17.34 -39.92
C LYS C 448 31.20 18.28 -41.06
N SER C 449 32.31 18.01 -41.74
CA SER C 449 32.75 18.81 -42.88
C SER C 449 33.63 17.96 -43.80
N ASP C 450 34.35 18.60 -44.71
CA ASP C 450 35.10 17.86 -45.73
C ASP C 450 36.54 18.35 -45.91
N LYS C 451 36.81 19.61 -45.54
CA LYS C 451 38.11 20.24 -45.74
C LYS C 451 39.18 19.58 -44.88
N PRO C 452 40.15 18.89 -45.49
CA PRO C 452 41.02 17.98 -44.72
C PRO C 452 42.07 18.67 -43.85
N LEU C 453 42.57 19.84 -44.25
CA LEU C 453 43.58 20.53 -43.47
C LEU C 453 42.92 21.36 -42.37
N TYR C 454 42.93 20.87 -41.13
CA TYR C 454 42.16 21.53 -40.07
C TYR C 454 43.00 22.42 -39.16
N GLY C 455 43.96 21.85 -38.44
CA GLY C 455 44.68 22.59 -37.43
C GLY C 455 43.81 22.91 -36.22
N ASN C 456 43.51 21.88 -35.42
CA ASN C 456 42.60 21.79 -34.27
C ASN C 456 41.27 22.54 -34.42
N ASP C 457 40.78 22.63 -35.66
CA ASP C 457 39.43 23.10 -35.92
C ASP C 457 38.52 21.96 -36.33
N ARG C 458 38.95 20.71 -36.22
CA ARG C 458 38.08 19.59 -36.50
C ARG C 458 37.26 19.17 -35.30
N PHE C 459 37.48 19.79 -34.14
CA PHE C 459 36.85 19.37 -32.89
C PHE C 459 35.70 20.30 -32.53
N GLU C 460 34.74 19.75 -31.78
CA GLU C 460 33.54 20.46 -31.42
C GLU C 460 32.97 19.83 -30.15
N GLY C 461 32.29 20.61 -29.34
CA GLY C 461 31.59 20.04 -28.20
C GLY C 461 31.65 20.96 -27.00
N TYR C 462 31.10 20.43 -25.90
CA TYR C 462 31.03 21.17 -24.64
C TYR C 462 32.42 21.51 -24.11
N CYS C 463 33.33 20.54 -24.11
CA CYS C 463 34.69 20.79 -23.63
C CYS C 463 35.57 21.44 -24.68
N ILE C 464 35.04 21.78 -25.84
CA ILE C 464 35.76 22.66 -26.74
C ILE C 464 35.27 24.09 -26.57
N ASP C 465 33.96 24.26 -26.33
CA ASP C 465 33.45 25.59 -26.00
C ASP C 465 33.90 26.02 -24.61
N LEU C 466 34.19 25.06 -23.73
CA LEU C 466 34.76 25.40 -22.43
C LEU C 466 36.22 25.78 -22.56
N LEU C 467 36.92 25.17 -23.52
CA LEU C 467 38.35 25.41 -23.66
C LEU C 467 38.62 26.74 -24.34
N ARG C 468 37.69 27.21 -25.17
CA ARG C 468 37.80 28.55 -25.73
C ARG C 468 37.65 29.61 -24.64
N GLU C 469 36.71 29.38 -23.73
CA GLU C 469 36.38 30.40 -22.73
C GLU C 469 37.35 30.37 -21.56
N LEU C 470 38.05 29.25 -21.37
CA LEU C 470 39.16 29.25 -20.41
C LEU C 470 40.36 29.96 -21.01
N SER C 471 40.61 29.77 -22.32
CA SER C 471 41.75 30.39 -22.96
C SER C 471 41.53 31.89 -23.16
N THR C 472 40.26 32.29 -23.24
CA THR C 472 39.89 33.69 -23.39
C THR C 472 40.32 34.52 -22.18
N ILE C 473 40.02 34.03 -20.98
CA ILE C 473 40.23 34.86 -19.79
C ILE C 473 41.52 34.50 -19.08
N LEU C 474 42.22 33.45 -19.53
CA LEU C 474 43.53 33.12 -18.99
C LEU C 474 44.65 33.33 -19.98
N GLY C 475 44.36 33.74 -21.21
CA GLY C 475 45.39 34.16 -22.13
C GLY C 475 45.95 33.13 -23.09
N PHE C 476 46.15 31.89 -22.61
CA PHE C 476 46.95 30.89 -23.32
C PHE C 476 46.38 30.49 -24.69
N THR C 477 47.25 29.99 -25.56
CA THR C 477 46.84 29.30 -26.77
C THR C 477 47.00 27.80 -26.52
N TYR C 478 46.31 27.00 -27.33
CA TYR C 478 46.21 25.57 -27.06
C TYR C 478 46.23 24.78 -28.36
N GLU C 479 46.63 23.52 -28.25
CA GLU C 479 46.65 22.58 -29.37
C GLU C 479 45.96 21.31 -28.89
N ILE C 480 44.79 21.02 -29.46
CA ILE C 480 44.02 19.85 -29.03
C ILE C 480 44.62 18.61 -29.65
N ARG C 481 45.21 17.75 -28.81
CA ARG C 481 45.82 16.49 -29.24
C ARG C 481 45.15 15.39 -28.43
N LEU C 482 44.38 14.53 -29.12
CA LEU C 482 43.65 13.44 -28.47
C LEU C 482 44.60 12.45 -27.82
N VAL C 483 44.10 11.78 -26.78
CA VAL C 483 44.86 10.70 -26.18
C VAL C 483 44.91 9.52 -27.16
N GLU C 484 46.11 8.94 -27.29
CA GLU C 484 46.31 7.85 -28.24
C GLU C 484 45.78 6.52 -27.75
N ASP C 485 45.64 6.35 -26.43
CA ASP C 485 45.16 5.10 -25.87
C ASP C 485 43.64 5.07 -25.94
N GLY C 486 43.02 6.24 -25.99
CA GLY C 486 41.57 6.34 -25.99
C GLY C 486 40.97 5.91 -24.66
N LYS C 487 41.67 6.21 -23.57
CA LYS C 487 41.30 5.76 -22.24
C LYS C 487 41.27 6.97 -21.31
N TYR C 488 40.39 6.92 -20.31
CA TYR C 488 40.32 7.98 -19.30
C TYR C 488 41.44 7.84 -18.29
N GLY C 489 41.47 6.77 -17.51
CA GLY C 489 42.53 6.59 -16.53
C GLY C 489 42.28 5.41 -15.61
N ALA C 490 43.31 4.59 -15.38
CA ALA C 490 43.12 3.37 -14.62
C ALA C 490 44.42 2.85 -14.03
N GLN C 491 44.38 2.51 -12.74
CA GLN C 491 45.42 1.72 -12.08
C GLN C 491 45.49 0.37 -12.78
N ASP C 492 46.60 0.12 -13.48
CA ASP C 492 46.75 -1.09 -14.28
C ASP C 492 46.94 -2.34 -13.44
N ASP C 493 47.23 -2.16 -12.14
CA ASP C 493 47.18 -3.09 -11.00
C ASP C 493 48.10 -4.32 -11.11
N VAL C 494 48.86 -4.43 -12.19
CA VAL C 494 49.98 -5.35 -12.21
C VAL C 494 51.27 -4.61 -11.86
N ASN C 495 51.44 -3.40 -12.37
CA ASN C 495 52.48 -2.49 -11.90
C ASN C 495 51.93 -1.11 -11.63
N GLY C 496 50.89 -0.73 -12.38
CA GLY C 496 50.26 0.56 -12.17
C GLY C 496 50.77 1.67 -13.06
N GLN C 497 50.75 1.45 -14.37
CA GLN C 497 51.30 2.43 -15.32
C GLN C 497 50.33 3.55 -15.66
N TRP C 498 49.12 3.56 -15.09
CA TRP C 498 48.14 4.64 -15.19
C TRP C 498 47.79 5.05 -16.62
N ASN C 499 47.25 4.12 -17.41
CA ASN C 499 46.99 4.34 -18.83
C ASN C 499 45.97 5.44 -19.08
N GLY C 500 46.04 6.05 -20.26
CA GLY C 500 45.01 6.97 -20.70
C GLY C 500 45.37 8.44 -20.59
N MET C 501 44.39 9.26 -20.19
CA MET C 501 44.65 10.70 -20.08
C MET C 501 45.42 11.03 -18.82
N VAL C 502 45.41 10.15 -17.82
CA VAL C 502 46.21 10.39 -16.63
C VAL C 502 47.65 10.00 -16.87
N ARG C 503 47.92 9.27 -17.96
CA ARG C 503 49.30 8.97 -18.35
C ARG C 503 49.96 10.20 -18.95
N GLU C 504 49.22 10.92 -19.79
CA GLU C 504 49.76 12.10 -20.46
C GLU C 504 50.00 13.23 -19.46
N LEU C 505 49.29 13.20 -18.34
CA LEU C 505 49.46 14.21 -17.30
C LEU C 505 50.60 13.85 -16.36
N ILE C 506 50.69 12.58 -15.94
CA ILE C 506 51.68 12.20 -14.95
C ILE C 506 53.08 12.10 -15.57
N ASP C 507 53.17 11.99 -16.88
CA ASP C 507 54.45 12.06 -17.57
C ASP C 507 54.83 13.48 -17.97
N HIS C 508 53.94 14.45 -17.70
CA HIS C 508 54.00 15.83 -18.15
C HIS C 508 54.09 15.93 -19.67
N LYS C 509 53.49 14.96 -20.37
CA LYS C 509 53.31 15.06 -21.81
C LYS C 509 52.12 15.93 -22.20
N ALA C 510 51.26 16.25 -21.23
CA ALA C 510 50.09 17.07 -21.46
C ALA C 510 50.07 18.21 -20.46
N ASP C 511 49.40 19.30 -20.84
CA ASP C 511 49.26 20.43 -19.93
C ASP C 511 47.87 20.45 -19.30
N LEU C 512 46.83 20.24 -20.09
CA LEU C 512 45.47 20.19 -19.61
C LEU C 512 44.82 18.90 -20.06
N ALA C 513 43.71 18.58 -19.43
CA ALA C 513 42.92 17.38 -19.76
C ALA C 513 41.45 17.76 -19.84
N VAL C 514 41.15 18.81 -20.59
CA VAL C 514 39.80 19.33 -20.67
C VAL C 514 38.93 18.31 -21.38
N ALA C 515 38.14 17.59 -20.59
CA ALA C 515 37.49 16.33 -20.93
C ALA C 515 36.58 15.98 -19.78
N PRO C 516 35.66 15.00 -19.91
CA PRO C 516 34.90 14.57 -18.74
C PRO C 516 35.70 13.76 -17.74
N LEU C 517 36.80 14.27 -17.24
CA LEU C 517 37.72 13.50 -16.43
C LEU C 517 37.21 13.55 -15.01
N ALA C 518 36.54 12.47 -14.58
CA ALA C 518 35.81 12.48 -13.31
C ALA C 518 36.73 12.55 -12.11
N ILE C 519 36.37 13.38 -11.15
CA ILE C 519 37.16 13.61 -9.95
C ILE C 519 36.89 12.43 -9.03
N THR C 520 37.83 11.49 -8.96
CA THR C 520 37.73 10.35 -8.07
C THR C 520 38.97 10.31 -7.18
N TYR C 521 38.95 9.40 -6.21
CA TYR C 521 39.91 9.43 -5.11
C TYR C 521 41.31 9.03 -5.54
N VAL C 522 41.43 7.99 -6.37
CA VAL C 522 42.75 7.46 -6.70
C VAL C 522 43.45 8.36 -7.71
N ARG C 523 42.69 9.15 -8.46
CA ARG C 523 43.32 10.04 -9.43
C ARG C 523 43.80 11.32 -8.77
N GLU C 524 43.15 11.74 -7.69
CA GLU C 524 43.50 13.01 -7.05
C GLU C 524 44.87 12.92 -6.38
N LYS C 525 45.30 11.71 -6.05
CA LYS C 525 46.62 11.53 -5.44
C LYS C 525 47.75 11.68 -6.46
N VAL C 526 47.47 11.37 -7.73
CA VAL C 526 48.53 11.35 -8.73
C VAL C 526 48.46 12.54 -9.68
N ILE C 527 47.28 13.11 -9.93
CA ILE C 527 47.17 14.33 -10.72
C ILE C 527 46.39 15.36 -9.92
N ASP C 528 46.44 16.62 -10.35
CA ASP C 528 45.65 17.69 -9.75
C ASP C 528 44.49 18.02 -10.66
N PHE C 529 43.28 17.79 -10.20
CA PHE C 529 42.09 18.22 -10.91
C PHE C 529 41.89 19.70 -10.66
N SER C 530 41.08 20.33 -11.50
CA SER C 530 40.52 21.62 -11.13
C SER C 530 39.27 21.40 -10.30
N LYS C 531 38.51 22.46 -10.08
CA LYS C 531 37.29 22.34 -9.31
C LYS C 531 36.15 22.13 -10.29
N PRO C 532 35.06 21.36 -9.93
CA PRO C 532 34.11 20.87 -10.94
C PRO C 532 33.45 21.87 -11.88
N PHE C 533 33.28 21.48 -13.13
CA PHE C 533 32.49 22.23 -14.09
C PHE C 533 31.20 21.48 -14.42
N MET C 534 30.92 20.39 -13.72
CA MET C 534 29.80 19.52 -14.06
C MET C 534 29.49 18.66 -12.84
N THR C 535 28.22 18.46 -12.54
CA THR C 535 27.77 17.61 -11.43
C THR C 535 26.92 16.50 -12.00
N LEU C 536 27.15 15.29 -11.51
CA LEU C 536 26.35 14.16 -11.93
C LEU C 536 26.12 13.23 -10.74
N GLY C 537 25.50 12.09 -11.02
CA GLY C 537 25.34 11.05 -10.05
C GLY C 537 25.03 9.77 -10.78
N ILE C 538 24.31 8.87 -10.15
CA ILE C 538 23.83 7.66 -10.80
C ILE C 538 22.31 7.71 -10.79
N SER C 539 21.70 7.48 -11.94
CA SER C 539 20.24 7.47 -11.99
C SER C 539 19.82 6.36 -12.94
N ILE C 540 18.51 6.25 -13.14
CA ILE C 540 17.92 5.08 -13.79
C ILE C 540 17.27 5.52 -15.09
N LEU C 541 17.64 4.86 -16.20
CA LEU C 541 16.82 4.93 -17.41
C LEU C 541 15.66 3.95 -17.33
N TYR C 542 14.59 4.30 -18.02
CA TYR C 542 13.40 3.47 -18.14
C TYR C 542 12.62 3.98 -19.36
N ARG C 543 11.83 3.10 -19.95
CA ARG C 543 10.99 3.47 -21.08
C ARG C 543 9.79 4.26 -20.54
N LYS C 544 9.50 5.39 -21.16
CA LYS C 544 8.45 6.29 -20.70
C LYS C 544 7.08 5.64 -20.87
N PRO C 545 6.26 5.61 -19.82
CA PRO C 545 4.90 5.09 -19.96
C PRO C 545 4.05 5.96 -20.85
N ASN C 546 3.25 5.32 -21.69
CA ASN C 546 2.57 5.93 -22.83
C ASN C 546 1.05 5.84 -22.65
N GLY C 547 0.33 6.23 -23.70
CA GLY C 547 -1.11 6.23 -23.68
C GLY C 547 -1.70 4.84 -23.55
N THR C 548 -2.27 4.54 -22.40
CA THR C 548 -2.88 3.25 -22.13
C THR C 548 -4.22 3.22 -22.86
N ASN C 549 -4.44 2.17 -23.63
CA ASN C 549 -5.72 1.93 -24.27
C ASN C 549 -6.42 0.75 -23.60
N PRO C 550 -7.27 1.01 -22.60
CA PRO C 550 -8.04 -0.08 -21.99
C PRO C 550 -9.18 -0.57 -22.85
N GLY C 551 -9.42 0.07 -23.99
CA GLY C 551 -10.50 -0.26 -24.90
C GLY C 551 -11.51 0.87 -24.98
N VAL C 552 -12.13 0.97 -26.15
CA VAL C 552 -13.30 1.82 -26.26
C VAL C 552 -14.50 1.15 -25.61
N PHE C 553 -14.58 -0.17 -25.73
CA PHE C 553 -15.57 -0.97 -25.02
C PHE C 553 -14.99 -1.47 -23.70
N SER C 554 -14.44 -0.57 -22.88
CA SER C 554 -13.78 -0.99 -21.64
C SER C 554 -14.72 -0.97 -20.46
N PHE C 555 -15.98 -0.59 -20.65
CA PHE C 555 -17.00 -0.73 -19.64
C PHE C 555 -17.43 -2.17 -19.45
N LEU C 556 -17.04 -3.05 -20.35
CA LEU C 556 -17.55 -4.41 -20.46
C LEU C 556 -16.68 -5.39 -19.71
N ASN C 557 -15.59 -4.91 -19.12
CA ASN C 557 -14.60 -5.64 -18.35
C ASN C 557 -14.99 -6.16 -16.95
N PRO C 558 -15.82 -5.44 -16.10
CA PRO C 558 -16.11 -5.98 -14.75
C PRO C 558 -16.85 -7.31 -14.67
N LEU C 559 -17.35 -7.82 -15.78
CA LEU C 559 -17.91 -9.16 -15.82
C LEU C 559 -17.24 -9.95 -16.94
N SER C 560 -17.15 -11.26 -16.75
CA SER C 560 -16.52 -12.17 -17.69
C SER C 560 -17.33 -12.23 -18.99
N PRO C 561 -16.69 -12.56 -20.11
CA PRO C 561 -17.43 -12.59 -21.38
C PRO C 561 -18.48 -13.70 -21.48
N ASP C 562 -18.49 -14.67 -20.58
CA ASP C 562 -19.58 -15.63 -20.57
C ASP C 562 -20.70 -15.17 -19.63
N ILE C 563 -20.37 -14.29 -18.68
CA ILE C 563 -21.41 -13.73 -17.80
C ILE C 563 -22.30 -12.77 -18.58
N TRP C 564 -21.72 -11.97 -19.47
CA TRP C 564 -22.52 -11.12 -20.34
C TRP C 564 -23.36 -11.95 -21.30
N MET C 565 -22.89 -13.15 -21.64
CA MET C 565 -23.69 -14.05 -22.46
C MET C 565 -24.76 -14.76 -21.65
N TYR C 566 -24.45 -15.16 -20.41
CA TYR C 566 -25.40 -15.91 -19.61
C TYR C 566 -26.51 -15.02 -19.06
N VAL C 567 -26.23 -13.72 -18.92
CA VAL C 567 -27.30 -12.78 -18.57
C VAL C 567 -28.23 -12.58 -19.76
N LEU C 568 -27.67 -12.48 -20.97
CA LEU C 568 -28.48 -12.26 -22.16
C LEU C 568 -29.24 -13.53 -22.54
N LEU C 569 -28.74 -14.70 -22.14
CA LEU C 569 -29.50 -15.93 -22.34
C LEU C 569 -30.47 -16.18 -21.19
N ALA C 570 -30.38 -15.40 -20.12
CA ALA C 570 -31.38 -15.51 -19.05
C ALA C 570 -32.49 -14.50 -19.24
N CYS C 571 -32.25 -13.46 -20.03
CA CYS C 571 -33.34 -12.56 -20.42
C CYS C 571 -34.23 -13.23 -21.46
N LEU C 572 -33.62 -14.05 -22.33
CA LEU C 572 -34.40 -14.80 -23.31
C LEU C 572 -34.97 -16.07 -22.70
N GLY C 573 -34.48 -16.43 -21.52
CA GLY C 573 -34.95 -17.66 -20.89
C GLY C 573 -36.11 -17.41 -19.93
N VAL C 574 -36.00 -16.36 -19.11
CA VAL C 574 -37.05 -16.02 -18.15
C VAL C 574 -38.29 -15.50 -18.87
N SER C 575 -38.09 -14.71 -19.93
CA SER C 575 -39.21 -14.07 -20.61
C SER C 575 -40.00 -15.06 -21.44
N CYS C 576 -39.42 -16.21 -21.77
CA CYS C 576 -40.22 -17.28 -22.35
C CYS C 576 -40.95 -18.06 -21.27
N VAL C 577 -40.37 -18.13 -20.06
CA VAL C 577 -41.05 -18.78 -18.95
C VAL C 577 -42.17 -17.89 -18.41
N LEU C 578 -41.99 -16.57 -18.49
CA LEU C 578 -43.07 -15.64 -18.18
C LEU C 578 -44.26 -15.83 -19.12
N PHE C 579 -43.98 -16.01 -20.41
CA PHE C 579 -45.04 -16.16 -21.39
C PHE C 579 -45.84 -17.45 -21.20
N VAL C 580 -45.16 -18.55 -20.89
CA VAL C 580 -45.84 -19.83 -20.74
C VAL C 580 -46.68 -19.84 -19.47
N ILE C 581 -46.15 -19.26 -18.38
CA ILE C 581 -46.88 -19.27 -17.12
C ILE C 581 -48.05 -18.29 -17.15
N ALA C 582 -47.86 -17.13 -17.78
CA ALA C 582 -48.95 -16.14 -17.80
C ALA C 582 -50.06 -16.52 -18.76
N ARG C 583 -49.82 -17.43 -19.71
CA ARG C 583 -50.94 -17.99 -20.46
C ARG C 583 -51.60 -19.14 -19.72
N PHE C 584 -50.86 -19.82 -18.85
CA PHE C 584 -51.35 -21.01 -18.18
C PHE C 584 -51.99 -20.71 -16.82
N SER C 585 -51.53 -19.69 -16.12
CA SER C 585 -52.12 -19.34 -14.84
C SER C 585 -53.46 -18.64 -15.05
N PRO C 586 -54.52 -19.13 -14.39
CA PRO C 586 -55.85 -18.52 -14.58
C PRO C 586 -56.05 -17.18 -13.89
N TYR C 587 -55.09 -16.71 -13.08
CA TYR C 587 -55.24 -15.51 -12.30
C TYR C 587 -54.68 -14.28 -12.98
N GLU C 588 -53.86 -14.46 -14.01
CA GLU C 588 -53.37 -13.36 -14.82
C GLU C 588 -54.41 -12.89 -15.83
N TRP C 589 -55.35 -13.74 -16.21
CA TRP C 589 -56.40 -13.40 -17.17
C TRP C 589 -57.42 -12.47 -16.52
N TYR C 590 -57.05 -11.19 -16.44
CA TYR C 590 -57.89 -10.22 -15.76
C TYR C 590 -58.91 -9.62 -16.73
N ASN C 591 -59.66 -8.63 -16.25
CA ASN C 591 -60.64 -7.94 -17.05
C ASN C 591 -60.04 -6.63 -17.53
N PRO C 592 -59.84 -6.43 -18.84
CA PRO C 592 -59.19 -5.20 -19.31
C PRO C 592 -60.09 -3.97 -19.27
N HIS C 593 -61.38 -4.15 -19.02
CA HIS C 593 -62.23 -3.01 -18.72
C HIS C 593 -63.08 -3.27 -17.49
N PRO C 594 -62.51 -3.10 -16.29
CA PRO C 594 -63.30 -3.34 -15.07
C PRO C 594 -64.23 -2.19 -14.73
N CYS C 595 -64.13 -1.07 -15.46
CA CYS C 595 -64.98 0.10 -15.26
C CYS C 595 -66.44 -0.26 -15.51
N ASN C 596 -66.73 -0.79 -16.69
CA ASN C 596 -68.02 -1.42 -16.91
C ASN C 596 -67.99 -2.77 -16.22
N PRO C 597 -68.94 -3.07 -15.33
CA PRO C 597 -68.86 -4.31 -14.54
C PRO C 597 -69.22 -5.59 -15.30
N ASP C 598 -69.33 -5.51 -16.62
CA ASP C 598 -69.67 -6.66 -17.46
C ASP C 598 -68.48 -7.58 -17.70
N SER C 599 -68.61 -8.45 -18.69
CA SER C 599 -67.67 -9.55 -18.89
C SER C 599 -67.47 -9.84 -20.37
N ASP C 600 -67.01 -11.06 -20.68
CA ASP C 600 -66.85 -11.69 -22.00
C ASP C 600 -65.62 -11.16 -22.73
N VAL C 601 -64.97 -10.13 -22.18
CA VAL C 601 -63.66 -9.73 -22.67
C VAL C 601 -62.64 -9.88 -21.56
N VAL C 602 -61.73 -10.83 -21.73
CA VAL C 602 -60.72 -11.18 -20.74
C VAL C 602 -59.38 -11.28 -21.46
N GLU C 603 -58.41 -10.46 -21.04
CA GLU C 603 -57.13 -10.36 -21.75
C GLU C 603 -55.98 -10.38 -20.76
N ASN C 604 -54.85 -10.95 -21.19
CA ASN C 604 -53.58 -10.73 -20.52
C ASN C 604 -52.92 -9.50 -21.11
N ASN C 605 -52.10 -8.84 -20.30
CA ASN C 605 -51.13 -7.91 -20.83
C ASN C 605 -49.80 -8.56 -21.14
N PHE C 606 -49.61 -9.82 -20.73
CA PHE C 606 -48.38 -10.57 -21.03
C PHE C 606 -48.51 -11.33 -22.34
N THR C 607 -48.25 -10.62 -23.44
CA THR C 607 -48.02 -11.27 -24.71
C THR C 607 -46.59 -11.78 -24.77
N LEU C 608 -46.13 -12.20 -25.95
CA LEU C 608 -44.72 -12.53 -26.07
C LEU C 608 -43.89 -11.27 -26.13
N LEU C 609 -44.41 -10.22 -26.76
CA LEU C 609 -43.69 -8.96 -26.87
C LEU C 609 -43.59 -8.25 -25.53
N ASN C 610 -44.63 -8.34 -24.70
CA ASN C 610 -44.59 -7.70 -23.40
C ASN C 610 -43.89 -8.55 -22.35
N SER C 611 -43.55 -9.79 -22.68
CA SER C 611 -42.80 -10.61 -21.73
C SER C 611 -41.31 -10.32 -21.82
N PHE C 612 -40.80 -10.04 -23.03
CA PHE C 612 -39.42 -9.62 -23.15
C PHE C 612 -39.23 -8.21 -22.58
N TRP C 613 -40.28 -7.39 -22.65
CA TRP C 613 -40.16 -6.00 -22.19
C TRP C 613 -40.20 -5.92 -20.67
N PHE C 614 -40.75 -6.94 -20.01
CA PHE C 614 -40.60 -7.03 -18.56
C PHE C 614 -39.17 -7.40 -18.22
N GLY C 615 -38.66 -8.47 -18.83
CA GLY C 615 -37.33 -8.99 -18.60
C GLY C 615 -36.22 -8.01 -18.94
N VAL C 616 -36.35 -7.29 -20.05
CA VAL C 616 -35.41 -6.22 -20.36
C VAL C 616 -35.63 -5.05 -19.41
N GLY C 617 -36.89 -4.75 -19.11
CA GLY C 617 -37.21 -3.62 -18.25
C GLY C 617 -36.76 -3.83 -16.82
N ALA C 618 -36.98 -5.03 -16.29
CA ALA C 618 -36.55 -5.31 -14.93
C ALA C 618 -35.04 -5.41 -14.82
N LEU C 619 -34.37 -5.80 -15.91
CA LEU C 619 -32.91 -5.91 -15.91
C LEU C 619 -32.25 -4.55 -15.78
N MET C 620 -32.79 -3.54 -16.46
CA MET C 620 -32.14 -2.25 -16.55
C MET C 620 -32.50 -1.33 -15.39
N GLN C 621 -33.04 -1.89 -14.31
CA GLN C 621 -33.43 -1.23 -13.05
C GLN C 621 -34.56 -0.22 -13.22
N GLN C 622 -35.18 -0.18 -14.39
CA GLN C 622 -36.30 0.73 -14.61
C GLN C 622 -37.51 -0.04 -15.09
N GLY C 623 -38.45 -0.24 -14.17
CA GLY C 623 -39.57 -1.13 -14.37
C GLY C 623 -40.50 -0.70 -15.50
N SER C 624 -41.08 -1.69 -16.16
CA SER C 624 -41.96 -1.44 -17.29
C SER C 624 -43.35 -1.02 -16.83
N GLU C 625 -44.28 -0.86 -17.77
CA GLU C 625 -45.64 -0.47 -17.44
C GLU C 625 -46.49 -1.64 -16.96
N LEU C 626 -45.95 -2.84 -16.87
CA LEU C 626 -46.73 -4.03 -16.64
C LEU C 626 -46.10 -4.89 -15.55
N MET C 627 -46.90 -5.23 -14.55
CA MET C 627 -46.44 -5.98 -13.39
C MET C 627 -47.17 -7.32 -13.36
N PRO C 628 -46.60 -8.37 -12.79
CA PRO C 628 -47.32 -9.64 -12.67
C PRO C 628 -48.49 -9.55 -11.69
N LYS C 629 -49.55 -10.33 -11.95
CA LYS C 629 -50.76 -10.28 -11.15
C LYS C 629 -51.03 -11.57 -10.41
N ALA C 630 -50.54 -12.70 -10.91
CA ALA C 630 -50.70 -14.00 -10.28
C ALA C 630 -49.46 -14.31 -9.45
N LEU C 631 -49.63 -15.16 -8.43
CA LEU C 631 -48.51 -15.61 -7.61
C LEU C 631 -47.48 -16.40 -8.39
N SER C 632 -47.90 -17.14 -9.41
CA SER C 632 -46.95 -17.92 -10.20
C SER C 632 -46.10 -17.01 -11.08
N THR C 633 -46.64 -15.85 -11.47
CA THR C 633 -45.83 -14.89 -12.23
C THR C 633 -45.14 -13.90 -11.30
N ARG C 634 -45.56 -13.84 -10.04
CA ARG C 634 -44.86 -12.98 -9.09
C ARG C 634 -43.69 -13.69 -8.42
N ILE C 635 -43.51 -14.99 -8.69
CA ILE C 635 -42.29 -15.66 -8.26
C ILE C 635 -41.26 -15.62 -9.38
N VAL C 636 -41.72 -15.59 -10.64
CA VAL C 636 -40.82 -15.34 -11.76
C VAL C 636 -40.28 -13.93 -11.69
N GLY C 637 -41.16 -12.95 -11.54
CA GLY C 637 -40.77 -11.57 -11.42
C GLY C 637 -40.03 -11.26 -10.14
N GLY C 638 -40.32 -12.00 -9.08
CA GLY C 638 -39.64 -11.73 -7.81
C GLY C 638 -38.26 -12.35 -7.73
N ILE C 639 -37.98 -13.33 -8.60
CA ILE C 639 -36.65 -13.94 -8.62
C ILE C 639 -35.81 -13.35 -9.74
N TRP C 640 -36.46 -12.71 -10.72
CA TRP C 640 -35.72 -11.98 -11.74
C TRP C 640 -35.32 -10.62 -11.23
N TRP C 641 -35.95 -10.16 -10.14
CA TRP C 641 -35.54 -8.91 -9.54
C TRP C 641 -34.38 -9.09 -8.58
N PHE C 642 -34.28 -10.26 -7.95
CA PHE C 642 -33.14 -10.52 -7.07
C PHE C 642 -31.91 -10.87 -7.88
N PHE C 643 -32.09 -11.59 -9.00
CA PHE C 643 -31.00 -11.84 -9.94
C PHE C 643 -30.43 -10.54 -10.47
N THR C 644 -31.29 -9.55 -10.66
CA THR C 644 -30.89 -8.29 -11.28
C THR C 644 -30.12 -7.41 -10.30
N LEU C 645 -30.50 -7.43 -9.02
CA LEU C 645 -29.76 -6.66 -8.01
C LEU C 645 -28.33 -7.15 -7.89
N ILE C 646 -28.11 -8.46 -7.93
CA ILE C 646 -26.78 -8.99 -7.73
C ILE C 646 -25.93 -8.76 -8.98
N ILE C 647 -26.57 -8.62 -10.15
CA ILE C 647 -25.81 -8.34 -11.37
C ILE C 647 -25.36 -6.88 -11.42
N ILE C 648 -26.27 -5.95 -11.10
CA ILE C 648 -25.93 -4.53 -11.14
C ILE C 648 -25.01 -4.16 -9.98
N SER C 649 -25.18 -4.78 -8.82
CA SER C 649 -24.29 -4.49 -7.69
C SER C 649 -22.90 -5.06 -7.92
N SER C 650 -22.80 -6.21 -8.59
CA SER C 650 -21.49 -6.80 -8.84
C SER C 650 -20.86 -6.22 -10.09
N TYR C 651 -21.62 -5.48 -10.89
CA TYR C 651 -21.00 -4.69 -11.94
C TYR C 651 -20.39 -3.43 -11.36
N THR C 652 -21.15 -2.72 -10.51
CA THR C 652 -20.68 -1.47 -9.92
C THR C 652 -19.55 -1.70 -8.94
N ALA C 653 -19.55 -2.82 -8.23
CA ALA C 653 -18.51 -3.06 -7.24
C ALA C 653 -17.25 -3.64 -7.85
N ASN C 654 -17.36 -4.32 -9.00
CA ASN C 654 -16.17 -4.78 -9.68
C ASN C 654 -15.61 -3.69 -10.59
N LEU C 655 -16.45 -2.75 -11.03
CA LEU C 655 -15.93 -1.58 -11.71
C LEU C 655 -15.23 -0.66 -10.73
N ALA C 656 -15.71 -0.63 -9.48
CA ALA C 656 -15.04 0.15 -8.46
C ALA C 656 -13.71 -0.50 -8.09
N ALA C 657 -13.62 -1.82 -8.21
CA ALA C 657 -12.39 -2.54 -7.93
C ALA C 657 -11.38 -2.38 -9.06
N PHE C 658 -11.85 -2.24 -10.30
CA PHE C 658 -10.92 -1.98 -11.40
C PHE C 658 -10.39 -0.56 -11.34
N LEU C 659 -11.27 0.40 -11.08
CA LEU C 659 -10.89 1.80 -11.22
C LEU C 659 -10.11 2.29 -10.01
N THR C 660 -10.18 1.58 -8.88
CA THR C 660 -9.40 2.04 -7.73
C THR C 660 -8.08 1.32 -7.63
N VAL C 661 -7.90 0.22 -8.36
CA VAL C 661 -6.59 -0.44 -8.38
C VAL C 661 -5.66 0.28 -9.35
N GLU C 662 -6.16 0.69 -10.51
CA GLU C 662 -5.31 1.40 -11.45
C GLU C 662 -5.07 2.85 -11.00
N ARG C 663 -5.85 3.34 -10.05
CA ARG C 663 -5.57 4.61 -9.40
C ARG C 663 -4.60 4.46 -8.24
N MET C 664 -4.67 3.35 -7.50
CA MET C 664 -3.72 3.04 -6.45
C MET C 664 -2.36 2.65 -7.02
N GLU C 665 -2.32 2.17 -8.26
CA GLU C 665 -1.07 1.78 -8.92
C GLU C 665 -0.33 3.03 -9.37
N SER C 666 0.83 3.27 -8.76
CA SER C 666 1.72 4.35 -9.12
C SER C 666 2.99 3.80 -9.74
N PRO C 667 3.56 4.48 -10.73
CA PRO C 667 4.77 3.95 -11.38
C PRO C 667 6.01 4.10 -10.50
N ILE C 668 7.10 3.44 -10.89
CA ILE C 668 8.31 3.46 -10.09
C ILE C 668 9.02 4.80 -10.24
N ASP C 669 9.51 5.33 -9.12
CA ASP C 669 10.13 6.66 -9.13
C ASP C 669 11.35 6.65 -8.21
N SER C 670 11.93 5.48 -7.99
CA SER C 670 13.06 5.34 -7.08
C SER C 670 13.84 4.05 -7.30
N ALA C 671 14.95 3.89 -6.59
CA ALA C 671 15.58 2.59 -6.47
C ALA C 671 15.01 1.80 -5.30
N ASP C 672 14.35 2.47 -4.37
CA ASP C 672 13.57 1.78 -3.34
C ASP C 672 12.39 1.05 -3.95
N ASP C 673 11.84 1.60 -5.04
CA ASP C 673 10.82 0.88 -5.80
C ASP C 673 11.44 -0.29 -6.55
N LEU C 674 12.60 -0.07 -7.19
CA LEU C 674 13.23 -1.12 -7.98
C LEU C 674 13.76 -2.25 -7.11
N ALA C 675 14.02 -1.98 -5.83
CA ALA C 675 14.51 -3.03 -4.94
C ALA C 675 13.42 -4.07 -4.63
N LYS C 676 12.16 -3.71 -4.86
CA LYS C 676 11.07 -4.60 -4.51
C LYS C 676 10.59 -5.41 -5.72
N GLN C 677 10.25 -4.75 -6.82
CA GLN C 677 9.80 -5.45 -8.02
C GLN C 677 10.99 -6.14 -8.68
N THR C 678 10.89 -7.46 -8.76
CA THR C 678 11.92 -8.28 -9.40
C THR C 678 11.51 -8.51 -10.85
N LYS C 679 10.33 -7.99 -11.21
CA LYS C 679 9.85 -8.03 -12.59
C LYS C 679 10.58 -7.08 -13.50
N ILE C 680 10.88 -5.86 -13.06
CA ILE C 680 11.60 -4.88 -13.85
C ILE C 680 13.09 -5.12 -13.63
N GLU C 681 13.84 -5.21 -14.74
CA GLU C 681 15.18 -5.76 -14.72
C GLU C 681 16.22 -4.65 -14.68
N TYR C 682 17.30 -4.85 -13.90
CA TYR C 682 18.28 -3.80 -13.68
C TYR C 682 19.35 -3.84 -14.76
N GLY C 683 20.23 -2.85 -14.77
CA GLY C 683 21.35 -2.87 -15.69
C GLY C 683 22.52 -2.09 -15.13
N ALA C 684 23.68 -2.28 -15.76
CA ALA C 684 24.90 -1.51 -15.50
C ALA C 684 25.89 -1.73 -16.63
N VAL C 685 27.12 -1.26 -16.45
CA VAL C 685 28.18 -1.44 -17.44
C VAL C 685 29.22 -2.37 -16.81
N GLU C 686 29.84 -3.23 -17.63
CA GLU C 686 30.91 -4.11 -17.18
C GLU C 686 32.08 -3.33 -16.62
N ASP C 687 32.25 -3.45 -15.29
CA ASP C 687 33.32 -2.84 -14.50
C ASP C 687 33.43 -1.34 -14.70
N GLY C 688 32.33 -0.62 -14.48
CA GLY C 688 32.35 0.83 -14.62
C GLY C 688 32.32 1.47 -13.24
N ALA C 689 32.18 2.80 -13.25
CA ALA C 689 32.05 3.54 -12.00
C ALA C 689 30.71 3.26 -11.34
N THR C 690 29.71 2.87 -12.12
CA THR C 690 28.40 2.52 -11.57
C THR C 690 28.44 1.15 -10.92
N MET C 691 29.00 0.16 -11.62
CA MET C 691 29.07 -1.20 -11.11
C MET C 691 29.97 -1.31 -9.89
N THR C 692 30.99 -0.43 -9.80
CA THR C 692 31.86 -0.41 -8.64
C THR C 692 31.12 0.13 -7.41
N PHE C 693 30.18 1.04 -7.62
CA PHE C 693 29.48 1.67 -6.51
C PHE C 693 28.54 0.69 -5.81
N PHE C 694 27.92 -0.21 -6.58
CA PHE C 694 27.02 -1.18 -5.98
C PHE C 694 27.75 -2.34 -5.33
N LYS C 695 29.04 -2.50 -5.60
CA LYS C 695 29.86 -3.46 -4.87
C LYS C 695 30.13 -2.92 -3.46
N LYS C 696 30.76 -1.76 -3.38
CA LYS C 696 31.09 -1.16 -2.10
C LYS C 696 29.91 -0.35 -1.57
N SER C 697 28.85 -1.01 -1.14
CA SER C 697 27.61 -0.33 -0.78
C SER C 697 27.02 -0.94 0.49
N LYS C 698 26.77 -0.09 1.48
CA LYS C 698 26.17 -0.52 2.75
C LYS C 698 24.88 0.24 3.02
N ILE C 699 24.27 0.79 1.98
CA ILE C 699 23.06 1.61 2.08
C ILE C 699 21.88 0.66 2.26
N SER C 700 22.09 -0.62 1.92
CA SER C 700 21.24 -1.80 2.17
C SER C 700 20.01 -1.85 1.25
N THR C 701 19.80 -0.83 0.44
CA THR C 701 18.94 -0.97 -0.72
C THR C 701 19.74 -1.47 -1.91
N TYR C 702 21.01 -1.08 -1.96
CA TYR C 702 21.79 -1.22 -3.19
C TYR C 702 22.56 -2.53 -3.20
N ASP C 703 22.72 -3.16 -2.03
CA ASP C 703 23.32 -4.49 -2.00
C ASP C 703 22.31 -5.54 -2.47
N LYS C 704 21.02 -5.33 -2.16
CA LYS C 704 19.97 -6.08 -2.82
C LYS C 704 19.93 -5.79 -4.30
N MET C 705 20.28 -4.57 -4.70
CA MET C 705 20.45 -4.27 -6.11
C MET C 705 21.75 -4.83 -6.67
N TRP C 706 22.68 -5.23 -5.81
CA TRP C 706 23.86 -5.95 -6.29
C TRP C 706 23.65 -7.45 -6.23
N ALA C 707 22.74 -7.90 -5.36
CA ALA C 707 22.35 -9.31 -5.30
C ALA C 707 21.60 -9.71 -6.56
N PHE C 708 20.90 -8.75 -7.17
CA PHE C 708 20.29 -8.97 -8.47
C PHE C 708 21.35 -9.13 -9.56
N MET C 709 22.50 -8.45 -9.40
CA MET C 709 23.45 -8.35 -10.50
C MET C 709 24.43 -9.51 -10.50
N SER C 710 24.92 -9.90 -9.32
CA SER C 710 25.90 -10.99 -9.26
C SER C 710 25.26 -12.33 -9.59
N SER C 711 24.00 -12.49 -9.20
CA SER C 711 23.27 -13.72 -9.47
C SER C 711 22.85 -13.80 -10.94
N ARG C 712 22.15 -12.78 -11.43
CA ARG C 712 21.60 -12.76 -12.77
C ARG C 712 22.54 -12.14 -13.81
N ARG C 713 23.86 -12.21 -13.58
CA ARG C 713 24.89 -11.65 -14.46
C ARG C 713 24.85 -12.29 -15.85
N GLN C 714 25.39 -11.58 -16.85
CA GLN C 714 25.46 -11.91 -18.29
C GLN C 714 24.10 -11.79 -18.96
N SER C 715 23.11 -11.29 -18.21
CA SER C 715 21.81 -10.93 -18.75
C SER C 715 21.42 -9.53 -18.30
N VAL C 716 21.83 -9.15 -17.09
CA VAL C 716 21.41 -7.88 -16.49
C VAL C 716 22.62 -6.96 -16.42
N LEU C 717 23.72 -7.36 -17.03
CA LEU C 717 24.96 -6.63 -16.89
C LEU C 717 25.60 -6.50 -18.27
N VAL C 718 25.24 -5.44 -19.00
CA VAL C 718 25.67 -5.26 -20.38
C VAL C 718 27.04 -4.59 -20.36
N LYS C 719 27.75 -4.58 -21.49
CA LYS C 719 29.15 -4.19 -21.52
C LYS C 719 29.43 -2.77 -22.00
N SER C 720 28.41 -1.99 -22.37
CA SER C 720 28.63 -0.63 -22.83
C SER C 720 27.40 0.21 -22.56
N ASN C 721 27.58 1.54 -22.67
CA ASN C 721 26.46 2.46 -22.46
C ASN C 721 25.46 2.42 -23.61
N GLU C 722 25.93 2.17 -24.83
CA GLU C 722 25.02 2.19 -25.97
C GLU C 722 24.16 0.94 -26.01
N GLU C 723 24.70 -0.21 -25.62
CA GLU C 723 23.91 -1.43 -25.63
C GLU C 723 22.96 -1.47 -24.43
N GLY C 724 23.23 -0.67 -23.41
CA GLY C 724 22.28 -0.57 -22.30
C GLY C 724 21.05 0.23 -22.68
N ILE C 725 21.21 1.21 -23.58
CA ILE C 725 20.08 1.98 -24.07
C ILE C 725 19.18 1.12 -24.93
N GLN C 726 19.78 0.26 -25.76
CA GLN C 726 19.01 -0.59 -26.66
C GLN C 726 18.24 -1.65 -25.89
N ARG C 727 18.78 -2.10 -24.76
CA ARG C 727 18.10 -3.14 -24.01
C ARG C 727 16.94 -2.57 -23.18
N VAL C 728 17.04 -1.31 -22.78
CA VAL C 728 15.85 -0.61 -22.28
C VAL C 728 14.84 -0.47 -23.41
N LEU C 729 15.33 -0.17 -24.61
CA LEU C 729 14.45 0.15 -25.73
C LEU C 729 13.80 -1.10 -26.31
N THR C 730 14.38 -2.28 -26.06
CA THR C 730 13.74 -3.54 -26.42
C THR C 730 12.98 -4.15 -25.25
N SER C 731 13.70 -4.45 -24.16
CA SER C 731 13.13 -5.19 -23.04
C SER C 731 12.50 -4.27 -22.01
N ASP C 732 12.11 -4.83 -20.87
CA ASP C 732 11.70 -4.06 -19.69
C ASP C 732 12.90 -3.99 -18.75
N TYR C 733 13.82 -3.10 -19.09
CA TYR C 733 15.16 -3.04 -18.55
C TYR C 733 15.38 -1.65 -17.94
N ALA C 734 16.05 -1.61 -16.80
CA ALA C 734 16.24 -0.34 -16.08
C ALA C 734 17.74 -0.11 -15.94
N PHE C 735 18.28 0.75 -16.79
CA PHE C 735 19.72 0.87 -16.90
C PHE C 735 20.26 1.95 -15.97
N LEU C 736 21.33 1.62 -15.25
CA LEU C 736 21.95 2.51 -14.28
C LEU C 736 23.14 3.19 -14.93
N MET C 737 22.92 4.41 -15.41
CA MET C 737 23.87 5.22 -16.12
C MET C 737 24.18 6.45 -15.25
N GLU C 738 25.17 7.26 -15.66
CA GLU C 738 25.42 8.55 -15.05
C GLU C 738 24.42 9.55 -15.58
N SER C 739 24.22 10.65 -14.84
CA SER C 739 23.10 11.54 -15.11
C SER C 739 23.39 12.47 -16.29
N THR C 740 24.65 12.61 -16.67
CA THR C 740 24.98 13.51 -17.78
C THR C 740 24.66 12.86 -19.12
N THR C 741 24.57 11.53 -19.15
CA THR C 741 24.23 10.86 -20.40
C THR C 741 22.85 10.22 -20.32
N ILE C 742 22.20 10.31 -19.15
CA ILE C 742 20.76 10.07 -19.12
C ILE C 742 20.02 11.32 -19.60
N GLU C 743 20.50 12.49 -19.19
CA GLU C 743 19.89 13.74 -19.62
C GLU C 743 20.21 14.06 -21.08
N PHE C 744 21.15 13.33 -21.67
CA PHE C 744 21.42 13.50 -23.09
C PHE C 744 20.54 12.59 -23.94
N VAL C 745 20.33 11.35 -23.49
CA VAL C 745 19.57 10.40 -24.29
C VAL C 745 18.07 10.68 -24.16
N THR C 746 17.62 11.09 -22.97
CA THR C 746 16.22 11.43 -22.75
C THR C 746 15.75 12.60 -23.60
N GLN C 747 16.63 13.58 -23.84
CA GLN C 747 16.27 14.71 -24.68
C GLN C 747 16.28 14.36 -26.17
N ARG C 748 16.88 13.24 -26.55
CA ARG C 748 16.91 12.81 -27.94
C ARG C 748 15.97 11.65 -28.22
N ASN C 749 15.23 11.17 -27.21
CA ASN C 749 14.39 9.99 -27.36
C ASN C 749 13.26 10.12 -26.35
N CYS C 750 12.09 10.56 -26.83
CA CYS C 750 10.95 10.86 -25.97
C CYS C 750 10.24 9.62 -25.44
N ASN C 751 10.69 8.43 -25.87
CA ASN C 751 10.20 7.19 -25.30
C ASN C 751 10.94 6.81 -24.02
N LEU C 752 11.99 7.56 -23.68
CA LEU C 752 12.86 7.24 -22.55
C LEU C 752 12.71 8.32 -21.49
N THR C 753 12.91 7.92 -20.23
CA THR C 753 12.74 8.84 -19.11
C THR C 753 13.79 8.53 -18.05
N GLN C 754 13.87 9.41 -17.06
CA GLN C 754 14.75 9.26 -15.92
C GLN C 754 13.89 9.11 -14.67
N ILE C 755 13.92 7.92 -14.06
CA ILE C 755 13.06 7.67 -12.92
C ILE C 755 13.80 7.82 -11.59
N GLY C 756 13.66 8.99 -10.98
CA GLY C 756 14.17 9.17 -9.64
C GLY C 756 15.12 10.32 -9.47
N GLY C 757 16.15 10.13 -8.65
CA GLY C 757 17.12 11.16 -8.39
C GLY C 757 18.53 10.62 -8.42
N LEU C 758 19.49 11.47 -8.06
CA LEU C 758 20.89 11.08 -8.05
C LEU C 758 21.20 10.13 -6.90
N ILE C 759 21.76 8.96 -7.23
CA ILE C 759 22.19 8.02 -6.21
C ILE C 759 23.58 8.37 -5.70
N ASP C 760 24.55 8.50 -6.59
CA ASP C 760 25.91 8.87 -6.23
C ASP C 760 26.03 10.38 -6.29
N SER C 761 27.24 10.92 -6.13
CA SER C 761 27.48 12.34 -6.33
C SER C 761 28.93 12.56 -6.74
N LYS C 762 29.17 12.72 -8.03
CA LYS C 762 30.51 12.87 -8.59
C LYS C 762 30.61 14.21 -9.31
N GLY C 763 31.73 14.43 -9.98
CA GLY C 763 31.92 15.68 -10.70
C GLY C 763 32.99 15.52 -11.76
N TYR C 764 32.97 16.44 -12.72
CA TYR C 764 33.93 16.45 -13.83
C TYR C 764 34.89 17.61 -13.61
N GLY C 765 36.18 17.33 -13.69
CA GLY C 765 37.15 18.40 -13.54
C GLY C 765 38.21 18.40 -14.62
N VAL C 766 38.70 19.58 -14.96
CA VAL C 766 39.85 19.73 -15.85
C VAL C 766 41.07 19.14 -15.16
N GLY C 767 41.74 18.19 -15.80
CA GLY C 767 42.89 17.55 -15.21
C GLY C 767 44.14 18.33 -15.51
N THR C 768 45.02 18.38 -14.51
CA THR C 768 46.33 19.02 -14.61
C THR C 768 47.34 18.11 -13.94
N PRO C 769 48.62 18.17 -14.31
CA PRO C 769 49.64 17.44 -13.56
C PRO C 769 49.87 18.06 -12.18
N MET C 770 50.61 17.36 -11.33
CA MET C 770 50.89 17.93 -10.02
C MET C 770 51.91 19.05 -10.14
N GLY C 771 51.73 20.09 -9.32
CA GLY C 771 52.34 21.38 -9.54
C GLY C 771 51.34 22.31 -10.21
N SER C 772 51.60 22.61 -11.50
CA SER C 772 50.65 23.19 -12.44
C SER C 772 50.00 24.50 -11.98
N PRO C 773 50.65 25.65 -12.20
CA PRO C 773 50.01 26.95 -11.90
C PRO C 773 48.64 27.20 -12.51
N TYR C 774 48.25 26.43 -13.53
CA TYR C 774 46.92 26.49 -14.12
C TYR C 774 45.87 25.71 -13.35
N ARG C 775 46.19 25.12 -12.19
CA ARG C 775 45.13 24.53 -11.38
C ARG C 775 44.27 25.61 -10.76
N ASP C 776 44.90 26.57 -10.10
CA ASP C 776 44.16 27.64 -9.46
C ASP C 776 43.60 28.61 -10.49
N LYS C 777 44.31 28.80 -11.61
CA LYS C 777 43.87 29.76 -12.62
C LYS C 777 42.61 29.31 -13.33
N ILE C 778 42.39 27.99 -13.46
CA ILE C 778 41.17 27.48 -14.06
C ILE C 778 40.06 27.38 -13.01
N THR C 779 40.42 27.06 -11.76
CA THR C 779 39.47 27.05 -10.66
C THR C 779 38.85 28.42 -10.45
N ILE C 780 39.63 29.49 -10.54
CA ILE C 780 39.07 30.84 -10.61
C ILE C 780 38.27 31.03 -11.90
N ALA C 781 38.75 30.47 -13.02
CA ALA C 781 38.10 30.71 -14.31
C ALA C 781 36.78 29.95 -14.43
N ILE C 782 36.68 28.77 -13.81
CA ILE C 782 35.42 28.04 -13.81
C ILE C 782 34.41 28.73 -12.93
N LEU C 783 34.84 29.23 -11.76
CA LEU C 783 33.94 29.95 -10.87
C LEU C 783 33.50 31.29 -11.46
N GLN C 784 34.32 31.90 -12.30
CA GLN C 784 33.89 33.13 -12.98
C GLN C 784 32.83 32.85 -14.05
N LEU C 785 32.97 31.74 -14.77
CA LEU C 785 31.97 31.35 -15.75
C LEU C 785 30.70 30.81 -15.11
N GLN C 786 30.74 30.47 -13.81
CA GLN C 786 29.52 30.04 -13.14
C GLN C 786 28.74 31.22 -12.58
N GLU C 787 29.42 32.27 -12.13
CA GLU C 787 28.73 33.46 -11.65
C GLU C 787 28.02 34.18 -12.79
N GLU C 788 28.67 34.25 -13.95
CA GLU C 788 28.06 34.86 -15.13
C GLU C 788 26.97 33.99 -15.72
N GLY C 789 26.98 32.69 -15.43
CA GLY C 789 25.97 31.79 -15.93
C GLY C 789 26.28 31.15 -17.26
N LYS C 790 27.55 31.04 -17.63
CA LYS C 790 27.90 30.50 -18.94
C LYS C 790 27.88 28.98 -18.95
N LEU C 791 28.17 28.34 -17.81
CA LEU C 791 28.19 26.88 -17.75
C LEU C 791 26.78 26.31 -17.78
N HIS C 792 25.75 27.12 -17.55
CA HIS C 792 24.40 26.66 -17.79
C HIS C 792 24.00 26.91 -19.24
N MET C 793 24.52 27.98 -19.85
CA MET C 793 24.16 28.27 -21.24
C MET C 793 24.91 27.36 -22.20
N MET C 794 26.00 26.75 -21.73
CA MET C 794 26.76 25.82 -22.56
C MET C 794 26.24 24.41 -22.40
N LYS C 795 25.52 24.13 -21.30
CA LYS C 795 24.86 22.84 -21.18
C LYS C 795 23.54 22.83 -21.92
N GLU C 796 22.83 23.95 -21.90
CA GLU C 796 21.58 24.05 -22.67
C GLU C 796 21.86 24.06 -24.17
N LYS C 797 23.04 24.53 -24.56
CA LYS C 797 23.38 24.53 -25.98
C LYS C 797 23.64 23.12 -26.50
N TRP C 798 24.10 22.22 -25.63
CA TRP C 798 24.50 20.89 -26.07
C TRP C 798 23.63 19.76 -25.57
N TRP C 799 22.90 19.94 -24.47
CA TRP C 799 22.03 18.88 -23.95
C TRP C 799 20.55 19.06 -24.24
N ARG C 800 20.13 20.17 -24.86
CA ARG C 800 18.74 20.28 -25.28
C ARG C 800 18.42 19.40 -26.47
N GLY C 801 19.07 19.62 -27.61
CA GLY C 801 18.70 18.93 -28.82
C GLY C 801 17.32 19.34 -29.31
N ASN C 802 16.35 18.46 -29.12
CA ASN C 802 15.00 18.70 -29.62
C ASN C 802 14.08 18.96 -28.43
N GLY C 803 13.09 19.83 -28.67
CA GLY C 803 11.97 19.95 -27.76
C GLY C 803 11.04 18.79 -27.96
N CYS C 804 10.65 18.16 -26.87
CA CYS C 804 9.86 16.94 -26.95
C CYS C 804 8.40 17.27 -27.23
N PRO C 805 7.66 16.40 -27.94
CA PRO C 805 6.18 16.48 -27.90
C PRO C 805 5.68 16.41 -26.47
N GLU C 806 4.98 17.48 -26.05
CA GLU C 806 5.00 17.98 -24.69
C GLU C 806 4.60 16.99 -23.60
N GLU C 807 3.32 16.66 -23.51
CA GLU C 807 2.88 15.58 -22.63
C GLU C 807 1.81 14.70 -23.29
N GLU C 808 1.06 15.30 -24.22
CA GLU C 808 -0.23 14.80 -24.71
C GLU C 808 -1.15 14.46 -23.53
N SER C 809 -1.13 15.36 -22.54
CA SER C 809 -1.92 15.30 -21.30
C SER C 809 -1.82 13.96 -20.58
N LYS C 810 -0.63 13.61 -20.09
CA LYS C 810 -0.36 12.26 -19.61
C LYS C 810 -1.06 11.92 -18.29
N GLU C 811 -1.76 12.87 -17.66
CA GLU C 811 -2.57 12.58 -16.49
C GLU C 811 -3.86 11.85 -16.88
N ALA C 812 -4.65 11.48 -15.89
CA ALA C 812 -5.70 10.49 -16.11
C ALA C 812 -6.82 10.58 -15.07
N SER C 813 -7.55 9.47 -14.95
CA SER C 813 -8.49 9.08 -13.89
C SER C 813 -9.85 9.75 -13.97
N ALA C 814 -10.03 10.69 -14.88
CA ALA C 814 -11.36 11.15 -15.23
C ALA C 814 -11.84 10.31 -16.41
N LEU C 815 -12.99 9.66 -16.23
CA LEU C 815 -13.52 8.75 -17.24
C LEU C 815 -13.93 9.52 -18.48
N GLY C 816 -13.22 9.27 -19.58
CA GLY C 816 -13.41 10.05 -20.78
C GLY C 816 -13.91 9.23 -21.94
N VAL C 817 -13.61 9.66 -23.16
CA VAL C 817 -14.18 9.03 -24.35
C VAL C 817 -13.29 7.84 -24.71
N GLN C 818 -12.05 7.84 -24.22
CA GLN C 818 -11.12 6.75 -24.53
C GLN C 818 -11.34 5.50 -23.71
N ASN C 819 -12.12 5.55 -22.63
CA ASN C 819 -12.39 4.36 -21.82
C ASN C 819 -13.88 4.12 -21.60
N ILE C 820 -14.70 5.16 -21.47
CA ILE C 820 -16.13 4.97 -21.64
C ILE C 820 -16.60 5.86 -22.80
N GLY C 821 -16.50 5.31 -24.00
CA GLY C 821 -16.93 6.03 -25.18
C GLY C 821 -17.55 5.04 -26.13
N GLY C 822 -17.55 3.79 -25.72
CA GLY C 822 -18.11 2.72 -26.52
C GLY C 822 -19.51 2.40 -26.12
N ILE C 823 -20.02 3.12 -25.12
CA ILE C 823 -21.44 3.08 -24.83
C ILE C 823 -22.16 4.09 -25.73
N PHE C 824 -21.39 4.89 -26.47
CA PHE C 824 -21.97 5.79 -27.47
C PHE C 824 -22.08 5.12 -28.82
N ILE C 825 -21.23 4.12 -29.11
CA ILE C 825 -21.41 3.33 -30.32
C ILE C 825 -22.65 2.44 -30.18
N VAL C 826 -22.82 1.82 -29.01
CA VAL C 826 -23.97 0.95 -28.76
C VAL C 826 -25.25 1.78 -28.71
N LEU C 827 -25.16 3.01 -28.19
CA LEU C 827 -26.28 3.94 -28.28
C LEU C 827 -26.61 4.28 -29.72
N ALA C 828 -25.59 4.56 -30.53
CA ALA C 828 -25.83 4.93 -31.92
C ALA C 828 -26.29 3.72 -32.74
N ALA C 829 -25.87 2.52 -32.36
CA ALA C 829 -26.26 1.34 -33.12
C ALA C 829 -27.66 0.87 -32.76
N GLY C 830 -28.17 1.33 -31.62
CA GLY C 830 -29.54 0.99 -31.24
C GLY C 830 -30.55 1.96 -31.81
N LEU C 831 -30.09 3.17 -32.13
CA LEU C 831 -30.98 4.16 -32.74
C LEU C 831 -31.04 4.00 -34.25
N VAL C 832 -30.08 3.25 -34.82
CA VAL C 832 -30.15 2.93 -36.25
C VAL C 832 -30.98 1.69 -36.48
N LEU C 833 -30.86 0.70 -35.58
CA LEU C 833 -31.67 -0.52 -35.67
C LEU C 833 -33.15 -0.22 -35.46
N SER C 834 -33.46 0.78 -34.65
CA SER C 834 -34.87 1.10 -34.38
C SER C 834 -35.52 1.80 -35.57
N VAL C 835 -34.74 2.49 -36.38
CA VAL C 835 -35.27 3.05 -37.63
C VAL C 835 -35.55 1.93 -38.63
N PHE C 836 -34.75 0.86 -38.58
CA PHE C 836 -34.98 -0.29 -39.45
C PHE C 836 -36.25 -1.04 -39.07
N VAL C 837 -36.63 -0.99 -37.79
CA VAL C 837 -37.87 -1.62 -37.37
C VAL C 837 -39.06 -0.69 -37.59
N ALA C 838 -38.82 0.63 -37.50
CA ALA C 838 -39.89 1.60 -37.74
C ALA C 838 -40.31 1.62 -39.21
N VAL C 839 -39.35 1.40 -40.11
CA VAL C 839 -39.68 1.17 -41.51
C VAL C 839 -40.38 -0.17 -41.64
N GLY C 840 -39.93 -1.16 -40.88
CA GLY C 840 -40.53 -2.49 -40.97
C GLY C 840 -41.91 -2.57 -40.38
N GLU C 841 -42.23 -1.71 -39.41
CA GLU C 841 -43.58 -1.66 -38.87
C GLU C 841 -44.51 -0.90 -39.79
N PHE C 842 -43.97 0.08 -40.52
CA PHE C 842 -44.78 0.86 -41.45
C PHE C 842 -45.15 0.02 -42.67
N LEU C 843 -44.27 -0.92 -43.05
CA LEU C 843 -44.56 -1.78 -44.20
C LEU C 843 -45.50 -2.90 -43.83
N TYR C 844 -45.38 -3.44 -42.61
CA TYR C 844 -46.26 -4.52 -42.19
C TYR C 844 -47.67 -4.00 -41.92
N LYS C 845 -47.78 -2.74 -41.50
CA LYS C 845 -49.09 -2.13 -41.35
C LYS C 845 -49.71 -1.86 -42.72
N SER C 846 -48.89 -1.47 -43.70
CA SER C 846 -49.36 -1.20 -45.05
C SER C 846 -49.79 -2.49 -45.76
N LYS C 847 -49.06 -3.59 -45.51
CA LYS C 847 -49.51 -4.88 -46.02
C LYS C 847 -50.74 -5.38 -45.28
N LYS C 848 -50.98 -4.90 -44.06
CA LYS C 848 -52.18 -5.28 -43.32
C LYS C 848 -53.41 -4.57 -43.89
N ASN C 849 -53.21 -3.36 -44.43
CA ASN C 849 -54.30 -2.61 -45.04
C ASN C 849 -54.78 -3.28 -46.33
N ALA C 850 -53.89 -4.00 -47.01
CA ALA C 850 -54.25 -4.72 -48.21
C ALA C 850 -54.82 -6.08 -47.87
N ARG D 431 49.16 -28.00 10.09
CA ARG D 431 48.05 -28.89 9.80
C ARG D 431 46.89 -28.10 9.18
N SER D 432 46.24 -28.69 8.18
CA SER D 432 45.13 -28.05 7.49
C SER D 432 43.79 -28.44 8.13
N LEU D 433 43.80 -29.46 8.99
CA LEU D 433 42.66 -29.95 9.76
C LEU D 433 41.46 -30.31 8.86
N ILE D 434 41.55 -31.49 8.23
CA ILE D 434 40.55 -32.07 7.34
C ILE D 434 39.11 -31.94 7.85
N VAL D 435 38.27 -31.30 7.05
CA VAL D 435 36.89 -30.99 7.43
C VAL D 435 35.95 -31.91 6.65
N THR D 436 35.31 -32.84 7.34
CA THR D 436 34.30 -33.67 6.68
C THR D 436 33.03 -32.84 6.52
N THR D 437 32.29 -33.07 5.44
CA THR D 437 31.21 -32.19 5.00
C THR D 437 30.32 -32.93 4.02
N ILE D 438 29.00 -32.79 4.12
CA ILE D 438 28.07 -33.40 3.18
C ILE D 438 27.55 -32.30 2.27
N LEU D 439 26.97 -32.71 1.13
CA LEU D 439 26.52 -31.81 0.08
C LEU D 439 25.04 -31.49 0.31
N GLU D 440 24.75 -30.27 0.74
CA GLU D 440 23.38 -29.85 0.99
C GLU D 440 23.16 -28.42 0.55
N GLU D 441 21.90 -28.05 0.42
CA GLU D 441 21.47 -26.76 -0.06
C GLU D 441 20.65 -26.05 1.01
N PRO D 442 20.89 -24.74 1.24
CA PRO D 442 21.88 -23.83 0.66
C PRO D 442 23.15 -23.79 1.46
N TYR D 443 23.54 -24.93 2.02
CA TYR D 443 24.70 -25.00 2.91
C TYR D 443 25.98 -25.22 2.12
N VAL D 444 26.04 -26.26 1.29
CA VAL D 444 27.26 -26.63 0.56
C VAL D 444 26.88 -26.81 -0.91
N LEU D 445 27.09 -25.78 -1.71
CA LEU D 445 26.72 -25.79 -3.12
C LEU D 445 27.93 -25.52 -4.00
N PHE D 446 28.04 -26.30 -5.08
CA PHE D 446 29.06 -26.10 -6.10
C PHE D 446 28.91 -24.73 -6.75
N LYS D 447 30.05 -24.14 -7.12
CA LYS D 447 30.05 -22.77 -7.64
C LYS D 447 29.51 -22.71 -9.07
N LYS D 448 30.07 -23.51 -9.98
CA LYS D 448 29.57 -23.74 -11.34
C LYS D 448 29.44 -22.46 -12.17
N SER D 449 30.55 -21.79 -12.42
CA SER D 449 30.51 -20.54 -13.17
C SER D 449 31.51 -20.54 -14.32
N ASP D 450 32.62 -21.27 -14.14
CA ASP D 450 33.77 -21.18 -15.02
C ASP D 450 34.62 -22.44 -14.94
N LYS D 451 35.91 -22.32 -15.33
CA LYS D 451 36.98 -23.31 -15.37
C LYS D 451 36.93 -24.29 -14.20
N PRO D 452 36.77 -25.58 -14.47
CA PRO D 452 36.51 -26.54 -13.38
C PRO D 452 37.76 -27.10 -12.72
N LEU D 453 38.62 -26.23 -12.18
CA LEU D 453 39.75 -26.71 -11.40
C LEU D 453 40.15 -25.70 -10.33
N TYR D 454 39.67 -25.88 -9.11
CA TYR D 454 40.14 -25.05 -8.00
C TYR D 454 40.86 -25.85 -6.93
N GLY D 455 40.15 -26.79 -6.31
CA GLY D 455 40.67 -27.58 -5.21
C GLY D 455 40.33 -26.89 -3.90
N ASN D 456 39.28 -27.36 -3.22
CA ASN D 456 38.68 -26.77 -2.02
C ASN D 456 38.30 -25.29 -2.16
N ASP D 457 38.17 -24.82 -3.39
CA ASP D 457 37.46 -23.57 -3.68
C ASP D 457 36.36 -23.84 -4.70
N ARG D 458 36.05 -25.12 -4.90
CA ARG D 458 35.07 -25.58 -5.88
C ARG D 458 33.65 -25.16 -5.54
N PHE D 459 33.34 -24.98 -4.27
CA PHE D 459 31.97 -24.89 -3.80
C PHE D 459 31.81 -23.82 -2.71
N GLU D 460 30.57 -23.37 -2.55
CA GLU D 460 30.23 -22.23 -1.72
C GLU D 460 28.99 -22.55 -0.90
N GLY D 461 28.55 -21.56 -0.12
CA GLY D 461 27.32 -21.72 0.64
C GLY D 461 27.34 -21.10 2.02
N TYR D 462 26.42 -21.56 2.89
CA TYR D 462 26.36 -21.04 4.25
C TYR D 462 27.46 -21.63 5.12
N CYS D 463 27.66 -22.95 5.06
CA CYS D 463 28.64 -23.59 5.93
C CYS D 463 30.06 -23.30 5.48
N ILE D 464 30.24 -22.87 4.23
CA ILE D 464 31.57 -22.52 3.77
C ILE D 464 31.86 -21.05 4.07
N ASP D 465 30.84 -20.19 4.11
CA ASP D 465 31.04 -18.85 4.63
C ASP D 465 31.28 -18.87 6.13
N LEU D 466 30.61 -19.78 6.84
CA LEU D 466 30.84 -19.96 8.27
C LEU D 466 32.24 -20.47 8.54
N LEU D 467 32.71 -21.44 7.74
CA LEU D 467 34.03 -22.02 7.95
C LEU D 467 35.13 -21.04 7.58
N ARG D 468 34.81 -20.00 6.80
CA ARG D 468 35.76 -18.93 6.58
C ARG D 468 35.99 -18.13 7.86
N GLU D 469 34.92 -17.60 8.45
CA GLU D 469 35.08 -16.67 9.56
C GLU D 469 35.36 -17.39 10.87
N LEU D 470 35.19 -18.71 10.91
CA LEU D 470 35.83 -19.48 11.96
C LEU D 470 37.33 -19.49 11.75
N SER D 471 37.76 -19.73 10.51
CA SER D 471 39.18 -19.86 10.20
C SER D 471 39.88 -18.51 10.24
N THR D 472 39.16 -17.44 9.90
CA THR D 472 39.70 -16.08 9.99
C THR D 472 40.03 -15.69 11.43
N ILE D 473 39.20 -16.07 12.39
CA ILE D 473 39.47 -15.82 13.79
C ILE D 473 40.45 -16.82 14.39
N LEU D 474 40.38 -18.10 13.98
CA LEU D 474 41.10 -19.16 14.68
C LEU D 474 42.35 -19.67 13.96
N GLY D 475 42.99 -18.88 13.09
CA GLY D 475 44.18 -19.42 12.49
C GLY D 475 44.01 -20.06 11.12
N PHE D 476 43.66 -21.35 11.14
CA PHE D 476 43.77 -22.34 10.07
C PHE D 476 43.13 -22.02 8.73
N THR D 477 43.36 -22.87 7.74
CA THR D 477 42.70 -22.79 6.43
C THR D 477 41.59 -23.82 6.37
N TYR D 478 40.68 -23.69 5.39
CA TYR D 478 39.54 -24.59 5.22
C TYR D 478 39.92 -26.05 5.05
N GLU D 479 40.46 -26.35 3.86
CA GLU D 479 40.79 -27.68 3.34
C GLU D 479 39.65 -28.69 3.57
N ILE D 480 38.52 -28.49 2.89
CA ILE D 480 37.34 -29.34 3.04
C ILE D 480 37.63 -30.70 2.41
N ARG D 481 37.13 -31.77 3.01
CA ARG D 481 37.37 -33.14 2.55
C ARG D 481 36.05 -33.91 2.54
N LEU D 482 35.08 -33.45 1.71
CA LEU D 482 33.72 -33.97 1.54
C LEU D 482 33.57 -35.49 1.67
N VAL D 483 32.61 -35.92 2.49
CA VAL D 483 32.48 -37.31 2.93
C VAL D 483 32.12 -38.21 1.76
N GLU D 484 32.72 -39.40 1.72
CA GLU D 484 32.49 -40.34 0.63
C GLU D 484 31.10 -40.94 0.73
N ASP D 485 30.81 -41.60 1.85
CA ASP D 485 29.47 -42.09 2.14
C ASP D 485 28.53 -40.92 2.36
N GLY D 486 27.53 -40.76 1.50
CA GLY D 486 26.66 -39.60 1.56
C GLY D 486 25.61 -39.63 2.66
N LYS D 487 26.06 -39.75 3.91
CA LYS D 487 25.19 -39.76 5.06
C LYS D 487 25.79 -38.85 6.13
N TYR D 488 24.97 -38.51 7.14
CA TYR D 488 25.43 -37.76 8.29
C TYR D 488 25.99 -38.65 9.38
N GLY D 489 25.36 -39.75 9.66
CA GLY D 489 25.80 -40.67 10.68
C GLY D 489 24.62 -41.28 11.38
N ALA D 490 24.64 -42.61 11.47
CA ALA D 490 23.57 -43.35 12.10
C ALA D 490 24.13 -44.68 12.62
N GLN D 491 23.53 -45.21 13.67
CA GLN D 491 24.04 -46.40 14.31
C GLN D 491 23.17 -47.59 13.91
N ASP D 492 23.68 -48.38 12.97
CA ASP D 492 23.06 -49.66 12.64
C ASP D 492 23.29 -50.62 13.80
N ASP D 493 22.19 -51.16 14.36
CA ASP D 493 22.28 -51.96 15.56
C ASP D 493 22.83 -53.36 15.31
N VAL D 494 22.89 -53.77 14.05
CA VAL D 494 23.37 -55.11 13.68
C VAL D 494 24.86 -55.25 13.93
N ASN D 495 25.61 -54.15 13.79
CA ASN D 495 27.03 -54.16 14.05
C ASN D 495 27.47 -53.10 15.07
N GLY D 496 26.60 -52.15 15.39
CA GLY D 496 26.95 -51.09 16.32
C GLY D 496 27.95 -50.10 15.76
N GLN D 497 28.08 -50.06 14.44
CA GLN D 497 29.02 -49.16 13.80
C GLN D 497 28.30 -47.88 13.37
N TRP D 498 29.09 -46.83 13.20
CA TRP D 498 28.56 -45.56 12.78
C TRP D 498 28.81 -45.35 11.29
N ASN D 499 27.94 -44.55 10.67
CA ASN D 499 28.03 -44.28 9.24
C ASN D 499 28.37 -42.81 9.08
N GLY D 500 28.36 -42.34 7.84
CA GLY D 500 28.35 -40.93 7.50
C GLY D 500 29.51 -40.10 7.98
N MET D 501 29.21 -38.98 8.65
CA MET D 501 30.28 -38.12 9.14
C MET D 501 30.73 -38.54 10.52
N VAL D 502 29.81 -38.96 11.40
CA VAL D 502 30.19 -39.17 12.79
C VAL D 502 30.93 -40.50 12.98
N ARG D 503 31.14 -41.25 11.90
CA ARG D 503 32.17 -42.29 11.91
C ARG D 503 33.52 -41.71 11.55
N GLU D 504 33.52 -40.69 10.68
CA GLU D 504 34.76 -40.06 10.26
C GLU D 504 35.32 -39.16 11.36
N LEU D 505 34.49 -38.80 12.35
CA LEU D 505 34.98 -38.03 13.49
C LEU D 505 35.64 -38.93 14.54
N ILE D 506 35.07 -40.10 14.80
CA ILE D 506 35.51 -40.91 15.94
C ILE D 506 36.78 -41.69 15.61
N ASP D 507 37.10 -41.81 14.32
CA ASP D 507 38.27 -42.57 13.91
C ASP D 507 39.42 -41.60 13.65
N HIS D 508 39.15 -40.32 13.97
CA HIS D 508 40.06 -39.17 13.83
C HIS D 508 40.57 -38.99 12.41
N LYS D 509 39.81 -39.46 11.42
CA LYS D 509 40.05 -39.17 10.02
C LYS D 509 39.28 -37.94 9.55
N ALA D 510 38.85 -37.12 10.50
CA ALA D 510 38.37 -35.76 10.26
C ALA D 510 38.58 -34.98 11.55
N ASP D 511 38.73 -33.67 11.42
CA ASP D 511 38.97 -32.82 12.58
C ASP D 511 37.80 -31.91 12.90
N LEU D 512 37.01 -31.52 11.91
CA LEU D 512 35.75 -30.82 12.14
C LEU D 512 34.63 -31.48 11.35
N ALA D 513 33.41 -30.99 11.51
CA ALA D 513 32.26 -31.50 10.76
C ALA D 513 31.35 -30.37 10.35
N VAL D 514 31.89 -29.31 9.76
CA VAL D 514 31.15 -28.08 9.56
C VAL D 514 30.12 -28.31 8.47
N ALA D 515 28.91 -28.59 8.90
CA ALA D 515 27.79 -29.10 8.13
C ALA D 515 26.53 -28.98 8.99
N PRO D 516 25.34 -29.15 8.40
CA PRO D 516 24.14 -29.26 9.26
C PRO D 516 24.07 -30.55 10.04
N LEU D 517 24.96 -30.73 11.01
CA LEU D 517 24.96 -31.93 11.83
C LEU D 517 24.18 -31.66 13.10
N ALA D 518 23.02 -32.29 13.21
CA ALA D 518 22.08 -31.98 14.27
C ALA D 518 22.54 -32.54 15.60
N ILE D 519 22.35 -31.76 16.66
CA ILE D 519 22.74 -32.17 18.01
C ILE D 519 21.68 -33.13 18.54
N THR D 520 21.97 -34.42 18.46
CA THR D 520 21.07 -35.47 18.91
C THR D 520 21.69 -36.06 20.16
N TYR D 521 20.88 -36.79 20.94
CA TYR D 521 21.37 -37.37 22.18
C TYR D 521 22.37 -38.51 21.95
N VAL D 522 22.09 -39.39 20.98
CA VAL D 522 22.96 -40.55 20.77
C VAL D 522 24.28 -40.13 20.12
N ARG D 523 24.30 -38.98 19.45
CA ARG D 523 25.55 -38.50 18.89
C ARG D 523 26.40 -37.79 19.94
N GLU D 524 25.74 -37.16 20.93
CA GLU D 524 26.46 -36.41 21.95
C GLU D 524 27.20 -37.35 22.90
N LYS D 525 26.72 -38.58 23.05
CA LYS D 525 27.44 -39.57 23.85
C LYS D 525 28.67 -40.11 23.12
N VAL D 526 28.82 -39.82 21.84
CA VAL D 526 29.85 -40.42 20.99
C VAL D 526 30.84 -39.37 20.48
N ILE D 527 30.33 -38.30 19.89
CA ILE D 527 31.18 -37.17 19.52
C ILE D 527 30.84 -36.00 20.43
N ASP D 528 31.60 -34.92 20.32
CA ASP D 528 31.26 -33.69 21.04
C ASP D 528 30.90 -32.65 20.00
N PHE D 529 29.78 -31.98 20.20
CA PHE D 529 29.33 -30.93 19.29
C PHE D 529 29.78 -29.59 19.80
N SER D 530 29.77 -28.59 18.91
CA SER D 530 29.94 -27.23 19.36
C SER D 530 28.61 -26.69 19.83
N LYS D 531 28.54 -25.42 20.04
CA LYS D 531 27.33 -24.82 20.53
C LYS D 531 26.61 -24.15 19.35
N PRO D 532 25.26 -24.37 19.18
CA PRO D 532 24.59 -24.24 17.87
C PRO D 532 24.79 -22.97 17.07
N PHE D 533 24.87 -23.10 15.76
CA PHE D 533 24.89 -21.94 14.88
C PHE D 533 23.58 -21.69 14.16
N MET D 534 22.65 -22.64 14.19
CA MET D 534 21.30 -22.41 13.72
C MET D 534 20.34 -23.02 14.71
N THR D 535 19.11 -22.51 14.71
CA THR D 535 18.04 -23.00 15.58
C THR D 535 16.84 -23.30 14.69
N LEU D 536 16.22 -24.45 14.92
CA LEU D 536 15.16 -24.91 14.06
C LEU D 536 14.20 -25.81 14.82
N GLY D 537 13.22 -26.35 14.10
CA GLY D 537 12.29 -27.29 14.68
C GLY D 537 11.53 -28.02 13.61
N ILE D 538 10.33 -28.48 13.93
CA ILE D 538 9.46 -29.11 12.95
C ILE D 538 8.35 -28.12 12.63
N SER D 539 8.06 -27.95 11.35
CA SER D 539 6.96 -27.07 10.96
C SER D 539 6.29 -27.70 9.74
N ILE D 540 5.30 -26.99 9.21
CA ILE D 540 4.37 -27.56 8.24
C ILE D 540 4.42 -26.75 6.95
N LEU D 541 4.70 -27.42 5.84
CA LEU D 541 4.40 -26.86 4.54
C LEU D 541 2.94 -27.07 4.18
N TYR D 542 2.38 -26.07 3.51
CA TYR D 542 1.05 -26.14 2.95
C TYR D 542 1.04 -25.16 1.79
N ARG D 543 0.17 -25.40 0.83
CA ARG D 543 0.07 -24.53 -0.34
C ARG D 543 -0.52 -23.18 0.07
N LYS D 544 0.06 -22.12 -0.49
CA LYS D 544 -0.40 -20.77 -0.19
C LYS D 544 -1.84 -20.59 -0.68
N PRO D 545 -2.71 -19.97 0.12
CA PRO D 545 -4.12 -19.84 -0.27
C PRO D 545 -4.30 -18.98 -1.50
N ASN D 546 -5.33 -19.29 -2.28
CA ASN D 546 -5.32 -18.88 -3.68
C ASN D 546 -6.42 -17.89 -4.01
N GLY D 547 -7.66 -18.19 -3.62
CA GLY D 547 -8.77 -17.32 -3.92
C GLY D 547 -9.29 -17.45 -5.34
N THR D 548 -9.00 -18.57 -6.00
CA THR D 548 -9.58 -18.84 -7.32
C THR D 548 -10.85 -19.67 -7.24
N ASN D 549 -11.13 -20.28 -6.09
CA ASN D 549 -12.42 -20.88 -5.83
C ASN D 549 -13.00 -20.26 -4.57
N PRO D 550 -13.66 -19.10 -4.65
CA PRO D 550 -14.26 -18.52 -3.45
C PRO D 550 -15.55 -19.20 -3.03
N GLY D 551 -16.03 -20.14 -3.84
CA GLY D 551 -17.31 -20.79 -3.72
C GLY D 551 -18.07 -20.60 -5.00
N VAL D 552 -19.40 -20.73 -4.93
CA VAL D 552 -20.27 -20.34 -6.01
C VAL D 552 -21.40 -19.44 -5.51
N PHE D 553 -21.58 -19.37 -4.19
CA PHE D 553 -22.41 -18.36 -3.55
C PHE D 553 -21.55 -17.29 -2.88
N SER D 554 -20.44 -16.92 -3.52
CA SER D 554 -19.52 -15.93 -2.97
C SER D 554 -20.00 -14.50 -3.16
N PHE D 555 -21.13 -14.29 -3.84
CA PHE D 555 -21.79 -13.00 -3.85
C PHE D 555 -22.47 -12.67 -2.54
N LEU D 556 -22.66 -13.66 -1.67
CA LEU D 556 -23.50 -13.54 -0.49
C LEU D 556 -22.70 -13.12 0.73
N ASN D 557 -21.38 -13.08 0.59
CA ASN D 557 -20.41 -12.68 1.61
C ASN D 557 -20.49 -11.26 2.19
N PRO D 558 -20.76 -10.15 1.39
CA PRO D 558 -20.67 -8.80 2.00
C PRO D 558 -21.66 -8.48 3.10
N LEU D 559 -22.67 -9.31 3.30
CA LEU D 559 -23.51 -9.23 4.48
C LEU D 559 -23.41 -10.56 5.23
N SER D 560 -23.37 -10.46 6.56
CA SER D 560 -23.29 -11.65 7.41
C SER D 560 -24.59 -12.45 7.31
N PRO D 561 -24.54 -13.75 7.59
CA PRO D 561 -25.78 -14.56 7.49
C PRO D 561 -26.83 -14.22 8.53
N ASP D 562 -26.48 -13.46 9.57
CA ASP D 562 -27.52 -12.92 10.46
C ASP D 562 -28.28 -11.81 9.77
N ILE D 563 -27.60 -11.02 8.93
CA ILE D 563 -28.25 -9.90 8.24
C ILE D 563 -29.14 -10.41 7.11
N TRP D 564 -28.72 -11.45 6.40
CA TRP D 564 -29.54 -11.99 5.31
C TRP D 564 -30.82 -12.63 5.84
N MET D 565 -30.82 -13.09 7.09
CA MET D 565 -32.03 -13.60 7.70
C MET D 565 -32.89 -12.47 8.28
N TYR D 566 -32.27 -11.42 8.80
CA TYR D 566 -33.04 -10.33 9.40
C TYR D 566 -33.74 -9.49 8.34
N VAL D 567 -33.21 -9.45 7.12
CA VAL D 567 -33.91 -8.79 6.03
C VAL D 567 -35.12 -9.61 5.59
N LEU D 568 -34.96 -10.94 5.56
CA LEU D 568 -36.06 -11.83 5.21
C LEU D 568 -37.15 -11.78 6.26
N LEU D 569 -36.77 -11.60 7.54
CA LEU D 569 -37.77 -11.45 8.59
C LEU D 569 -38.31 -10.03 8.65
N ALA D 570 -37.66 -9.09 7.97
CA ALA D 570 -38.19 -7.73 7.92
C ALA D 570 -39.28 -7.60 6.86
N CYS D 571 -39.12 -8.30 5.73
CA CYS D 571 -40.15 -8.31 4.70
C CYS D 571 -41.42 -8.98 5.21
N LEU D 572 -41.26 -10.05 5.97
CA LEU D 572 -42.41 -10.69 6.60
C LEU D 572 -42.95 -9.81 7.72
N GLY D 573 -42.07 -9.05 8.36
CA GLY D 573 -42.53 -8.17 9.44
C GLY D 573 -43.27 -6.95 8.94
N VAL D 574 -42.75 -6.32 7.89
CA VAL D 574 -43.34 -5.07 7.39
C VAL D 574 -44.65 -5.36 6.67
N SER D 575 -44.69 -6.41 5.85
CA SER D 575 -45.87 -6.66 5.03
C SER D 575 -47.01 -7.24 5.85
N CYS D 576 -46.71 -7.80 7.03
CA CYS D 576 -47.78 -8.15 7.96
C CYS D 576 -48.26 -6.93 8.73
N VAL D 577 -47.40 -5.90 8.86
CA VAL D 577 -47.85 -4.63 9.42
C VAL D 577 -48.66 -3.86 8.40
N LEU D 578 -48.27 -3.93 7.12
CA LEU D 578 -49.01 -3.25 6.06
C LEU D 578 -50.42 -3.80 5.90
N PHE D 579 -50.59 -5.10 6.03
CA PHE D 579 -51.92 -5.70 5.90
C PHE D 579 -52.81 -5.34 7.08
N VAL D 580 -52.22 -5.08 8.24
CA VAL D 580 -53.01 -4.71 9.41
C VAL D 580 -53.39 -3.24 9.35
N ILE D 581 -52.43 -2.38 8.98
CA ILE D 581 -52.67 -0.93 9.00
C ILE D 581 -53.63 -0.52 7.89
N ALA D 582 -53.45 -1.06 6.68
CA ALA D 582 -54.22 -0.62 5.53
C ALA D 582 -55.69 -1.02 5.59
N ARG D 583 -56.01 -2.13 6.24
CA ARG D 583 -57.40 -2.46 6.48
C ARG D 583 -58.00 -1.55 7.55
N PHE D 584 -57.22 -1.25 8.59
CA PHE D 584 -57.70 -0.44 9.69
C PHE D 584 -57.77 1.04 9.35
N SER D 585 -56.93 1.51 8.43
CA SER D 585 -56.89 2.93 8.08
C SER D 585 -58.08 3.27 7.19
N PRO D 586 -58.87 4.29 7.53
CA PRO D 586 -60.07 4.61 6.75
C PRO D 586 -59.78 5.23 5.39
N TYR D 587 -58.57 5.74 5.17
CA TYR D 587 -58.25 6.46 3.94
C TYR D 587 -57.65 5.56 2.86
N GLU D 588 -57.35 4.31 3.18
CA GLU D 588 -56.97 3.33 2.17
C GLU D 588 -58.17 2.75 1.43
N TRP D 589 -59.36 2.86 2.01
CA TRP D 589 -60.60 2.41 1.39
C TRP D 589 -61.15 3.57 0.56
N TYR D 590 -61.23 3.39 -0.75
CA TYR D 590 -61.50 4.49 -1.67
C TYR D 590 -62.57 4.07 -2.67
N ASN D 591 -62.73 4.89 -3.72
CA ASN D 591 -63.66 4.74 -4.85
C ASN D 591 -62.95 4.01 -5.98
N PRO D 592 -63.14 2.69 -6.13
CA PRO D 592 -62.33 1.94 -7.11
C PRO D 592 -62.89 1.90 -8.53
N HIS D 593 -63.46 3.02 -9.01
CA HIS D 593 -63.62 3.35 -10.43
C HIS D 593 -63.95 4.82 -10.61
N PRO D 594 -62.94 5.71 -10.62
CA PRO D 594 -63.19 7.09 -11.06
C PRO D 594 -63.30 7.22 -12.57
N CYS D 595 -63.06 6.13 -13.31
CA CYS D 595 -63.27 6.05 -14.74
C CYS D 595 -64.74 6.10 -15.12
N ASN D 596 -65.65 5.85 -14.17
CA ASN D 596 -67.05 6.22 -14.29
C ASN D 596 -67.58 6.60 -12.90
N PRO D 597 -68.02 7.86 -12.74
CA PRO D 597 -68.13 8.49 -11.40
C PRO D 597 -69.08 7.89 -10.37
N ASP D 598 -69.70 6.75 -10.67
CA ASP D 598 -70.66 6.06 -9.79
C ASP D 598 -70.12 5.79 -8.39
N SER D 599 -71.02 5.75 -7.41
CA SER D 599 -70.64 5.75 -6.00
C SER D 599 -71.00 4.44 -5.28
N ASP D 600 -70.85 4.46 -3.95
CA ASP D 600 -71.15 3.37 -3.02
C ASP D 600 -70.31 2.13 -3.35
N VAL D 601 -69.01 2.32 -3.47
CA VAL D 601 -68.06 1.23 -3.69
C VAL D 601 -66.80 1.48 -2.85
N VAL D 602 -66.46 0.50 -2.01
CA VAL D 602 -65.40 0.63 -1.03
C VAL D 602 -64.49 -0.59 -1.15
N GLU D 603 -63.30 -0.36 -1.71
CA GLU D 603 -62.35 -1.45 -1.94
C GLU D 603 -60.92 -1.09 -1.58
N ASN D 604 -60.18 -2.05 -1.03
CA ASN D 604 -58.79 -1.87 -0.68
C ASN D 604 -57.90 -2.57 -1.70
N ASN D 605 -56.71 -1.99 -1.94
CA ASN D 605 -55.71 -2.65 -2.78
C ASN D 605 -54.74 -3.50 -2.00
N PHE D 606 -54.58 -3.27 -0.70
CA PHE D 606 -53.61 -4.04 0.08
C PHE D 606 -54.28 -5.29 0.66
N THR D 607 -54.31 -6.33 -0.17
CA THR D 607 -54.65 -7.65 0.29
C THR D 607 -53.43 -8.30 0.94
N LEU D 608 -53.50 -9.59 1.20
CA LEU D 608 -52.36 -10.25 1.81
C LEU D 608 -51.26 -10.48 0.78
N LEU D 609 -51.63 -10.94 -0.41
CA LEU D 609 -50.64 -11.16 -1.46
C LEU D 609 -50.12 -9.83 -2.01
N ASN D 610 -50.96 -8.79 -1.97
CA ASN D 610 -50.55 -7.49 -2.50
C ASN D 610 -49.70 -6.72 -1.51
N SER D 611 -49.62 -7.18 -0.25
CA SER D 611 -48.78 -6.49 0.72
C SER D 611 -47.39 -7.08 0.76
N PHE D 612 -47.26 -8.39 0.54
CA PHE D 612 -45.93 -8.99 0.42
C PHE D 612 -45.28 -8.62 -0.90
N TRP D 613 -46.07 -8.18 -1.88
CA TRP D 613 -45.50 -7.79 -3.17
C TRP D 613 -45.00 -6.36 -3.13
N PHE D 614 -45.55 -5.55 -2.23
CA PHE D 614 -44.97 -4.23 -1.98
C PHE D 614 -43.62 -4.36 -1.29
N GLY D 615 -43.57 -5.19 -0.24
CA GLY D 615 -42.35 -5.42 0.50
C GLY D 615 -41.24 -6.08 -0.29
N VAL D 616 -41.57 -7.04 -1.14
CA VAL D 616 -40.57 -7.64 -2.03
C VAL D 616 -40.19 -6.64 -3.12
N GLY D 617 -41.18 -5.95 -3.68
CA GLY D 617 -40.92 -5.01 -4.76
C GLY D 617 -40.08 -3.83 -4.33
N ALA D 618 -40.39 -3.26 -3.17
CA ALA D 618 -39.61 -2.13 -2.66
C ALA D 618 -38.21 -2.56 -2.24
N LEU D 619 -38.03 -3.85 -1.90
CA LEU D 619 -36.72 -4.33 -1.48
C LEU D 619 -35.78 -4.48 -2.66
N MET D 620 -36.30 -4.94 -3.79
CA MET D 620 -35.50 -5.23 -4.97
C MET D 620 -35.24 -4.01 -5.84
N GLN D 621 -35.46 -2.80 -5.31
CA GLN D 621 -35.26 -1.51 -5.95
C GLN D 621 -36.10 -1.29 -7.19
N GLN D 622 -37.11 -2.13 -7.41
CA GLN D 622 -37.99 -2.00 -8.57
C GLN D 622 -39.42 -1.98 -8.10
N GLY D 623 -40.06 -0.82 -8.25
CA GLY D 623 -41.34 -0.55 -7.64
C GLY D 623 -42.46 -1.39 -8.21
N SER D 624 -43.33 -1.87 -7.33
CA SER D 624 -44.55 -2.59 -7.70
C SER D 624 -45.60 -1.58 -8.14
N GLU D 625 -46.76 -2.08 -8.57
CA GLU D 625 -47.81 -1.21 -9.12
C GLU D 625 -48.69 -0.63 -8.02
N LEU D 626 -48.32 -0.85 -6.77
CA LEU D 626 -49.11 -0.47 -5.61
C LEU D 626 -48.37 0.60 -4.82
N MET D 627 -49.01 1.73 -4.62
CA MET D 627 -48.42 2.78 -3.79
C MET D 627 -49.40 3.16 -2.69
N PRO D 628 -48.93 3.31 -1.45
CA PRO D 628 -49.84 3.61 -0.33
C PRO D 628 -50.49 4.96 -0.43
N LYS D 629 -51.60 5.18 0.29
CA LYS D 629 -52.37 6.39 0.05
C LYS D 629 -52.71 7.20 1.30
N ALA D 630 -52.74 6.62 2.50
CA ALA D 630 -53.44 7.29 3.58
C ALA D 630 -52.54 8.31 4.23
N LEU D 631 -51.78 7.96 5.27
CA LEU D 631 -50.49 8.54 5.64
C LEU D 631 -49.74 7.46 6.37
N SER D 632 -50.51 6.55 6.97
CA SER D 632 -49.94 5.56 7.89
C SER D 632 -49.26 4.45 7.12
N THR D 633 -49.82 4.07 5.97
CA THR D 633 -49.10 3.15 5.10
C THR D 633 -48.04 3.87 4.27
N ARG D 634 -48.06 5.21 4.24
CA ARG D 634 -46.97 5.94 3.63
C ARG D 634 -45.80 6.13 4.59
N ILE D 635 -46.02 5.88 5.88
CA ILE D 635 -44.91 5.86 6.82
C ILE D 635 -44.31 4.46 6.89
N VAL D 636 -45.13 3.43 6.75
CA VAL D 636 -44.62 2.07 6.60
C VAL D 636 -43.91 1.93 5.25
N GLY D 637 -44.45 2.56 4.23
CA GLY D 637 -43.84 2.57 2.92
C GLY D 637 -42.58 3.38 2.85
N GLY D 638 -42.53 4.52 3.54
CA GLY D 638 -41.38 5.41 3.43
C GLY D 638 -40.21 4.95 4.27
N ILE D 639 -40.48 4.33 5.41
CA ILE D 639 -39.42 3.77 6.25
C ILE D 639 -38.81 2.54 5.60
N TRP D 640 -39.64 1.72 4.97
CA TRP D 640 -39.14 0.52 4.29
C TRP D 640 -38.35 0.90 3.04
N TRP D 641 -38.54 2.10 2.52
CA TRP D 641 -37.72 2.55 1.41
C TRP D 641 -36.37 3.04 1.89
N PHE D 642 -36.32 3.71 3.04
CA PHE D 642 -35.05 4.19 3.57
C PHE D 642 -34.22 3.03 4.13
N PHE D 643 -34.89 2.04 4.72
CA PHE D 643 -34.25 0.79 5.10
C PHE D 643 -33.56 0.15 3.91
N THR D 644 -34.23 0.18 2.76
CA THR D 644 -33.78 -0.57 1.59
C THR D 644 -32.59 0.10 0.91
N LEU D 645 -32.56 1.43 0.90
CA LEU D 645 -31.39 2.15 0.38
C LEU D 645 -30.14 1.83 1.17
N ILE D 646 -30.28 1.73 2.49
CA ILE D 646 -29.11 1.50 3.33
C ILE D 646 -28.61 0.07 3.18
N ILE D 647 -29.51 -0.88 2.91
CA ILE D 647 -29.10 -2.27 2.76
C ILE D 647 -28.43 -2.50 1.41
N ILE D 648 -29.01 -1.97 0.33
CA ILE D 648 -28.43 -2.15 -1.01
C ILE D 648 -27.14 -1.37 -1.17
N SER D 649 -27.04 -0.20 -0.55
CA SER D 649 -25.79 0.56 -0.63
C SER D 649 -24.71 -0.07 0.23
N SER D 650 -25.09 -0.81 1.28
CA SER D 650 -24.10 -1.48 2.11
C SER D 650 -23.66 -2.80 1.48
N TYR D 651 -24.54 -3.42 0.68
CA TYR D 651 -24.12 -4.58 -0.08
C TYR D 651 -23.16 -4.18 -1.19
N THR D 652 -23.46 -3.09 -1.90
CA THR D 652 -22.65 -2.68 -3.03
C THR D 652 -21.29 -2.15 -2.58
N ALA D 653 -21.25 -1.52 -1.40
CA ALA D 653 -20.01 -0.92 -0.93
C ALA D 653 -19.15 -1.87 -0.12
N ASN D 654 -19.73 -2.96 0.39
CA ASN D 654 -18.89 -3.97 1.03
C ASN D 654 -18.42 -5.00 0.01
N LEU D 655 -19.19 -5.19 -1.07
CA LEU D 655 -18.68 -5.98 -2.18
C LEU D 655 -17.57 -5.23 -2.90
N ALA D 656 -17.64 -3.90 -2.92
CA ALA D 656 -16.57 -3.13 -3.54
C ALA D 656 -15.33 -3.08 -2.66
N ALA D 657 -15.47 -3.46 -1.39
CA ALA D 657 -14.31 -3.62 -0.53
C ALA D 657 -13.75 -5.02 -0.63
N PHE D 658 -14.63 -6.02 -0.81
CA PHE D 658 -14.18 -7.41 -0.95
C PHE D 658 -13.46 -7.69 -2.25
N LEU D 659 -13.75 -6.93 -3.30
CA LEU D 659 -13.17 -7.21 -4.60
C LEU D 659 -11.85 -6.51 -4.85
N THR D 660 -11.62 -5.33 -4.27
CA THR D 660 -10.35 -4.67 -4.48
C THR D 660 -9.30 -5.08 -3.45
N VAL D 661 -9.73 -5.55 -2.28
CA VAL D 661 -8.80 -5.98 -1.25
C VAL D 661 -9.01 -7.48 -1.05
N GLU D 662 -8.23 -8.28 -1.76
CA GLU D 662 -8.31 -9.73 -1.63
C GLU D 662 -7.58 -10.15 -0.36
N ARG D 663 -8.27 -10.88 0.51
CA ARG D 663 -7.68 -11.36 1.75
C ARG D 663 -7.98 -12.85 1.88
N MET D 664 -6.97 -13.67 1.61
CA MET D 664 -7.12 -15.12 1.64
C MET D 664 -6.86 -15.67 3.04
N GLU D 665 -7.52 -16.79 3.34
CA GLU D 665 -7.40 -17.43 4.64
C GLU D 665 -7.13 -18.91 4.45
N SER D 666 -6.11 -19.42 5.11
CA SER D 666 -5.82 -20.85 5.04
C SER D 666 -6.74 -21.61 6.00
N PRO D 667 -7.12 -22.85 5.65
CA PRO D 667 -7.97 -23.63 6.56
C PRO D 667 -7.27 -24.04 7.83
N ILE D 668 -5.94 -24.14 7.82
CA ILE D 668 -5.16 -24.54 8.97
C ILE D 668 -4.14 -23.45 9.26
N ASP D 669 -3.83 -23.25 10.53
CA ASP D 669 -2.84 -22.27 10.94
C ASP D 669 -2.02 -22.82 12.11
N SER D 670 -2.13 -24.12 12.34
CA SER D 670 -1.43 -24.78 13.44
C SER D 670 -1.37 -26.27 13.23
N ALA D 671 -1.00 -27.02 14.27
CA ALA D 671 -0.99 -28.48 14.17
C ALA D 671 -2.23 -29.08 14.79
N ASP D 672 -2.86 -28.41 15.75
CA ASP D 672 -4.09 -28.95 16.33
C ASP D 672 -5.29 -28.66 15.45
N ASP D 673 -5.22 -27.59 14.66
CA ASP D 673 -6.22 -27.37 13.61
C ASP D 673 -6.04 -28.36 12.49
N LEU D 674 -4.80 -28.83 12.30
CA LEU D 674 -4.50 -29.80 11.25
C LEU D 674 -4.64 -31.22 11.78
N ALA D 675 -4.75 -31.37 13.10
CA ALA D 675 -5.01 -32.68 13.70
C ALA D 675 -6.47 -33.07 13.49
N LYS D 676 -7.33 -32.07 13.33
CA LYS D 676 -8.77 -32.30 13.18
C LYS D 676 -9.16 -32.54 11.72
N GLN D 677 -8.50 -31.83 10.80
CA GLN D 677 -8.83 -31.91 9.39
C GLN D 677 -8.41 -33.25 8.80
N THR D 678 -9.37 -34.15 8.59
CA THR D 678 -9.10 -35.44 7.96
C THR D 678 -9.14 -35.24 6.45
N LYS D 679 -9.72 -34.12 6.01
CA LYS D 679 -9.70 -33.76 4.59
C LYS D 679 -8.28 -33.47 4.12
N ILE D 680 -7.46 -32.88 4.98
CA ILE D 680 -6.08 -32.58 4.66
C ILE D 680 -5.18 -33.67 5.23
N GLU D 681 -4.46 -34.37 4.36
CA GLU D 681 -3.64 -35.51 4.74
C GLU D 681 -2.21 -35.03 5.00
N TYR D 682 -1.46 -35.80 5.78
CA TYR D 682 -0.21 -35.29 6.35
C TYR D 682 0.96 -35.67 5.45
N GLY D 683 2.17 -35.55 5.96
CA GLY D 683 3.36 -35.98 5.24
C GLY D 683 4.62 -35.80 6.05
N ALA D 684 5.48 -36.82 5.99
CA ALA D 684 6.79 -36.81 6.62
C ALA D 684 7.64 -37.89 5.97
N VAL D 685 8.96 -37.74 6.09
CA VAL D 685 9.91 -38.68 5.51
C VAL D 685 9.89 -39.98 6.32
N GLU D 686 9.90 -41.12 5.64
CA GLU D 686 10.06 -42.41 6.31
C GLU D 686 11.43 -42.50 6.97
N ASP D 687 11.41 -42.83 8.27
CA ASP D 687 12.58 -42.93 9.14
C ASP D 687 13.41 -41.66 9.12
N GLY D 688 12.79 -40.53 9.44
CA GLY D 688 13.50 -39.28 9.54
C GLY D 688 13.51 -38.79 10.97
N ALA D 689 14.08 -37.61 11.16
CA ALA D 689 14.08 -37.00 12.48
C ALA D 689 12.71 -36.46 12.85
N THR D 690 11.85 -36.25 11.86
CA THR D 690 10.50 -35.78 12.10
C THR D 690 9.57 -36.94 12.46
N MET D 691 9.71 -38.06 11.76
CA MET D 691 8.83 -39.20 12.02
C MET D 691 9.15 -39.84 13.36
N THR D 692 10.41 -39.76 13.80
CA THR D 692 10.78 -40.30 15.09
C THR D 692 10.21 -39.45 16.22
N PHE D 693 9.98 -38.16 15.97
CA PHE D 693 9.39 -37.28 16.97
C PHE D 693 7.93 -37.64 17.23
N PHE D 694 7.17 -37.87 16.16
CA PHE D 694 5.74 -38.19 16.33
C PHE D 694 5.53 -39.62 16.80
N LYS D 695 6.46 -40.52 16.49
CA LYS D 695 6.39 -41.87 17.00
C LYS D 695 6.63 -41.90 18.50
N LYS D 696 7.61 -41.15 18.99
CA LYS D 696 7.99 -41.14 20.39
C LYS D 696 7.17 -40.16 21.21
N SER D 697 6.23 -39.45 20.60
CA SER D 697 5.55 -38.37 21.31
C SER D 697 4.53 -38.87 22.31
N LYS D 698 4.13 -38.00 23.24
CA LYS D 698 3.09 -38.31 24.21
C LYS D 698 2.14 -37.14 24.32
N ILE D 699 2.37 -36.09 23.52
CA ILE D 699 1.43 -34.98 23.45
C ILE D 699 0.15 -35.47 22.80
N SER D 700 -0.99 -34.99 23.29
CA SER D 700 -2.28 -35.50 22.83
C SER D 700 -2.55 -35.12 21.38
N THR D 701 -1.99 -34.01 20.91
CA THR D 701 -2.10 -33.67 19.50
C THR D 701 -1.14 -34.50 18.66
N TYR D 702 0.10 -34.66 19.14
CA TYR D 702 1.14 -35.24 18.30
C TYR D 702 1.12 -36.76 18.36
N ASP D 703 0.28 -37.32 19.23
CA ASP D 703 0.02 -38.76 19.19
C ASP D 703 -1.25 -39.05 18.41
N LYS D 704 -2.20 -38.11 18.42
CA LYS D 704 -3.31 -38.16 17.49
C LYS D 704 -2.84 -37.97 16.05
N MET D 705 -1.86 -37.07 15.85
CA MET D 705 -1.29 -36.90 14.52
C MET D 705 -0.46 -38.08 14.08
N TRP D 706 0.02 -38.90 15.02
CA TRP D 706 0.70 -40.13 14.63
C TRP D 706 -0.30 -41.24 14.35
N ALA D 707 -1.49 -41.15 14.93
CA ALA D 707 -2.55 -42.14 14.69
C ALA D 707 -3.05 -42.08 13.25
N PHE D 708 -2.94 -40.90 12.62
CA PHE D 708 -3.25 -40.78 11.21
C PHE D 708 -2.18 -41.42 10.34
N MET D 709 -0.95 -40.94 10.46
CA MET D 709 0.13 -41.27 9.53
C MET D 709 0.83 -42.58 9.84
N SER D 710 0.43 -43.30 10.89
CA SER D 710 0.82 -44.69 11.05
C SER D 710 -0.23 -45.64 10.46
N SER D 711 -1.48 -45.19 10.45
CA SER D 711 -2.57 -45.93 9.82
C SER D 711 -2.41 -45.93 8.31
N ARG D 712 -2.22 -44.75 7.74
CA ARG D 712 -2.16 -44.61 6.28
C ARG D 712 -0.89 -45.23 5.72
N ARG D 713 0.29 -44.70 6.09
CA ARG D 713 1.57 -45.40 5.97
C ARG D 713 1.95 -45.84 4.56
N GLN D 714 2.56 -44.90 3.79
CA GLN D 714 2.94 -44.89 2.36
C GLN D 714 1.73 -44.40 1.56
N SER D 715 0.63 -44.12 2.25
CA SER D 715 -0.32 -43.18 1.70
C SER D 715 0.05 -41.74 2.01
N VAL D 716 0.69 -41.47 3.15
CA VAL D 716 1.11 -40.13 3.53
C VAL D 716 2.58 -40.08 3.96
N LEU D 717 3.39 -41.06 3.53
CA LEU D 717 4.79 -41.04 3.95
C LEU D 717 5.74 -41.11 2.77
N VAL D 718 6.29 -39.96 2.38
CA VAL D 718 7.20 -39.86 1.25
C VAL D 718 8.58 -40.40 1.63
N LYS D 719 9.47 -40.52 0.63
CA LYS D 719 10.80 -41.05 0.84
C LYS D 719 11.89 -39.99 0.98
N SER D 720 11.62 -38.74 0.61
CA SER D 720 12.61 -37.68 0.76
C SER D 720 11.90 -36.36 0.96
N ASN D 721 12.70 -35.29 1.06
CA ASN D 721 12.10 -33.96 1.21
C ASN D 721 11.57 -33.43 -0.12
N GLU D 722 12.26 -33.75 -1.22
CA GLU D 722 11.85 -33.20 -2.51
C GLU D 722 10.60 -33.90 -3.03
N GLU D 723 10.41 -35.17 -2.67
CA GLU D 723 9.18 -35.87 -3.04
C GLU D 723 7.99 -35.33 -2.27
N GLY D 724 8.21 -34.89 -1.03
CA GLY D 724 7.12 -34.37 -0.24
C GLY D 724 6.70 -32.96 -0.63
N ILE D 725 7.66 -32.16 -1.13
CA ILE D 725 7.34 -30.80 -1.58
C ILE D 725 6.46 -30.85 -2.82
N GLN D 726 6.71 -31.82 -3.70
CA GLN D 726 5.91 -31.97 -4.92
C GLN D 726 4.48 -32.37 -4.60
N ARG D 727 4.28 -33.14 -3.53
CA ARG D 727 2.94 -33.58 -3.19
C ARG D 727 2.16 -32.49 -2.46
N VAL D 728 2.84 -31.43 -2.02
CA VAL D 728 2.10 -30.26 -1.54
C VAL D 728 1.64 -29.54 -2.78
N LEU D 729 2.46 -29.58 -3.83
CA LEU D 729 2.21 -28.81 -5.03
C LEU D 729 1.16 -29.49 -5.90
N THR D 730 1.20 -30.83 -5.97
CA THR D 730 0.24 -31.62 -6.75
C THR D 730 -0.98 -32.07 -5.94
N SER D 731 -0.77 -32.85 -4.87
CA SER D 731 -1.85 -33.31 -4.01
C SER D 731 -2.23 -32.20 -3.03
N ASP D 732 -2.94 -32.51 -1.94
CA ASP D 732 -3.42 -31.37 -1.16
C ASP D 732 -2.32 -30.81 -0.26
N TYR D 733 -2.18 -31.21 1.01
CA TYR D 733 -1.12 -32.02 1.63
C TYR D 733 -0.90 -31.42 3.01
N ALA D 734 -0.06 -32.02 3.85
CA ALA D 734 0.49 -31.30 5.00
C ALA D 734 1.86 -31.84 5.37
N PHE D 735 2.91 -31.23 4.86
CA PHE D 735 4.21 -31.89 4.92
C PHE D 735 5.02 -31.41 6.11
N LEU D 736 5.14 -32.28 7.12
CA LEU D 736 5.86 -32.04 8.36
C LEU D 736 7.34 -32.28 8.12
N MET D 737 8.12 -31.19 8.05
CA MET D 737 9.54 -31.30 7.83
C MET D 737 10.25 -30.27 8.70
N GLU D 738 11.58 -30.18 8.55
CA GLU D 738 12.39 -29.27 9.35
C GLU D 738 12.10 -27.83 8.97
N SER D 739 12.42 -26.87 9.84
CA SER D 739 11.96 -25.51 9.64
C SER D 739 12.94 -24.61 8.92
N THR D 740 14.19 -25.00 8.77
CA THR D 740 15.11 -24.21 7.95
C THR D 740 15.02 -24.60 6.49
N THR D 741 14.55 -25.82 6.23
CA THR D 741 14.34 -26.22 4.84
C THR D 741 13.03 -25.65 4.32
N ILE D 742 12.08 -25.38 5.21
CA ILE D 742 10.86 -24.70 4.81
C ILE D 742 11.15 -23.26 4.42
N GLU D 743 11.93 -22.54 5.24
CA GLU D 743 12.24 -21.13 4.99
C GLU D 743 13.07 -20.95 3.73
N PHE D 744 13.79 -22.00 3.32
CA PHE D 744 14.45 -22.01 2.02
C PHE D 744 13.43 -22.14 0.89
N VAL D 745 12.53 -23.12 1.00
CA VAL D 745 11.63 -23.46 -0.09
C VAL D 745 10.50 -22.43 -0.20
N THR D 746 10.07 -21.87 0.94
CA THR D 746 8.98 -20.88 0.95
C THR D 746 9.38 -19.58 0.25
N GLN D 747 10.68 -19.32 0.11
CA GLN D 747 11.11 -18.11 -0.58
C GLN D 747 11.53 -18.36 -2.02
N ARG D 748 11.60 -19.61 -2.46
CA ARG D 748 11.82 -19.89 -3.88
C ARG D 748 10.48 -20.04 -4.58
N ASN D 749 9.66 -20.99 -4.13
CA ASN D 749 8.29 -21.08 -4.61
C ASN D 749 7.44 -20.02 -3.92
N CYS D 750 6.53 -19.41 -4.67
CA CYS D 750 5.66 -18.39 -4.09
C CYS D 750 4.23 -18.89 -3.93
N ASN D 751 3.99 -20.18 -4.10
CA ASN D 751 2.74 -20.82 -3.74
C ASN D 751 2.92 -21.89 -2.68
N LEU D 752 4.01 -21.83 -1.94
CA LEU D 752 4.23 -22.65 -0.77
C LEU D 752 4.39 -21.73 0.42
N THR D 753 3.73 -22.05 1.53
CA THR D 753 3.79 -21.21 2.70
C THR D 753 4.00 -22.07 3.93
N GLN D 754 4.48 -21.45 5.00
CA GLN D 754 4.66 -22.11 6.28
C GLN D 754 3.50 -21.77 7.20
N ILE D 755 2.75 -22.77 7.62
CA ILE D 755 1.61 -22.56 8.49
C ILE D 755 2.02 -23.00 9.88
N GLY D 756 1.64 -22.22 10.89
CA GLY D 756 1.94 -22.53 12.27
C GLY D 756 3.34 -22.10 12.62
N GLY D 757 3.79 -22.55 13.79
CA GLY D 757 5.13 -22.25 14.25
C GLY D 757 5.93 -23.52 14.38
N LEU D 758 6.99 -23.43 15.17
CA LEU D 758 7.87 -24.58 15.39
C LEU D 758 7.24 -25.56 16.36
N ILE D 759 7.36 -26.85 16.03
CA ILE D 759 6.83 -27.91 16.86
C ILE D 759 7.89 -28.52 17.78
N ASP D 760 9.03 -28.95 17.25
CA ASP D 760 10.13 -29.43 18.04
C ASP D 760 11.09 -28.26 18.19
N SER D 761 12.17 -28.46 18.92
CA SER D 761 13.23 -27.47 19.02
C SER D 761 14.58 -28.19 19.00
N LYS D 762 15.34 -27.98 17.93
CA LYS D 762 16.59 -28.67 17.70
C LYS D 762 17.65 -27.65 17.31
N GLY D 763 18.83 -28.13 16.96
CA GLY D 763 19.89 -27.21 16.57
C GLY D 763 21.02 -27.85 15.81
N TYR D 764 21.63 -27.09 14.90
CA TYR D 764 22.74 -27.56 14.09
C TYR D 764 24.04 -27.13 14.75
N GLY D 765 24.89 -28.09 15.07
CA GLY D 765 26.15 -27.80 15.72
C GLY D 765 27.31 -28.41 14.97
N VAL D 766 28.40 -27.65 14.91
CA VAL D 766 29.65 -28.10 14.30
C VAL D 766 30.24 -29.24 15.11
N GLY D 767 30.29 -30.42 14.53
CA GLY D 767 30.85 -31.57 15.21
C GLY D 767 32.36 -31.50 15.30
N THR D 768 32.95 -32.24 16.22
CA THR D 768 34.38 -32.32 16.41
C THR D 768 34.60 -33.65 17.13
N PRO D 769 35.82 -34.25 17.13
CA PRO D 769 35.98 -35.52 17.86
C PRO D 769 35.88 -35.36 19.37
N MET D 770 35.87 -36.48 20.10
CA MET D 770 35.64 -36.50 21.54
C MET D 770 36.70 -35.71 22.31
N GLY D 771 37.97 -36.04 22.09
CA GLY D 771 39.02 -35.20 22.62
C GLY D 771 39.45 -34.17 21.61
N SER D 772 38.91 -32.96 21.71
CA SER D 772 39.23 -31.92 20.73
C SER D 772 39.23 -30.54 21.36
N PRO D 773 40.31 -29.77 21.17
CA PRO D 773 40.32 -28.37 21.64
C PRO D 773 39.39 -27.48 20.82
N TYR D 774 39.02 -27.93 19.62
CA TYR D 774 38.22 -27.10 18.73
C TYR D 774 36.73 -27.14 19.06
N ARG D 775 36.31 -27.88 20.09
CA ARG D 775 34.95 -27.72 20.57
C ARG D 775 34.77 -26.36 21.20
N ASP D 776 35.59 -26.05 22.21
CA ASP D 776 35.45 -24.81 22.95
C ASP D 776 35.90 -23.60 22.15
N LYS D 777 36.90 -23.75 21.28
CA LYS D 777 37.42 -22.60 20.56
C LYS D 777 36.47 -22.15 19.45
N ILE D 778 35.61 -23.05 18.97
CA ILE D 778 34.59 -22.67 18.00
C ILE D 778 33.30 -22.24 18.72
N THR D 779 33.05 -22.82 19.90
CA THR D 779 31.97 -22.39 20.78
C THR D 779 32.10 -20.91 21.14
N ILE D 780 33.32 -20.47 21.47
CA ILE D 780 33.58 -19.04 21.61
C ILE D 780 33.43 -18.32 20.28
N ALA D 781 33.81 -18.97 19.19
CA ALA D 781 33.82 -18.29 17.88
C ALA D 781 32.41 -18.12 17.32
N ILE D 782 31.54 -19.13 17.49
CA ILE D 782 30.16 -19.02 17.04
C ILE D 782 29.44 -17.94 17.83
N LEU D 783 29.76 -17.83 19.12
CA LEU D 783 29.18 -16.77 19.94
C LEU D 783 29.80 -15.40 19.64
N GLN D 784 30.89 -15.35 18.87
CA GLN D 784 31.48 -14.06 18.51
C GLN D 784 30.85 -13.53 17.22
N LEU D 785 30.59 -14.41 16.25
CA LEU D 785 29.94 -13.96 15.02
C LEU D 785 28.48 -13.58 15.25
N GLN D 786 27.86 -14.14 16.29
CA GLN D 786 26.46 -13.88 16.58
C GLN D 786 26.25 -12.47 17.11
N GLU D 787 27.06 -12.05 18.07
CA GLU D 787 26.86 -10.73 18.66
C GLU D 787 27.38 -9.64 17.73
N GLU D 788 28.38 -9.95 16.92
CA GLU D 788 28.77 -9.04 15.85
C GLU D 788 27.73 -9.03 14.73
N GLY D 789 26.95 -10.09 14.60
CA GLY D 789 25.84 -10.16 13.67
C GLY D 789 26.13 -10.95 12.41
N LYS D 790 27.13 -11.83 12.40
CA LYS D 790 27.49 -12.49 11.15
C LYS D 790 26.69 -13.76 10.89
N LEU D 791 26.16 -14.41 11.94
CA LEU D 791 25.29 -15.56 11.68
C LEU D 791 23.98 -15.14 11.07
N HIS D 792 23.54 -13.91 11.33
CA HIS D 792 22.31 -13.42 10.71
C HIS D 792 22.57 -12.97 9.28
N MET D 793 23.70 -12.32 9.03
CA MET D 793 23.97 -11.77 7.70
C MET D 793 24.32 -12.86 6.70
N MET D 794 24.88 -13.98 7.17
CA MET D 794 25.06 -15.13 6.28
C MET D 794 23.72 -15.76 5.93
N LYS D 795 22.81 -15.80 6.89
CA LYS D 795 21.50 -16.39 6.67
C LYS D 795 20.65 -15.52 5.75
N GLU D 796 20.82 -14.21 5.84
CA GLU D 796 20.17 -13.30 4.90
C GLU D 796 20.71 -13.46 3.49
N LYS D 797 21.96 -13.91 3.38
CA LYS D 797 22.59 -14.06 2.07
C LYS D 797 22.13 -15.33 1.37
N TRP D 798 22.03 -16.43 2.12
CA TRP D 798 21.87 -17.73 1.47
C TRP D 798 20.46 -18.29 1.52
N TRP D 799 19.55 -17.70 2.28
CA TRP D 799 18.16 -18.15 2.29
C TRP D 799 17.23 -17.24 1.51
N ARG D 800 17.56 -15.96 1.38
CA ARG D 800 16.69 -15.05 0.61
C ARG D 800 16.75 -15.33 -0.88
N GLY D 801 15.66 -15.01 -1.58
CA GLY D 801 15.55 -15.34 -2.98
C GLY D 801 14.82 -14.24 -3.72
N ASN D 802 13.80 -14.65 -4.47
CA ASN D 802 13.02 -13.73 -5.29
C ASN D 802 12.24 -12.75 -4.43
N GLY D 803 11.59 -13.23 -3.38
CA GLY D 803 10.97 -12.33 -2.42
C GLY D 803 9.45 -12.45 -2.35
N CYS D 804 8.84 -12.96 -3.43
CA CYS D 804 7.41 -13.07 -3.67
C CYS D 804 6.68 -11.74 -3.47
N PRO D 805 6.93 -10.72 -4.31
CA PRO D 805 6.35 -9.39 -4.02
C PRO D 805 4.94 -9.20 -4.57
N GLU D 806 4.05 -10.18 -4.38
CA GLU D 806 2.69 -10.07 -4.93
C GLU D 806 1.74 -9.61 -3.84
N GLU D 807 1.97 -8.40 -3.35
CA GLU D 807 1.01 -7.70 -2.49
C GLU D 807 0.25 -6.63 -3.27
N GLU D 808 0.71 -6.30 -4.47
CA GLU D 808 0.03 -5.38 -5.38
C GLU D 808 -0.95 -6.20 -6.21
N SER D 809 -2.24 -5.93 -6.03
CA SER D 809 -3.27 -6.71 -6.70
C SER D 809 -3.34 -6.35 -8.18
N LYS D 810 -3.60 -7.37 -9.00
CA LYS D 810 -3.99 -7.15 -10.39
C LYS D 810 -5.37 -6.51 -10.40
N GLU D 811 -5.73 -5.86 -11.53
CA GLU D 811 -7.08 -5.35 -11.73
C GLU D 811 -8.07 -6.51 -11.58
N ALA D 812 -8.90 -6.40 -10.54
CA ALA D 812 -9.24 -7.48 -9.61
C ALA D 812 -9.52 -8.84 -10.23
N SER D 813 -10.62 -8.93 -10.97
CA SER D 813 -11.03 -10.09 -11.76
C SER D 813 -12.27 -9.73 -12.54
N ALA D 814 -12.38 -10.19 -13.77
CA ALA D 814 -13.70 -10.21 -14.39
C ALA D 814 -14.48 -11.32 -13.70
N LEU D 815 -15.59 -10.98 -13.05
CA LEU D 815 -16.36 -11.96 -12.30
C LEU D 815 -16.99 -12.98 -13.22
N GLY D 816 -16.76 -14.25 -12.92
CA GLY D 816 -17.24 -15.32 -13.78
C GLY D 816 -18.24 -16.21 -13.08
N VAL D 817 -18.42 -17.43 -13.58
CA VAL D 817 -19.37 -18.37 -12.99
C VAL D 817 -18.78 -19.01 -11.75
N GLN D 818 -17.50 -18.75 -11.50
CA GLN D 818 -16.84 -19.10 -10.26
C GLN D 818 -17.04 -18.09 -9.15
N ASN D 819 -17.49 -16.87 -9.46
CA ASN D 819 -17.59 -15.82 -8.46
C ASN D 819 -19.03 -15.45 -8.16
N ILE D 820 -19.80 -14.99 -9.15
CA ILE D 820 -21.19 -14.71 -8.87
C ILE D 820 -21.96 -16.03 -8.93
N GLY D 821 -22.04 -16.67 -10.10
CA GLY D 821 -22.24 -18.10 -10.17
C GLY D 821 -23.56 -18.69 -9.71
N GLY D 822 -23.87 -18.47 -8.42
CA GLY D 822 -25.03 -19.09 -7.81
C GLY D 822 -26.29 -18.25 -7.87
N ILE D 823 -26.24 -17.14 -8.61
CA ILE D 823 -27.48 -16.46 -8.97
C ILE D 823 -28.10 -17.09 -10.20
N PHE D 824 -27.34 -17.93 -10.90
CA PHE D 824 -27.94 -18.75 -11.94
C PHE D 824 -28.53 -20.01 -11.37
N ILE D 825 -28.16 -20.35 -10.13
CA ILE D 825 -28.74 -21.49 -9.44
C ILE D 825 -30.08 -21.08 -8.80
N VAL D 826 -30.11 -19.93 -8.14
CA VAL D 826 -31.34 -19.51 -7.46
C VAL D 826 -32.35 -18.98 -8.46
N LEU D 827 -31.90 -18.59 -9.66
CA LEU D 827 -32.84 -18.24 -10.72
C LEU D 827 -33.58 -19.46 -11.22
N ALA D 828 -32.84 -20.53 -11.51
CA ALA D 828 -33.48 -21.75 -12.01
C ALA D 828 -34.27 -22.44 -10.91
N ALA D 829 -33.88 -22.24 -9.65
CA ALA D 829 -34.66 -22.78 -8.55
C ALA D 829 -35.93 -21.99 -8.33
N GLY D 830 -35.96 -20.74 -8.80
CA GLY D 830 -37.15 -19.92 -8.64
C GLY D 830 -38.11 -20.06 -9.82
N LEU D 831 -37.60 -20.55 -10.95
CA LEU D 831 -38.46 -20.79 -12.11
C LEU D 831 -39.08 -22.19 -12.06
N VAL D 832 -38.36 -23.16 -11.49
CA VAL D 832 -38.94 -24.49 -11.27
C VAL D 832 -40.04 -24.42 -10.21
N LEU D 833 -39.82 -23.61 -9.17
CA LEU D 833 -40.85 -23.37 -8.16
C LEU D 833 -42.05 -22.64 -8.74
N SER D 834 -41.87 -21.88 -9.83
CA SER D 834 -42.98 -21.14 -10.40
C SER D 834 -43.89 -22.04 -11.23
N VAL D 835 -43.32 -23.12 -11.78
CA VAL D 835 -44.11 -24.08 -12.54
C VAL D 835 -45.00 -24.84 -11.57
N PHE D 836 -44.47 -25.10 -10.37
CA PHE D 836 -45.20 -25.90 -9.39
C PHE D 836 -46.34 -25.10 -8.77
N VAL D 837 -46.22 -23.77 -8.76
CA VAL D 837 -47.32 -22.92 -8.30
C VAL D 837 -48.33 -22.72 -9.42
N ALA D 838 -47.87 -22.67 -10.66
CA ALA D 838 -48.78 -22.49 -11.80
C ALA D 838 -49.65 -23.72 -12.02
N VAL D 839 -49.10 -24.91 -11.72
CA VAL D 839 -49.92 -26.12 -11.73
C VAL D 839 -50.88 -26.11 -10.54
N GLY D 840 -50.41 -25.61 -9.39
CA GLY D 840 -51.27 -25.55 -8.21
C GLY D 840 -52.39 -24.53 -8.34
N GLU D 841 -52.16 -23.48 -9.12
CA GLU D 841 -53.23 -22.53 -9.40
C GLU D 841 -54.13 -23.03 -10.53
N PHE D 842 -53.63 -23.98 -11.32
CA PHE D 842 -54.46 -24.58 -12.35
C PHE D 842 -55.40 -25.62 -11.77
N LEU D 843 -54.98 -26.26 -10.66
CA LEU D 843 -55.83 -27.25 -10.01
C LEU D 843 -56.81 -26.59 -9.06
N TYR D 844 -56.43 -25.46 -8.47
CA TYR D 844 -57.31 -24.78 -7.52
C TYR D 844 -58.42 -24.03 -8.24
N LYS D 845 -58.25 -23.79 -9.55
CA LYS D 845 -59.32 -23.24 -10.36
C LYS D 845 -60.24 -24.32 -10.91
N SER D 846 -59.69 -25.47 -11.32
CA SER D 846 -60.52 -26.56 -11.78
C SER D 846 -61.29 -27.22 -10.63
N LYS D 847 -60.77 -27.13 -9.42
CA LYS D 847 -61.54 -27.54 -8.24
C LYS D 847 -62.66 -26.55 -7.94
N LYS D 848 -62.47 -25.28 -8.28
CA LYS D 848 -63.52 -24.29 -8.11
C LYS D 848 -64.61 -24.45 -9.15
N ASN D 849 -64.28 -25.02 -10.31
CA ASN D 849 -65.30 -25.29 -11.33
C ASN D 849 -66.22 -26.41 -10.90
N ALA D 850 -65.71 -27.35 -10.11
CA ALA D 850 -66.50 -28.46 -9.60
C ALA D 850 -67.41 -28.00 -8.45
C1 NAG E . -9.12 -1.36 23.74
C2 NAG E . -8.87 -0.18 22.80
C3 NAG E . -7.90 0.79 23.46
C4 NAG E . -8.28 1.13 24.90
C5 NAG E . -8.80 -0.08 25.70
C6 NAG E . -9.53 0.32 26.95
C7 NAG E . -8.68 0.00 20.37
C8 NAG E . -8.07 -0.58 19.12
N2 NAG E . -8.36 -0.61 21.51
O3 NAG E . -7.84 1.97 22.66
O4 NAG E . -7.11 1.54 25.58
O5 NAG E . -9.71 -0.90 24.93
O6 NAG E . -9.54 1.73 27.13
O7 NAG E . -9.42 0.97 20.34
C1 NAG E . -6.83 2.95 25.61
C2 NAG E . -6.12 3.28 26.92
C3 NAG E . -5.70 4.74 26.95
C4 NAG E . -4.88 5.10 25.71
C5 NAG E . -5.65 4.72 24.45
C6 NAG E . -4.86 4.94 23.18
C7 NAG E . -6.53 2.48 29.21
C8 NAG E . -7.57 2.22 30.26
N2 NAG E . -6.99 2.98 28.05
O3 NAG E . -4.92 4.98 28.12
O4 NAG E . -4.59 6.49 25.70
O5 NAG E . -5.99 3.33 24.50
O6 NAG E . -5.59 4.51 22.04
O7 NAG E . -5.34 2.25 29.40
C1 NAG F . -4.83 23.09 3.78
C2 NAG F . -4.73 23.77 5.14
C3 NAG F . -5.13 25.23 5.03
C4 NAG F . -4.29 25.93 3.98
C5 NAG F . -4.37 25.17 2.65
C6 NAG F . -3.46 25.73 1.58
C7 NAG F . -5.07 22.44 7.18
C8 NAG F . -6.08 21.80 8.10
N2 NAG F . -5.57 23.09 6.12
O3 NAG F . -4.95 25.83 6.30
O4 NAG F . -4.76 27.26 3.76
O5 NAG F . -3.99 23.80 2.84
O6 NAG F . -2.73 24.70 0.92
O7 NAG F . -3.86 22.37 7.38
C1 NAG F . -3.99 28.29 4.42
C2 NAG F . -4.56 29.66 4.07
C3 NAG F . -3.87 30.77 4.87
C4 NAG F . -3.87 30.46 6.36
C5 NAG F . -3.26 29.08 6.60
C6 NAG F . -3.32 28.63 8.04
C7 NAG F . -5.30 30.66 1.95
C8 NAG F . -5.01 30.82 0.48
N2 NAG F . -4.44 29.92 2.64
O3 NAG F . -4.52 32.02 4.63
O4 NAG F . -3.10 31.43 7.07
O5 NAG F . -4.01 28.11 5.84
O6 NAG F . -2.29 27.70 8.33
O7 NAG F . -6.27 31.20 2.48
C1 BMA F . -3.95 32.29 7.86
C2 BMA F . -3.59 32.06 9.38
C3 BMA F . -3.44 33.36 10.24
C4 BMA F . -3.84 34.73 9.54
C5 BMA F . -4.56 34.53 8.22
C6 BMA F . -4.71 35.82 7.44
O2 BMA F . -2.37 31.38 9.52
O3 BMA F . -2.10 33.36 10.77
O4 BMA F . -4.65 35.51 10.40
O5 BMA F . -3.78 33.64 7.45
O6 BMA F . -5.93 35.76 6.71
C1 BMA F . -1.88 34.40 11.74
C2 BMA F . -1.33 33.76 13.04
C3 BMA F . -0.82 34.86 14.01
C4 BMA F . 0.04 35.93 13.31
C5 BMA F . -0.69 36.46 12.06
C6 BMA F . 0.12 37.46 11.27
O2 BMA F . -0.22 32.92 12.76
O3 BMA F . -0.11 34.30 15.11
O4 BMA F . 0.32 36.99 14.20
O5 BMA F . -0.97 35.36 11.21
O6 BMA F . -0.43 37.54 9.96
C1 NAG G . 0.24 21.22 8.61
C2 NAG G . 0.01 19.66 8.55
C3 NAG G . 0.22 18.96 9.90
C4 NAG G . 0.89 19.87 10.93
C5 NAG G . -0.04 21.08 11.14
C6 NAG G . 0.46 22.10 12.13
C7 NAG G . -2.50 19.57 8.38
C8 NAG G . -3.62 19.04 7.53
N2 NAG G . -1.26 19.29 7.93
O3 NAG G . 0.97 17.78 9.68
O4 NAG G . 1.10 19.14 12.14
O5 NAG G . -0.30 21.77 9.90
O6 NAG G . 0.12 21.75 13.46
O7 NAG G . -2.70 20.19 9.41
C1 NAG G . 2.49 19.10 12.62
C2 NAG G . 3.26 17.93 11.97
C3 NAG G . 4.74 17.96 12.41
C4 NAG G . 5.35 19.34 12.24
C5 NAG G . 4.47 20.40 12.91
C6 NAG G . 4.98 21.81 12.75
C7 NAG G . 2.75 15.55 11.61
C8 NAG G . 2.05 14.34 12.15
N2 NAG G . 2.65 16.66 12.34
O3 NAG G . 5.47 17.02 11.63
O4 NAG G . 6.65 19.38 12.84
O5 NAG G . 3.16 20.35 12.34
O6 NAG G . 4.06 22.62 12.03
O7 NAG G . 3.39 15.52 10.56
C1 NAG H . 4.50 1.74 -24.94
C2 NAG H . 4.10 0.55 -24.06
C3 NAG H . 5.15 -0.55 -24.18
C4 NAG H . 5.52 -0.86 -25.63
C5 NAG H . 5.65 0.40 -26.51
C6 NAG H . 5.65 0.10 -27.99
C7 NAG H . 2.97 0.40 -21.89
C8 NAG H . 2.92 0.92 -20.48
N2 NAG H . 3.91 0.94 -22.68
O3 NAG H . 4.67 -1.72 -23.53
O4 NAG H . 6.83 -1.42 -25.65
O5 NAG H . 4.57 1.33 -26.29
O6 NAG H . 5.58 -1.30 -28.23
O7 NAG H . 2.19 -0.46 -22.30
C1 NAG H . 6.91 -2.86 -25.60
C2 NAG H . 8.14 -3.29 -26.41
C3 NAG H . 8.34 -4.81 -26.30
C4 NAG H . 8.37 -5.25 -24.84
C5 NAG H . 7.12 -4.76 -24.12
C6 NAG H . 7.11 -5.05 -22.64
C7 NAG H . 9.05 -2.54 -28.56
C8 NAG H . 8.75 -2.16 -29.97
N2 NAG H . 8.01 -2.90 -27.81
O3 NAG H . 9.56 -5.17 -26.93
O4 NAG H . 8.45 -6.66 -24.75
O5 NAG H . 7.02 -3.33 -24.26
O6 NAG H . 5.99 -4.50 -22.00
O7 NAG H . 10.20 -2.54 -28.12
C1 NAG I . -5.14 -22.36 -6.64
C2 NAG I . -4.46 -23.08 -7.79
C3 NAG I . -5.05 -24.47 -7.95
C4 NAG I . -4.96 -25.26 -6.64
C5 NAG I . -5.60 -24.44 -5.50
C6 NAG I . -5.45 -25.08 -4.15
C7 NAG I . -3.55 -21.78 -9.64
C8 NAG I . -3.85 -21.04 -10.91
N2 NAG I . -4.59 -22.33 -9.03
O3 NAG I . -4.33 -25.14 -8.98
O4 NAG I . -5.64 -26.50 -6.74
O5 NAG I . -4.99 -23.14 -5.42
O6 NAG I . -5.07 -24.14 -3.17
O7 NAG I . -2.41 -21.86 -9.20
C1 NAG I . -4.78 -27.63 -6.96
C2 NAG I . -5.63 -28.91 -7.00
C3 NAG I . -4.77 -30.12 -7.38
C4 NAG I . -3.97 -29.86 -8.65
C5 NAG I . -3.16 -28.58 -8.48
C6 NAG I . -2.42 -28.17 -9.74
C7 NAG I . -7.47 -29.73 -5.60
C8 NAG I . -7.99 -29.88 -4.20
N2 NAG I . -6.28 -29.12 -5.72
O3 NAG I . -5.60 -31.26 -7.55
O4 NAG I . -3.07 -30.94 -8.91
O5 NAG I . -4.05 -27.50 -8.18
O6 NAG I . -1.29 -27.37 -9.44
O7 NAG I . -8.09 -30.14 -6.57
C1 BMA I . -3.51 -31.71 -10.05
C2 BMA I . -2.40 -31.58 -11.18
C3 BMA I . -2.00 -32.91 -11.87
C4 BMA I . -2.88 -34.20 -11.53
C5 BMA I . -4.15 -33.86 -10.76
C6 BMA I . -4.85 -35.08 -10.21
O2 BMA I . -1.20 -31.07 -10.65
O3 BMA I . -0.60 -33.12 -11.64
O4 BMA I . -3.24 -34.89 -12.72
O5 BMA I . -3.76 -33.05 -9.68
O6 BMA I . -6.25 -34.83 -10.18
C1 BMA I . -0.05 -34.21 -12.39
C2 BMA I . 1.17 -33.69 -13.20
C3 BMA I . 1.95 -34.88 -13.82
C4 BMA I . 2.20 -36.03 -12.81
C5 BMA I . 0.86 -36.41 -12.14
C6 BMA I . 1.01 -37.48 -11.07
O2 BMA I . 2.08 -32.99 -12.36
O3 BMA I . 3.19 -34.45 -14.38
O4 BMA I . 2.74 -37.16 -13.46
O5 BMA I . 0.33 -35.25 -11.50
O6 BMA I . -0.15 -37.42 -10.23
C1 NAG J . 1.87 -21.30 -8.14
C2 NAG J . 1.85 -19.72 -8.13
C3 NAG J . 2.80 -19.10 -9.17
C4 NAG J . 3.77 -20.12 -9.76
C5 NAG J . 2.93 -21.20 -10.45
C6 NAG J . 3.73 -22.31 -11.08
C7 NAG J . -0.37 -19.29 -9.26
C8 NAG J . -1.68 -18.60 -9.07
N2 NAG J . 0.50 -19.17 -8.22
O3 NAG J . 3.49 -18.02 -8.55
O4 NAG J . 4.67 -19.47 -10.66
O5 NAG J . 2.00 -21.82 -9.55
O6 NAG J . 4.17 -21.96 -12.39
O7 NAG J . -0.10 -19.92 -10.27
C1 NAG J . 6.09 -19.62 -10.36
C2 NAG J . 6.58 -18.54 -9.36
C3 NAG J . 8.05 -18.78 -8.98
C4 NAG J . 8.30 -20.23 -8.59
C5 NAG J . 7.76 -21.18 -9.67
C6 NAG J . 7.93 -22.63 -9.33
C7 NAG J . 6.27 -16.10 -9.19
C8 NAG J . 6.10 -14.82 -9.97
N2 NAG J . 6.40 -17.21 -9.93
O3 NAG J . 8.40 -17.93 -7.90
O4 NAG J . 9.70 -20.46 -8.45
O5 NAG J . 6.37 -20.93 -9.82
O6 NAG J . 6.68 -23.29 -9.18
O7 NAG J . 6.28 -16.12 -7.98
O1 DNQ K . 22.68 -11.03 31.66
O2 DNQ K . 22.38 -13.84 31.81
C1 DNQ K . 21.40 -11.60 31.88
C2 DNQ K . 21.25 -13.00 31.96
N1 DNQ K . 20.35 -10.81 32.03
N2 DNQ K . 20.06 -13.53 32.18
C3 DNQ K . 19.10 -11.36 32.26
C4 DNQ K . 18.99 -12.72 32.33
C5 DNQ K . 17.95 -10.54 32.42
C6 DNQ K . 17.71 -13.33 32.57
C7 DNQ K . 16.72 -11.13 32.64
C8 DNQ K . 16.60 -12.54 32.72
N3 DNQ K . 15.54 -10.28 32.81
N4 DNQ K . 15.31 -13.14 32.96
O3 DNQ K . 14.71 -10.45 33.93
O4 DNQ K . 14.14 -12.38 32.81
O5 DNQ K . 15.24 -9.27 31.83
O6 DNQ K . 15.23 -14.47 33.32
N POV L . -21.76 6.82 16.25
P POV L . -25.36 8.62 16.47
C1 POV L . -27.79 9.62 16.87
C2 POV L . -28.70 10.45 15.94
C3 POV L . -29.03 9.66 14.67
C210 POV L . -32.43 12.36 5.88
C310 POV L . -36.79 10.47 5.52
C11 POV L . -23.93 6.81 17.72
O11 POV L . -26.96 8.81 16.06
C211 POV L . -33.27 11.62 4.80
C311 POV L . -37.55 11.20 4.39
C12 POV L . -22.83 6.02 16.96
O12 POV L . -25.02 7.04 16.86
C212 POV L . -32.51 10.39 4.24
C312 POV L . -37.19 12.70 4.27
C13 POV L . -21.62 8.20 16.82
O13 POV L . -25.03 9.51 17.65
C213 POV L . -31.65 10.75 3.00
C313 POV L . -37.96 13.57 5.29
C14 POV L . -21.85 7.00 14.79
O14 POV L . -24.48 9.01 15.29
C214 POV L . -31.71 9.63 1.92
C314 POV L . -39.02 14.47 4.63
C15 POV L . -20.49 6.10 16.48
C215 POV L . -30.61 9.79 0.84
C315 POV L . -40.43 14.23 5.20
C216 POV L . -29.23 9.27 1.34
C316 POV L . -41.53 14.87 4.34
C217 POV L . -29.28 7.75 1.66
C218 POV L . -28.53 6.92 0.60
C21 POV L . -27.13 11.94 14.70
O21 POV L . -28.13 11.73 15.70
C22 POV L . -27.25 13.17 13.76
O22 POV L . -26.17 11.24 14.57
C23 POV L . -26.89 12.83 12.29
C24 POV L . -28.01 13.25 11.32
C25 POV L . -29.04 12.11 11.10
C26 POV L . -30.35 12.63 10.44
C27 POV L . -30.86 11.72 9.30
C28 POV L . -31.38 12.57 8.11
C29 POV L . -32.22 11.79 7.07
C31 POV L . -30.90 9.02 13.39
O31 POV L . -30.32 10.00 14.21
C32 POV L . -31.83 9.40 12.23
O32 POV L . -30.67 7.88 13.61
C33 POV L . -32.32 8.17 11.41
C34 POV L . -32.59 8.50 9.92
C35 POV L . -34.01 9.08 9.68
C36 POV L . -34.87 8.18 8.76
C37 POV L . -35.97 8.95 8.01
C38 POV L . -36.41 8.23 6.71
C39 POV L . -37.37 9.07 5.85
N POV M . -25.27 10.57 21.84
P POV M . -29.37 8.07 20.09
C1 POV M . -31.73 7.97 18.85
C2 POV M . -32.50 9.26 18.52
C3 POV M . -33.49 9.01 17.37
C210 POV M . -37.38 11.90 9.98
C310 POV M . -40.81 9.39 7.47
C11 POV M . -27.16 9.44 20.59
O11 POV M . -30.35 8.28 18.75
C211 POV M . -37.80 13.34 9.65
C311 POV M . -41.12 8.62 6.17
C12 POV M . -26.75 10.59 21.56
O12 POV M . -28.57 9.50 20.40
C212 POV M . -39.11 13.40 8.82
C312 POV M . -41.57 9.56 5.03
C13 POV M . -24.95 9.30 22.51
O13 POV M . -30.24 7.72 21.28
C213 POV M . -40.34 12.89 9.63
C313 POV M . -43.01 10.08 5.23
C14 POV M . -24.32 10.71 20.71
O14 POV M . -28.37 6.98 19.83
C214 POV M . -41.65 12.84 8.80
C314 POV M . -43.71 10.44 3.89
C15 POV M . -25.00 11.71 22.74
C215 POV M . -42.71 11.91 9.44
C315 POV M . -44.87 11.42 4.10
C216 POV M . -44.15 12.45 9.36
C316 POV M . -45.76 11.54 2.85
C217 POV M . -45.09 11.81 10.40
C218 POV M . -46.22 12.78 10.83
C21 POV M . -32.06 11.59 18.27
O21 POV M . -31.59 10.26 18.14
C22 POV M . -31.37 12.72 17.46
O22 POV M . -32.97 11.85 18.99
C23 POV M . -32.36 13.45 16.50
C24 POV M . -31.82 13.55 15.05
C25 POV M . -32.54 12.56 14.10
C26 POV M . -33.65 13.22 13.23
C27 POV M . -34.56 12.16 12.56
C28 POV M . -35.56 12.74 11.54
C29 POV M . -36.37 11.63 10.83
C31 POV M . -33.97 7.22 15.93
O31 POV M . -32.96 8.03 16.49
C32 POV M . -34.62 7.61 14.59
O32 POV M . -34.32 6.23 16.49
C33 POV M . -36.12 7.24 14.57
C34 POV M . -36.95 8.29 13.80
C35 POV M . -37.88 7.66 12.73
C36 POV M . -38.62 8.74 11.91
C37 POV M . -39.78 8.16 11.06
C38 POV M . -40.26 9.17 10.00
C39 POV M . -40.85 8.47 8.73
N POV N . -23.87 -6.23 19.45
P POV N . -27.91 -4.39 18.27
C1 POV N . -30.36 -3.82 17.47
C2 POV N . -31.41 -4.36 16.49
C3 POV N . -32.73 -3.63 16.69
C210 POV N . -38.72 -4.77 12.60
C310 POV N . -40.54 2.40 19.44
C11 POV N . -26.39 -6.18 19.49
O11 POV N . -29.12 -4.41 17.14
C211 POV N . -39.92 -4.98 11.64
C311 POV N . -39.89 3.78 19.71
C12 POV N . -25.11 -6.92 18.97
O12 POV N . -27.22 -5.91 18.37
C212 POV N . -41.18 -5.50 12.39
C312 POV N . -40.57 4.90 18.88
C13 POV N . -22.74 -6.93 18.82
O13 POV N . -28.49 -4.01 19.63
C213 POV N . -41.28 -4.96 13.84
C313 POV N . -39.60 6.05 18.56
C14 POV N . -23.70 -4.79 19.18
O14 POV N . -26.85 -3.39 17.87
C214 POV N . -42.70 -4.41 14.17
C314 POV N . -40.33 7.37 18.26
C15 POV N . -23.81 -6.40 20.92
C215 POV N . -42.73 -3.62 15.50
C315 POV N . -41.40 7.24 17.14
C216 POV N . -43.89 -2.59 15.52
C316 POV N . -42.82 7.60 17.62
C217 POV N . -45.25 -3.25 15.20
C218 POV N . -46.44 -2.37 15.65
C21 POV N . -31.50 -6.52 15.54
O21 POV N . -31.61 -5.72 16.71
C22 POV N . -31.96 -7.99 15.57
O22 POV N . -31.04 -6.08 14.54
C23 POV N . -33.03 -8.24 14.48
C24 POV N . -34.20 -7.23 14.57
C25 POV N . -35.55 -7.94 14.36
C26 POV N . -35.81 -8.24 12.85
C27 POV N . -37.33 -8.21 12.50
C28 POV N . -37.73 -6.92 11.74
C29 POV N . -37.72 -5.66 12.65
C31 POV N . -35.04 -4.00 16.52
O31 POV N . -33.78 -4.58 16.75
C32 POV N . -35.47 -2.77 17.34
O32 POV N . -35.78 -4.47 15.71
C33 POV N . -35.78 -3.11 18.82
C34 POV N . -34.95 -2.28 19.84
C35 POV N . -35.33 -0.77 19.83
C36 POV N . -36.84 -0.51 19.90
C37 POV N . -37.34 0.29 18.65
C38 POV N . -38.13 1.55 19.03
C39 POV N . -39.54 1.21 19.59
N POV O . -59.42 12.88 -1.25
P POV O . -56.32 13.52 2.15
C1 POV O . -55.23 13.01 4.51
C2 POV O . -55.34 13.56 5.94
C3 POV O . -55.07 15.07 5.91
C210 POV O . -49.16 10.98 15.30
C310 POV O . -50.22 16.42 5.62
C11 POV O . -58.67 12.85 1.16
O11 POV O . -55.82 13.98 3.66
C211 POV O . -48.20 12.06 14.76
C311 POV O . -48.78 16.93 5.84
C12 POV O . -59.17 13.73 -0.04
O12 POV O . -57.98 13.70 2.06
C212 POV O . -46.89 12.17 15.60
C312 POV O . -47.72 15.89 5.41
C13 POV O . -60.64 12.11 -0.97
O13 POV O . -55.94 12.08 1.88
C213 POV O . -46.02 13.37 15.14
C313 POV O . -46.33 16.23 5.99
C14 POV O . -58.38 11.91 -1.68
O14 POV O . -55.67 14.41 1.11
C214 POV O . -44.51 13.16 15.45
C314 POV O . -45.70 15.04 6.76
C15 POV O . -59.62 13.82 -2.37
C215 POV O . -43.60 13.95 14.47
C315 POV O . -44.18 15.25 6.95
C216 POV O . -42.11 13.62 14.69
C316 POV O . -43.87 16.54 7.72
C217 POV O . -41.47 12.90 13.47
C218 POV O . -40.18 12.14 13.86
C21 POV O . -54.70 12.99 8.13
O21 POV O . -54.37 12.96 6.75
C22 POV O . -53.57 13.00 9.19
O22 POV O . -55.82 13.03 8.49
C23 POV O . -54.13 13.44 10.56
C24 POV O . -54.38 12.23 11.49
C25 POV O . -54.14 12.59 12.98
C26 POV O . -52.83 13.41 13.19
C27 POV O . -51.61 12.48 13.41
C28 POV O . -51.10 12.54 14.87
C29 POV O . -50.49 11.20 15.35
C31 POV O . -57.09 16.29 6.12
O31 POV O . -55.98 15.71 6.78
C32 POV O . -56.88 17.47 5.16
O32 POV O . -58.18 15.87 6.32
C33 POV O . -56.18 18.68 5.83
C34 POV O . -55.11 19.33 4.92
C35 POV O . -54.04 20.09 5.74
C36 POV O . -52.65 20.11 5.05
C37 POV O . -51.50 20.08 6.08
C38 POV O . -51.14 18.65 6.55
C39 POV O . -51.23 17.58 5.43
C1 NAG P . -7.74 -6.53 30.75
C2 NAG P . -7.77 -7.96 31.34
C3 NAG P . -7.39 -7.96 32.83
C4 NAG P . -6.26 -6.98 33.11
C5 NAG P . -6.78 -5.57 32.88
C6 NAG P . -5.68 -4.58 32.49
C7 NAG P . -9.41 -9.22 30.03
C8 NAG P . -10.79 -9.80 29.99
N2 NAG P . -9.06 -8.58 31.15
O3 NAG P . -6.98 -9.27 33.19
O4 NAG P . -5.83 -7.11 34.46
O5 NAG P . -7.78 -5.52 31.85
O6 NAG P . -5.58 -3.52 33.43
O7 NAG P . -8.63 -9.32 29.07
N POV Q . -21.16 30.35 -4.01
P POV Q . -20.47 30.05 -9.12
C1 POV Q . -21.46 28.27 -10.82
C2 POV Q . -22.57 28.09 -11.87
C3 POV Q . -23.84 27.56 -11.20
C210 POV Q . -27.55 23.02 -17.95
C310 POV Q . -33.41 20.65 -16.29
C11 POV Q . -20.72 30.15 -6.47
O11 POV Q . -21.50 29.61 -10.35
C211 POV Q . -27.66 21.73 -18.80
C311 POV Q . -34.60 19.71 -15.97
C12 POV Q . -21.78 30.45 -5.36
O12 POV Q . -21.37 30.26 -7.74
C212 POV Q . -29.10 21.15 -18.90
C312 POV Q . -35.07 18.91 -17.21
C13 POV Q . -22.28 30.33 -3.03
O13 POV Q . -19.42 28.97 -8.91
C213 POV Q . -30.19 22.11 -18.36
C313 POV Q . -36.60 19.01 -17.37
C14 POV Q . -20.27 29.22 -3.68
O14 POV Q . -19.79 31.35 -9.48
C214 POV Q . -31.49 22.09 -19.21
C314 POV Q . -37.16 18.05 -18.45
C15 POV Q . -20.36 31.58 -3.81
C215 POV Q . -32.27 23.42 -19.08
C315 POV Q . -38.09 18.79 -19.44
C216 POV Q . -33.64 23.39 -19.78
C316 POV Q . -39.20 17.87 -19.97
C217 POV Q . -34.79 23.57 -18.78
C218 POV Q . -35.72 24.75 -19.16
C21 POV Q . -22.21 27.68 -14.16
O21 POV Q . -22.15 27.17 -12.83
C22 POV Q . -21.00 27.47 -15.12
O22 POV Q . -23.18 28.24 -14.53
C23 POV Q . -21.45 27.12 -16.55
C24 POV Q . -20.90 25.73 -17.01
C25 POV Q . -21.79 25.09 -18.11
C26 POV Q . -23.13 24.54 -17.56
C27 POV Q . -24.03 23.97 -18.69
C28 POV Q . -25.04 22.92 -18.17
C29 POV Q . -26.36 23.55 -17.65
C31 POV Q . -25.60 26.42 -12.29
O31 POV Q . -24.25 26.41 -11.92
C32 POV Q . -26.07 25.54 -13.47
O32 POV Q . -26.38 27.09 -11.71
C33 POV Q . -27.53 25.84 -13.87
C34 POV Q . -28.52 24.95 -13.09
C35 POV Q . -29.99 25.26 -13.46
C36 POV Q . -30.51 24.38 -14.62
C37 POV Q . -31.78 23.59 -14.22
C38 POV Q . -32.43 22.86 -15.42
C39 POV Q . -32.90 21.43 -15.05
N POV R . -49.31 20.37 -24.45
P POV R . -46.86 23.65 -22.97
C1 POV R . -46.28 26.25 -22.93
C2 POV R . -45.52 27.04 -24.01
C3 POV R . -44.56 26.13 -24.79
C210 POV R . -37.62 33.34 -18.77
C310 POV R . -37.09 22.16 -23.08
C11 POV R . -47.71 22.28 -25.05
O11 POV R . -46.96 25.19 -23.59
C211 POV R . -37.04 32.15 -17.97
C311 POV R . -36.41 21.58 -21.80
C12 POV R . -47.98 20.75 -25.05
O12 POV R . -46.59 22.57 -24.21
C212 POV R . -35.60 32.45 -17.46
C312 POV R . -35.08 20.87 -22.12
C13 POV R . -50.38 21.30 -24.89
O13 POV R . -48.15 23.27 -22.28
C213 POV R . -34.46 31.69 -18.21
C313 POV R . -34.61 19.98 -20.94
C14 POV R . -49.44 20.27 -22.97
O14 POV R . -45.71 23.57 -21.99
C214 POV R . -34.82 31.28 -19.65
C314 POV R . -34.74 18.48 -21.27
C15 POV R . -49.60 19.01 -24.96
C215 POV R . -34.62 29.75 -19.89
C315 POV R . -33.85 18.10 -22.47
C216 POV R . -33.44 29.45 -20.85
C316 POV R . -33.39 16.63 -22.43
C217 POV R . -32.13 29.12 -20.09
C218 POV R . -31.20 30.34 -19.97
C21 POV R . -44.12 28.06 -22.24
O21 POV R . -44.80 28.15 -23.50
C22 POV R . -44.39 29.15 -21.18
O22 POV R . -43.33 27.21 -22.00
C23 POV R . -43.15 30.00 -20.89
C24 POV R . -42.32 30.32 -22.17
C25 POV R . -40.95 29.59 -22.16
C26 POV R . -40.19 29.79 -20.82
C27 POV R . -39.38 31.12 -20.81
C28 POV R . -39.56 31.89 -19.47
C29 POV R . -38.77 33.22 -19.45
C31 POV R . -42.71 24.85 -24.01
O31 POV R . -44.08 25.14 -23.89
C32 POV R . -42.24 23.41 -23.82
O32 POV R . -41.94 25.72 -24.25
C33 POV R . -43.11 22.43 -24.64
C34 POV R . -42.52 22.19 -26.05
C35 POV R . -41.22 21.34 -25.96
C36 POV R . -39.96 22.10 -26.44
C37 POV R . -38.70 21.23 -26.26
C38 POV R . -38.50 20.83 -24.77
C39 POV R . -37.07 21.17 -24.27
NA NA S . -20.64 1.51 -5.79
NA NA T . -30.18 2.18 -8.42
NA NA U . -13.31 0.98 -3.74
NA NA V . 33.73 -21.96 28.02
CL CL W . 29.12 -26.89 24.64
CAG 2J9 X . 29.34 15.01 -2.57
CAH 2J9 X . 30.33 15.15 -1.62
CAN 2J9 X . 30.67 15.19 -2.96
NAO 2J9 X . 31.68 15.32 -4.00
CAI 2J9 X . 33.13 14.97 -3.63
NAJ 2J9 X . 34.14 15.87 -4.19
SAP 2J9 X . 33.95 15.90 -5.77
OAA 2J9 X . 34.18 14.37 -6.35
OAB 2J9 X . 34.97 16.95 -6.54
CAM 2J9 X . 32.35 16.39 -6.15
CAL 2J9 X . 31.36 16.09 -5.29
CAE 2J9 X . 30.03 16.49 -5.61
CAD 2J9 X . 29.77 17.17 -6.78
CAK 2J9 X . 30.80 17.48 -7.66
FAC 2J9 X . 30.55 18.16 -8.80
CAF 2J9 X . 32.09 17.09 -7.35
O1 DNQ Y . 27.84 33.58 2.37
O2 DNQ Y . 29.25 31.16 2.45
C1 DNQ Y . 27.21 32.43 2.88
C2 DNQ Y . 27.91 31.22 2.93
N1 DNQ Y . 25.97 32.49 3.33
N2 DNQ Y . 27.35 30.12 3.41
C3 DNQ Y . 25.35 31.36 3.83
C4 DNQ Y . 26.06 30.19 3.85
C5 DNQ Y . 24.01 31.39 4.32
C6 DNQ Y . 25.47 29.00 4.38
C7 DNQ Y . 23.45 30.23 4.82
C8 DNQ Y . 24.19 29.03 4.85
N3 DNQ Y . 22.08 30.24 5.33
N4 DNQ Y . 23.57 27.82 5.38
O3 DNQ Y . 21.62 31.35 6.05
O4 DNQ Y . 23.06 27.82 6.68
O5 DNQ Y . 21.21 29.12 5.07
O6 DNQ Y . 23.48 26.70 4.59
N POV Z . -14.00 23.25 -9.09
P POV Z . -16.35 24.84 -12.10
C1 POV Z . -17.72 24.83 -14.37
C2 POV Z . -18.29 23.54 -14.99
C3 POV Z . -19.49 23.10 -14.15
C210 POV Z . -26.59 16.47 -16.89
C310 POV Z . -30.05 19.07 -15.10
C11 POV Z . -14.47 23.03 -11.59
O11 POV Z . -17.76 24.67 -12.96
C211 POV Z . -26.88 15.00 -17.23
C311 POV Z . -31.10 17.97 -14.79
C12 POV Z . -13.84 23.87 -10.45
O12 POV Z . -15.86 23.32 -11.64
C212 POV Z . -27.07 14.17 -15.94
C312 POV Z . -31.68 17.37 -16.09
C13 POV Z . -12.65 23.25 -8.48
O13 POV Z . -16.62 25.69 -10.88
C213 POV Z . -25.95 13.12 -15.77
C313 POV Z . -30.56 16.98 -17.08
C14 POV Z . -14.53 21.88 -8.92
O14 POV Z . -15.30 25.49 -12.96
C214 POV Z . -26.50 11.80 -15.17
C314 POV Z . -31.05 16.03 -18.18
C15 POV Z . -14.92 24.14 -8.36
C215 POV Z . -25.45 10.65 -15.21
C315 POV Z . -30.99 16.63 -19.60
C216 POV Z . -24.29 10.85 -14.21
C316 POV Z . -31.33 18.13 -19.68
C217 POV Z . -24.79 11.23 -12.79
C218 POV Z . -24.93 10.02 -11.87
C21 POV Z . -17.46 21.41 -15.78
O21 POV Z . -17.27 22.58 -14.98
C22 POV Z . -18.15 21.47 -17.16
O22 POV Z . -17.07 20.36 -15.37
C23 POV Z . -19.20 20.35 -17.36
C24 POV Z . -20.64 20.79 -16.98
C25 POV Z . -21.53 19.56 -16.68
C26 POV Z . -22.97 19.87 -16.20
C27 POV Z . -23.68 18.58 -15.68
C28 POV Z . -25.06 18.36 -16.35
C29 POV Z . -25.33 16.87 -16.69
C31 POV Z . -21.75 23.83 -13.89
O31 POV Z . -20.39 24.18 -14.02
C32 POV Z . -22.16 22.50 -13.22
O32 POV Z . -22.59 24.56 -14.28
C33 POV Z . -23.69 22.40 -13.07
C34 POV Z . -24.14 20.94 -12.81
C35 POV Z . -25.63 20.71 -13.15
C36 POV Z . -26.07 21.44 -14.45
C37 POV Z . -27.40 20.90 -15.01
C38 POV Z . -28.46 20.63 -13.91
C39 POV Z . -28.98 19.18 -14.00
N POV AA . -17.00 25.75 2.91
P POV AA . -21.20 26.97 0.35
C1 POV AA . -23.20 25.87 -0.99
C2 POV AA . -24.69 25.88 -0.65
C3 POV AA . -25.39 26.89 -1.56
C210 POV AA . -34.17 24.89 -2.04
C310 POV AA . -26.79 30.79 -9.56
C11 POV AA . -18.99 26.86 1.84
O11 POV AA . -22.50 25.95 0.24
C211 POV AA . -35.27 25.64 -1.26
C311 POV AA . -27.17 31.63 -10.80
C12 POV AA . -18.46 26.04 3.05
O12 POV AA . -20.39 26.66 1.78
C212 POV AA . -35.92 26.78 -2.10
C312 POV AA . -27.19 30.76 -12.09
C13 POV AA . -16.69 24.66 3.87
O13 POV AA . -21.69 28.41 0.35
C213 POV AA . -35.51 28.20 -1.62
C313 POV AA . -28.38 31.09 -13.04
C14 POV AA . -16.45 25.34 1.61
O14 POV AA . -20.27 26.75 -0.81
C214 POV AA . -34.27 28.76 -2.35
C314 POV AA . -29.68 31.47 -12.28
C15 POV AA . -16.29 26.99 3.29
C215 POV AA . -34.48 29.00 -3.87
C315 POV AA . -30.81 30.44 -12.47
C216 POV AA . -35.75 29.82 -4.18
C316 POV AA . -30.97 29.97 -13.92
C217 POV AA . -36.77 29.03 -5.04
C218 POV AA . -38.16 29.69 -5.06
C21 POV AA . -25.65 25.37 1.43
O21 POV AA . -24.87 26.27 0.68
C22 POV AA . -26.79 25.90 2.32
O22 POV AA . -25.44 24.20 1.38
C23 POV AA . -27.69 24.76 2.84
C24 POV AA . -28.97 24.61 2.00
C25 POV AA . -30.14 24.04 2.84
C26 POV AA . -31.54 24.27 2.19
C27 POV AA . -31.50 24.29 0.64
C28 POV AA . -32.80 24.91 0.06
C29 POV AA . -33.02 24.54 -1.42
C31 POV AA . -27.51 27.96 -1.64
O31 POV AA . -26.42 27.55 -0.84
C32 POV AA . -27.41 29.25 -2.49
O32 POV AA . -28.50 27.31 -1.67
C33 POV AA . -27.15 28.99 -3.99
C34 POV AA . -26.74 30.27 -4.76
C35 POV AA . -27.96 31.14 -5.11
C36 POV AA . -29.03 30.34 -5.92
C37 POV AA . -29.75 31.20 -6.98
C38 POV AA . -28.83 31.59 -8.16
C39 POV AA . -28.04 30.37 -8.74
CAG 2J9 BA . 28.37 23.66 -11.77
CAH 2J9 BA . 29.54 23.81 -12.48
CAN 2J9 BA . 29.54 24.01 -11.11
NAO 2J9 BA . 30.25 24.34 -9.89
CAI 2J9 BA . 31.42 25.35 -9.98
NAJ 2J9 BA . 32.58 25.03 -9.14
SAP 2J9 BA . 32.09 24.81 -7.63
OAA 2J9 BA . 31.51 26.23 -7.03
OAB 2J9 BA . 33.26 24.21 -6.66
CAM 2J9 BA . 30.84 23.64 -7.56
CAL 2J9 BA . 30.04 23.47 -8.64
CAE 2J9 BA . 29.00 22.51 -8.57
CAD 2J9 BA . 28.83 21.75 -7.43
CAK 2J9 BA . 29.67 21.91 -6.35
FAC 2J9 BA . 29.49 21.14 -5.23
CAF 2J9 BA . 30.67 22.86 -6.40
NA NA CA . -38.38 2.76 -10.68
NA NA DA . 43.17 30.67 -5.62
O1 DNQ EA . 36.92 6.94 -15.21
O2 DNQ EA . 37.00 9.78 -15.35
C1 DNQ EA . 36.01 7.64 -16.04
C2 DNQ EA . 36.06 9.05 -16.11
N1 DNQ EA . 35.13 6.98 -16.76
N2 DNQ EA . 35.22 9.71 -16.89
C3 DNQ EA . 34.25 7.65 -17.57
C4 DNQ EA . 34.31 9.01 -17.62
C5 DNQ EA . 33.29 6.96 -18.37
C6 DNQ EA . 33.42 9.75 -18.46
C7 DNQ EA . 32.42 7.68 -19.16
C8 DNQ EA . 32.49 9.08 -19.21
N3 DNQ EA . 31.43 6.97 -19.98
N4 DNQ EA . 31.58 9.83 -20.05
O3 DNQ EA . 31.38 7.18 -21.38
O4 DNQ EA . 30.48 9.19 -20.65
O5 DNQ EA . 30.50 6.04 -19.36
O6 DNQ EA . 31.79 11.17 -20.27
N POV FA . -11.00 -4.47 -25.36
P POV FA . -14.16 -5.81 -27.48
C1 POV FA . -16.19 -6.44 -29.07
C2 POV FA . -17.55 -7.10 -28.77
C3 POV FA . -18.36 -6.26 -27.79
C210 POV FA . -26.12 -8.34 -22.18
C310 POV FA . -29.74 -5.70 -23.84
C11 POV FA . -12.07 -4.24 -27.73
O11 POV FA . -15.76 -5.73 -27.91
C211 POV FA . -27.31 -7.51 -21.67
C311 POV FA . -31.05 -6.33 -23.32
C12 POV FA . -11.39 -3.56 -26.50
O12 POV FA . -13.47 -4.29 -27.54
C212 POV FA . -26.84 -6.38 -20.72
C312 POV FA . -31.02 -7.87 -23.28
C13 POV FA . -10.72 -5.85 -25.81
O13 POV FA . -13.43 -6.72 -28.44
C213 POV FA . -26.83 -6.79 -19.22
C313 POV FA . -31.43 -8.49 -24.64
C14 POV FA . -11.92 -4.57 -24.20
O14 POV FA . -14.04 -6.34 -26.07
C214 POV FA . -27.13 -5.60 -18.29
C314 POV FA . -32.76 -9.26 -24.55
C15 POV FA . -9.75 -3.91 -24.81
C215 POV FA . -26.83 -5.89 -16.80
C315 POV FA . -33.69 -8.97 -25.75
C216 POV FA . -25.37 -5.50 -16.43
C316 POV FA . -35.14 -9.44 -25.50
C217 POV FA . -25.09 -4.01 -16.68
C218 POV FA . -24.86 -3.22 -15.38
C21 POV FA . -17.05 -8.77 -26.97
O21 POV FA . -17.34 -8.44 -28.34
C22 POV FA . -17.85 -9.91 -26.29
O22 POV FA . -16.19 -8.23 -26.35
C23 POV FA . -18.19 -9.60 -24.82
C24 POV FA . -19.70 -9.81 -24.53
C25 POV FA . -20.54 -8.56 -24.91
C26 POV FA . -22.04 -8.88 -25.08
C27 POV FA . -22.95 -7.92 -24.26
C28 POV FA . -24.08 -8.70 -23.56
C29 POV FA . -25.25 -7.82 -23.06
C31 POV FA . -20.54 -5.36 -27.67
O31 POV FA . -19.74 -6.44 -28.06
C32 POV FA . -21.97 -5.61 -27.13
O32 POV FA . -20.13 -4.25 -27.76
C33 POV FA . -22.70 -4.30 -26.72
C34 POV FA . -23.74 -4.54 -25.58
C35 POV FA . -25.15 -4.88 -26.11
C36 POV FA . -26.21 -3.86 -25.64
C37 POV FA . -27.65 -4.42 -25.61
C38 POV FA . -28.58 -3.57 -24.71
C39 POV FA . -29.94 -4.26 -24.41
N POV GA . -11.63 -7.89 -32.18
P POV GA . -15.67 -4.81 -32.66
C1 POV GA . -18.28 -4.34 -32.82
C2 POV GA . -19.26 -5.51 -32.97
C3 POV GA . -20.66 -5.10 -32.46
C210 POV GA . -28.16 -7.23 -28.23
C310 POV GA . -32.11 -4.25 -27.76
C11 POV GA . -13.74 -6.50 -31.99
O11 POV GA . -17.20 -4.81 -32.02
C211 POV GA . -28.85 -8.61 -28.21
C311 POV GA . -32.79 -3.34 -26.70
C12 POV GA . -13.03 -7.70 -32.68
O12 POV GA . -15.03 -6.35 -32.55
C212 POV GA . -30.40 -8.48 -28.21
C312 POV GA . -33.94 -4.07 -25.95
C13 POV GA . -10.87 -6.67 -32.53
O13 POV GA . -15.73 -4.38 -34.11
C213 POV GA . -30.93 -7.81 -29.50
C313 POV GA . -35.08 -4.51 -26.90
C14 POV GA . -11.41 -8.12 -30.73
O14 POV GA . -14.79 -3.85 -31.89
C214 POV GA . -32.47 -7.57 -29.48
C314 POV GA . -36.45 -4.65 -26.18
C15 POV GA . -11.09 -9.07 -32.87
C215 POV GA . -32.91 -6.54 -30.55
C315 POV GA . -37.45 -5.50 -26.98
C216 POV GA . -34.26 -6.89 -31.22
C316 POV GA . -38.85 -5.48 -26.35
C217 POV GA . -34.45 -6.19 -32.57
C218 POV GA . -35.36 -6.98 -33.52
C21 POV GA . -19.33 -7.87 -32.62
O21 POV GA . -18.79 -6.61 -32.24
C22 POV GA . -19.30 -9.04 -31.60
O22 POV GA . -19.78 -8.03 -33.71
C23 POV GA . -20.72 -9.60 -31.32
C24 POV GA . -21.04 -9.72 -29.81
C25 POV GA . -22.02 -8.60 -29.34
C26 POV GA . -23.48 -9.11 -29.16
C27 POV GA . -24.47 -7.92 -29.03
C28 POV GA . -25.92 -8.35 -28.68
C29 POV GA . -26.83 -7.12 -28.44
C31 POV GA . -21.60 -3.23 -31.41
O31 POV GA . -20.53 -4.16 -31.42
C32 POV GA . -22.87 -3.55 -30.60
O32 POV GA . -21.52 -2.22 -32.02
C33 POV GA . -24.13 -2.97 -31.28
C34 POV GA . -25.38 -3.87 -31.06
C35 POV GA . -26.63 -3.07 -30.65
C36 POV GA . -27.89 -3.97 -30.63
C37 POV GA . -29.17 -3.22 -30.15
C38 POV GA . -30.18 -4.18 -29.47
C39 POV GA . -31.44 -3.46 -28.92
N POV HA . -9.50 8.62 -28.72
P POV HA . -13.77 7.45 -29.85
C1 POV HA . -16.34 7.05 -30.33
C2 POV HA . -17.66 7.80 -30.13
C3 POV HA . -18.70 7.26 -31.10
C210 POV HA . -25.76 9.41 -30.59
C310 POV HA . -24.81 2.28 -37.61
C11 POV HA . -11.61 8.98 -30.01
O11 POV HA . -15.37 7.67 -29.50
C211 POV HA . -27.25 9.73 -30.29
C311 POV HA . -24.30 0.82 -37.56
C12 POV HA . -10.70 9.50 -28.86
O12 POV HA . -12.93 8.84 -29.49
C212 POV HA . -27.99 10.32 -31.52
C312 POV HA . -25.45 -0.19 -37.28
C13 POV HA . -8.78 9.07 -27.51
O13 POV HA . -13.62 7.13 -31.33
C213 POV HA . -27.40 9.83 -32.87
C313 POV HA . -24.93 -1.47 -36.55
C14 POV HA . -9.69 7.15 -28.58
O14 POV HA . -13.23 6.29 -29.03
C214 POV HA . -28.49 9.34 -33.85
C314 POV HA . -25.91 -2.65 -36.71
C15 POV HA . -8.65 8.82 -29.92
C215 POV HA . -27.89 8.68 -35.11
C315 POV HA . -27.33 -2.33 -36.19
C216 POV HA . -28.93 7.84 -35.87
C316 POV HA . -28.40 -2.49 -37.28
C217 POV HA . -30.20 8.65 -36.21
C218 POV HA . -31.10 7.94 -37.25
C21 POV HA . -17.89 10.02 -29.34
O21 POV HA . -17.46 9.16 -30.39
C22 POV HA . -18.09 11.52 -29.59
O22 POV HA . -18.09 9.58 -28.25
C23 POV HA . -19.50 11.97 -29.14
C24 POV HA . -20.62 11.17 -29.87
C25 POV HA . -21.77 12.11 -30.32
C26 POV HA . -22.72 12.45 -29.15
C27 POV HA . -24.18 12.66 -29.63
C28 POV HA . -25.10 11.46 -29.30
C29 POV HA . -24.78 10.20 -30.14
C31 POV HA . -20.71 7.98 -32.10
O31 POV HA . -19.44 8.35 -31.64
C32 POV HA . -20.86 6.81 -33.08
O32 POV HA . -21.68 8.58 -31.73
C33 POV HA . -20.31 7.14 -34.50
C34 POV HA . -19.22 6.13 -34.97
C35 POV HA . -19.74 4.70 -35.20
C36 POV HA . -21.04 4.65 -36.05
C37 POV HA . -22.22 4.03 -35.25
C38 POV HA . -22.87 2.84 -36.00
C39 POV HA . -23.72 3.31 -37.21
N POV IA . -52.73 -4.87 -29.93
P POV IA . -48.46 -6.03 -31.27
C1 POV IA . -46.21 -5.78 -32.67
C2 POV IA . -45.66 -6.33 -33.99
C3 POV IA . -45.63 -7.86 -33.90
C210 POV IA . -35.28 -4.90 -38.77
C310 POV IA . -41.84 -9.77 -31.26
C11 POV IA . -50.88 -5.02 -31.62
O11 POV IA . -47.31 -6.60 -32.32
C211 POV IA . -34.87 -6.09 -37.87
C311 POV IA . -40.56 -10.45 -30.73
C12 POV IA . -52.02 -5.79 -30.88
O12 POV IA . -49.93 -5.98 -32.05
C212 POV IA . -33.36 -6.44 -37.99
C312 POV IA . -39.87 -9.61 -29.62
C13 POV IA . -53.54 -3.94 -30.76
O13 POV IA . -48.08 -4.64 -30.80
C213 POV IA . -33.01 -7.73 -37.19
C313 POV IA . -38.44 -10.12 -29.31
C14 POV IA . -51.94 -4.04 -28.99
O14 POV IA . -48.56 -6.96 -30.09
C214 POV IA . -31.57 -7.68 -36.62
C314 POV IA . -37.35 -9.14 -29.79
C15 POV IA . -53.60 -5.72 -29.10
C215 POV IA . -31.41 -8.55 -35.35
C315 POV IA . -35.97 -9.48 -29.18
C216 POV IA . -29.99 -8.46 -34.76
C316 POV IA . -35.40 -10.81 -29.72
C217 POV IA . -29.97 -7.77 -33.38
C218 POV IA . -28.58 -7.20 -33.03
C21 POV IA . -43.93 -5.94 -35.54
O21 POV IA . -44.35 -5.87 -34.18
C22 POV IA . -42.44 -6.12 -35.87
O22 POV IA . -44.71 -5.84 -36.42
C23 POV IA . -42.26 -6.59 -37.33
C24 POV IA . -41.82 -5.43 -38.24
C25 POV IA . -40.90 -5.93 -39.40
C26 POV IA . -39.76 -6.85 -38.88
C27 POV IA . -38.52 -6.02 -38.45
C28 POV IA . -37.35 -6.19 -39.47
C29 POV IA . -36.42 -4.95 -39.50
C31 POV IA . -47.42 -8.83 -35.13
O31 POV IA . -46.08 -8.40 -35.13
C32 POV IA . -47.84 -10.04 -34.26
O32 POV IA . -48.22 -8.27 -35.80
C33 POV IA . -46.99 -11.29 -34.54
C34 POV IA . -46.72 -12.13 -33.27
C35 POV IA . -45.42 -12.97 -33.37
C36 POV IA . -44.73 -13.15 -31.99
C37 POV IA . -43.19 -13.29 -32.13
C38 POV IA . -42.49 -11.95 -32.47
C39 POV IA . -42.97 -10.79 -31.56
C1 NAG JA . 9.89 6.38 -30.05
C2 NAG JA . 10.37 7.78 -30.52
C3 NAG JA . 11.46 7.68 -31.59
C4 NAG JA . 12.43 6.55 -31.28
C5 NAG JA . 11.70 5.22 -31.40
C6 NAG JA . 12.29 4.14 -30.52
C7 NAG JA . 8.47 9.31 -30.20
C8 NAG JA . 7.38 10.07 -30.88
N2 NAG JA . 9.26 8.58 -31.01
O3 NAG JA . 12.16 8.92 -31.65
O4 NAG JA . 13.53 6.58 -32.18
O5 NAG JA . 10.30 5.35 -31.05
O6 NAG JA . 12.88 3.11 -31.29
O7 NAG JA . 8.64 9.36 -28.99
N POV KA . -19.53 -20.86 -0.24
P POV KA . -23.31 -21.97 1.03
C1 POV KA . -25.65 -21.79 2.28
C2 POV KA . -26.30 -20.45 2.62
C3 POV KA . -26.84 -19.87 1.31
C210 POV KA . -33.35 -12.20 0.38
C310 POV KA . -35.81 -14.47 -3.22
C11 POV KA . -21.22 -20.43 1.63
O11 POV KA . -24.91 -21.60 1.06
C211 POV KA . -33.55 -10.69 0.55
C311 POV KA . -36.36 -13.17 -3.84
C12 POV KA . -20.19 -21.41 0.99
O12 POV KA . -22.44 -20.56 0.92
C212 POV KA . -32.91 -9.92 -0.63
C312 POV KA . -37.46 -12.56 -2.95
C13 POV KA . -18.09 -21.15 -0.08
O13 POV KA . -23.03 -22.84 -0.18
C213 POV KA . -31.72 -9.05 -0.19
C313 POV KA . -36.94 -12.34 -1.51
C14 POV KA . -19.62 -19.42 -0.58
O14 POV KA . -22.92 -22.72 2.29
C214 POV KA . -31.73 -7.68 -0.91
C314 POV KA . -37.72 -11.25 -0.75
C15 POV KA . -20.11 -21.60 -1.38
C215 POV KA . -30.71 -6.67 -0.33
C315 POV KA . -38.46 -11.78 0.49
C216 POV KA . -29.24 -6.95 -0.74
C316 POV KA . -39.00 -13.22 0.36
C217 POV KA . -29.12 -7.36 -2.22
C218 POV KA . -28.54 -6.24 -3.12
C21 POV KA . -25.69 -18.40 3.80
O21 POV KA . -25.31 -19.62 3.16
C22 POV KA . -27.03 -18.24 4.57
O22 POV KA . -24.94 -17.48 3.75
C23 POV KA . -27.81 -16.96 4.14
C24 POV KA . -28.86 -17.26 3.04
C25 POV KA . -29.73 -16.03 2.71
C26 POV KA . -30.36 -16.09 1.29
C27 POV KA . -30.45 -14.70 0.62
C28 POV KA . -31.93 -14.26 0.40
C29 POV KA . -32.13 -12.73 0.58
C31 POV KA . -28.66 -20.30 -0.17
O31 POV KA . -27.65 -20.84 0.65
C32 POV KA . -28.43 -18.96 -0.92
O32 POV KA . -29.69 -20.87 -0.31
C33 POV KA . -29.70 -18.60 -1.73
C34 POV KA . -29.71 -17.12 -2.19
C35 POV KA . -31.11 -16.62 -2.58
C36 POV KA . -32.25 -17.29 -1.76
C37 POV KA . -33.61 -16.58 -1.92
C38 POV KA . -33.88 -16.09 -3.35
C39 POV KA . -34.29 -14.60 -3.36
N POV LA . -23.95 -27.10 -8.61
P POV LA . -25.98 -26.70 -3.85
C1 POV LA . -27.43 -24.76 -2.80
C2 POV LA . -28.89 -24.39 -2.48
C3 POV LA . -29.53 -23.69 -3.68
C210 POV LA . -35.59 -18.54 0.39
C310 POV LA . -39.52 -15.47 -4.06
C11 POV LA . -24.83 -26.86 -6.25
O11 POV LA . -27.42 -26.08 -3.32
C211 POV LA . -35.86 -17.18 1.06
C311 POV LA . -40.14 -14.31 -4.87
C12 POV LA . -25.19 -27.03 -7.76
O12 POV LA . -26.04 -26.83 -5.52
C212 POV LA . -37.13 -16.44 0.52
C312 POV LA . -41.01 -13.37 -4.00
C13 POV LA . -24.38 -26.92 -10.01
O13 POV LA . -24.84 -25.78 -3.46
C213 POV LA . -37.86 -17.22 -0.62
C313 POV LA . -42.51 -13.50 -4.37
C14 POV LA . -22.85 -26.13 -8.37
O14 POV LA . -25.76 -28.07 -3.25
C214 POV LA . -39.39 -16.99 -0.60
C314 POV LA . -43.39 -12.35 -3.85
C15 POV LA . -23.38 -28.44 -8.40
C215 POV LA . -40.16 -18.23 -1.11
C315 POV LA . -44.77 -12.86 -3.41
C216 POV LA . -41.68 -17.98 -1.23
C316 POV LA . -45.90 -11.87 -3.77
C217 POV LA . -42.21 -18.24 -2.65
C218 POV LA . -43.28 -19.36 -2.66
C21 POV LA . -29.70 -23.98 -0.31
O21 POV LA . -28.92 -23.52 -1.38
C22 POV LA . -29.17 -23.91 1.15
O22 POV LA . -30.79 -24.43 -0.52
C23 POV LA . -30.24 -23.41 2.15
C24 POV LA . -29.81 -22.14 2.91
C25 POV LA . -31.01 -21.31 3.41
C26 POV LA . -31.78 -20.61 2.24
C27 POV LA . -33.02 -19.82 2.76
C28 POV LA . -33.49 -18.72 1.77
C29 POV LA . -34.49 -19.26 0.72
C31 POV LA . -31.44 -22.30 -3.58
O31 POV LA . -30.10 -22.49 -3.22
C32 POV LA . -32.33 -21.30 -2.80
O32 POV LA . -31.91 -22.90 -4.49
C33 POV LA . -33.81 -21.40 -3.22
C34 POV LA . -34.15 -20.41 -4.37
C35 POV LA . -35.62 -20.53 -4.82
C36 POV LA . -36.55 -19.55 -4.06
C37 POV LA . -37.28 -18.59 -5.02
C38 POV LA . -38.40 -17.77 -4.32
C39 POV LA . -38.54 -16.34 -4.88
N POV MA . -57.00 -12.76 -5.11
P POV MA . -54.64 -16.39 -5.10
C1 POV MA . -54.44 -19.06 -4.92
C2 POV MA . -54.45 -19.88 -3.62
C3 POV MA . -53.84 -19.07 -2.47
C210 POV MA . -45.91 -27.35 -4.42
C310 POV MA . -46.19 -16.21 -0.20
C11 POV MA . -56.24 -14.82 -3.75
O11 POV MA . -55.24 -17.90 -4.68
C211 POV MA . -44.84 -26.26 -4.67
C311 POV MA . -44.84 -15.85 -0.86
C12 POV MA . -56.22 -13.27 -3.92
O12 POV MA . -54.91 -15.33 -3.85
C212 POV MA . -43.40 -26.79 -4.42
C312 POV MA . -43.81 -15.31 0.16
C13 POV MA . -58.25 -13.54 -5.31
O13 POV MA . -55.36 -15.86 -6.32
C213 POV MA . -42.76 -26.36 -3.07
C313 POV MA . -42.73 -14.44 -0.52
C14 POV MA . -56.34 -12.68 -6.43
O14 POV MA . -53.16 -16.48 -5.38
C214 POV MA . -43.75 -25.69 -2.05
C314 POV MA . -42.84 -12.97 -0.08
C15 POV MA . -57.36 -11.36 -4.77
C215 POV MA . -43.43 -24.21 -1.81
C315 POV MA . -42.56 -12.82 1.42
C216 POV MA . -42.87 -23.94 -0.39
C316 POV MA . -41.96 -11.46 1.78
C217 POV MA . -41.34 -23.82 -0.37
C218 POV MA . -40.63 -25.17 -0.05
C21 POV MA . -52.56 -21.25 -4.47
O21 POV MA . -53.77 -21.13 -3.74
C22 POV MA . -52.42 -22.41 -5.49
O22 POV MA . -51.62 -20.52 -4.32
C23 POV MA . -51.17 -23.26 -5.21
C24 POV MA . -51.06 -23.70 -3.74
C25 POV MA . -49.85 -23.05 -3.03
C26 POV MA . -48.53 -23.38 -3.77
C27 POV MA . -48.06 -24.83 -3.46
C28 POV MA . -47.71 -25.62 -4.75
C29 POV MA . -47.22 -27.06 -4.45
C31 POV MA . -51.74 -18.01 -2.22
O31 POV MA . -52.86 -18.22 -3.03
C32 POV MA . -51.21 -16.57 -2.06
O32 POV MA . -51.19 -18.92 -1.68
C33 POV MA . -52.34 -15.61 -1.64
C34 POV MA . -52.42 -15.45 -0.10
C35 POV MA . -51.16 -14.77 0.45
C36 POV MA . -50.34 -15.68 1.42
C37 POV MA . -49.02 -15.00 1.82
C38 POV MA . -48.13 -14.73 0.58
C39 POV MA . -46.66 -15.16 0.83
NA NA NA . 45.69 16.45 -6.05
CL CL OA . 40.90 22.56 -5.90
CAG 2J9 PA . 15.10 -26.55 23.73
CAH 2J9 PA . 15.64 -27.04 24.90
CAN 2J9 PA . 16.35 -27.15 23.71
NAO 2J9 PA . 17.54 -27.60 23.02
CAI 2J9 PA . 18.37 -28.72 23.66
NAJ 2J9 PA . 19.82 -28.55 23.55
SAP 2J9 PA . 20.24 -28.30 22.03
OAA 2J9 PA . 19.93 -29.69 21.19
OAB 2J9 PA . 21.81 -27.87 21.86
CAM 2J9 PA . 19.31 -27.02 21.33
CAL 2J9 PA . 18.09 -26.76 21.83
CAE 2J9 PA . 17.34 -25.72 21.26
CAD 2J9 PA . 17.85 -24.97 20.20
CAK 2J9 PA . 19.10 -25.25 19.70
FAC 2J9 PA . 19.60 -24.53 18.67
CAF 2J9 PA . 19.85 -26.27 20.26
CAG 2J9 QA . 21.62 -18.47 16.59
CAH 2J9 QA . 22.85 -18.96 16.19
CAN 2J9 QA . 22.53 -18.93 17.54
NAO 2J9 QA . 22.90 -19.18 18.92
CAI 2J9 QA . 24.37 -19.01 19.33
NAJ 2J9 QA . 24.85 -19.99 20.30
SAP 2J9 QA . 23.89 -19.99 21.58
OAA 2J9 QA . 24.00 -18.50 22.30
OAB 2J9 QA . 24.28 -21.17 22.67
CAM 2J9 QA . 22.27 -20.25 21.11
CAL 2J9 QA . 21.88 -19.84 19.88
CAE 2J9 QA . 20.53 -20.05 19.47
CAD 2J9 QA . 19.63 -20.66 20.35
CAK 2J9 QA . 20.05 -21.06 21.60
FAC 2J9 QA . 19.18 -21.66 22.46
CAF 2J9 QA . 21.37 -20.86 21.99
O1 DNQ RA . 20.56 -36.90 10.89
O2 DNQ RA . 22.11 -34.65 11.61
C1 DNQ RA . 20.45 -35.70 10.15
C2 DNQ RA . 21.23 -34.59 10.51
N1 DNQ RA . 19.62 -35.63 9.13
N2 DNQ RA . 21.13 -33.46 9.82
C3 DNQ RA . 19.51 -34.46 8.41
C4 DNQ RA . 20.28 -33.39 8.76
C5 DNQ RA . 18.62 -34.35 7.29
C6 DNQ RA . 20.19 -32.16 8.04
C7 DNQ RA . 18.54 -33.16 6.60
C8 DNQ RA . 19.33 -32.06 6.98
N3 DNQ RA . 17.64 -33.03 5.46
N4 DNQ RA . 19.23 -30.82 6.24
O3 DNQ RA . 17.48 -34.11 4.57
O4 DNQ RA . 19.47 -30.83 4.86
O5 DNQ RA . 16.91 -31.80 5.26
O6 DNQ RA . 18.91 -29.65 6.87
N POV SA . -16.27 -23.36 -12.21
P POV SA . -21.31 -23.90 -12.25
C1 POV SA . -23.55 -22.49 -12.06
C2 POV SA . -24.65 -22.24 -13.11
C3 POV SA . -25.91 -22.99 -12.69
C210 POV SA . -33.29 -20.02 -16.73
C310 POV SA . -31.60 -26.69 -6.72
C11 POV SA . -18.67 -24.14 -12.37
O11 POV SA . -22.35 -22.71 -12.78
C211 POV SA . -33.93 -20.67 -17.98
C311 POV SA . -32.71 -27.36 -5.87
C12 POV SA . -17.47 -23.47 -13.11
O12 POV SA . -19.86 -23.75 -13.04
C212 POV SA . -35.05 -21.68 -17.60
C312 POV SA . -33.26 -26.39 -4.79
C13 POV SA . -15.39 -22.33 -12.83
O13 POV SA . -21.91 -25.26 -12.55
C213 POV SA . -34.65 -23.16 -17.89
C313 POV SA . -34.80 -26.51 -4.59
C14 POV SA . -16.45 -22.96 -10.80
O14 POV SA . -21.10 -23.75 -10.76
C214 POV SA . -34.06 -23.89 -16.66
C314 POV SA . -35.58 -26.77 -5.90
C15 POV SA . -15.62 -24.68 -12.21
C215 POV SA . -35.02 -23.93 -15.45
C315 POV SA . -36.50 -25.60 -6.30
C216 POV SA . -36.37 -24.62 -15.76
C316 POV SA . -37.32 -25.05 -5.11
C217 POV SA . -37.57 -23.67 -15.63
C218 POV SA . -38.82 -24.20 -16.36
C21 POV SA . -24.36 -21.77 -15.39
O21 POV SA . -24.24 -22.73 -14.35
C22 POV SA . -24.95 -22.21 -16.75
O22 POV SA . -24.03 -20.66 -15.22
C23 POV SA . -25.28 -20.98 -17.63
C24 POV SA . -26.77 -20.59 -17.54
C25 POV SA . -27.26 -19.90 -18.84
C26 POV SA . -28.80 -19.92 -19.00
C27 POV SA . -29.57 -19.91 -17.66
C28 POV SA . -31.06 -20.29 -17.86
C29 POV SA . -31.95 -19.85 -16.68
C31 POV SA . -27.79 -23.97 -13.75
O31 POV SA . -26.39 -23.77 -13.77
C32 POV SA . -28.38 -25.23 -13.08
O32 POV SA . -28.51 -23.19 -14.28
C33 POV SA . -28.82 -24.98 -11.61
C34 POV SA . -29.07 -26.29 -10.82
C35 POV SA . -30.41 -26.93 -11.21
C36 POV SA . -31.60 -25.97 -10.97
C37 POV SA . -32.88 -26.69 -10.45
C38 POV SA . -32.72 -27.20 -9.00
C39 POV SA . -32.16 -26.11 -8.05
NA NA TA . 29.77 -35.74 25.73
#